data_6YEK
# 
_entry.id   6YEK 
# 
_audit_conform.dict_name       mmcif_pdbx.dic 
_audit_conform.dict_version    5.383 
_audit_conform.dict_location   http://mmcif.pdb.org/dictionaries/ascii/mmcif_pdbx.dic 
# 
loop_
_database_2.database_id 
_database_2.database_code 
_database_2.pdbx_database_accession 
_database_2.pdbx_DOI 
PDB   6YEK         pdb_00006yek 10.2210/pdb6yek/pdb 
WWPDB D_1292107493 ?            ?                   
# 
loop_
_pdbx_audit_revision_history.ordinal 
_pdbx_audit_revision_history.data_content_type 
_pdbx_audit_revision_history.major_revision 
_pdbx_audit_revision_history.minor_revision 
_pdbx_audit_revision_history.revision_date 
1 'Structure model' 1 0 2021-03-03 
2 'Structure model' 1 1 2024-01-24 
# 
_pdbx_audit_revision_details.ordinal             1 
_pdbx_audit_revision_details.revision_ordinal    1 
_pdbx_audit_revision_details.data_content_type   'Structure model' 
_pdbx_audit_revision_details.provider            repository 
_pdbx_audit_revision_details.type                'Initial release' 
_pdbx_audit_revision_details.description         ? 
_pdbx_audit_revision_details.details             ? 
# 
loop_
_pdbx_audit_revision_group.ordinal 
_pdbx_audit_revision_group.revision_ordinal 
_pdbx_audit_revision_group.data_content_type 
_pdbx_audit_revision_group.group 
1 2 'Structure model' 'Data collection'        
2 2 'Structure model' 'Database references'    
3 2 'Structure model' 'Refinement description' 
# 
loop_
_pdbx_audit_revision_category.ordinal 
_pdbx_audit_revision_category.revision_ordinal 
_pdbx_audit_revision_category.data_content_type 
_pdbx_audit_revision_category.category 
1 2 'Structure model' chem_comp_atom                
2 2 'Structure model' chem_comp_bond                
3 2 'Structure model' database_2                    
4 2 'Structure model' pdbx_initial_refinement_model 
# 
loop_
_pdbx_audit_revision_item.ordinal 
_pdbx_audit_revision_item.revision_ordinal 
_pdbx_audit_revision_item.data_content_type 
_pdbx_audit_revision_item.item 
1 2 'Structure model' '_database_2.pdbx_DOI'                
2 2 'Structure model' '_database_2.pdbx_database_accession' 
# 
_pdbx_database_status.status_code                     REL 
_pdbx_database_status.status_code_sf                  REL 
_pdbx_database_status.status_code_mr                  ? 
_pdbx_database_status.entry_id                        6YEK 
_pdbx_database_status.recvd_initial_deposition_date   2020-03-25 
_pdbx_database_status.SG_entry                        N 
_pdbx_database_status.deposit_site                    PDBE 
_pdbx_database_status.process_site                    PDBE 
_pdbx_database_status.status_code_cs                  ? 
_pdbx_database_status.status_code_nmr_data            ? 
_pdbx_database_status.methods_development_category    ? 
_pdbx_database_status.pdb_format_compatible           Y 
# 
_pdbx_database_related.db_name        PDB 
_pdbx_database_related.details        'Crystal structure of NEMO in complex with Ubv-LIN' 
_pdbx_database_related.db_id          6XX0 
_pdbx_database_related.content_type   unspecified 
# 
loop_
_audit_author.name 
_audit_author.pdbx_ordinal 
_audit_author.identifier_ORCID 
'Garcia-Pardo, J.' 1 0000-0001-9179-6371 
'Akutsu, M.'       2 0000-0002-9839-3345 
'Busse, P.'        3 0000-0001-8728-017X 
'Skenderovic, A.'  4 ?                   
'Maculins, T.'     5 0000-0002-9333-301X 
'Dikic, I.'        6 0000-0001-8156-9511 
# 
_citation.abstract                  ? 
_citation.abstract_id_CAS           ? 
_citation.book_id_ISBN              ? 
_citation.book_publisher            ? 
_citation.book_publisher_city       ? 
_citation.book_title                ? 
_citation.coordinate_linkage        ? 
_citation.country                   US 
_citation.database_id_Medline       ? 
_citation.details                   ? 
_citation.id                        primary 
_citation.journal_abbrev            'Cell Chem Biol' 
_citation.journal_id_ASTM           ? 
_citation.journal_id_CSD            ? 
_citation.journal_id_ISSN           2451-9456 
_citation.journal_full              ? 
_citation.journal_issue             ? 
_citation.journal_volume            27 
_citation.language                  ? 
_citation.page_first                1441 
_citation.page_last                 1451.e7 
_citation.title                     
'Discovery of Protein-Protein Interaction Inhibitors by Integrating Protein Engineering and Chemical Screening Platforms.' 
_citation.year                      2020 
_citation.database_id_CSD           ? 
_citation.pdbx_database_id_DOI      10.1016/j.chembiol.2020.07.010 
_citation.pdbx_database_id_PubMed   32726587 
_citation.unpublished_flag          ? 
# 
loop_
_citation_author.citation_id 
_citation_author.name 
_citation_author.ordinal 
_citation_author.identifier_ORCID 
primary 'Maculins, T.'     1  ? 
primary 'Garcia-Pardo, J.' 2  ? 
primary 'Skenderovic, A.'  3  ? 
primary 'Gebel, J.'        4  ? 
primary 'Putyrski, M.'     5  ? 
primary 'Vorobyov, A.'     6  ? 
primary 'Busse, P.'        7  ? 
primary 'Varga, G.'        8  ? 
primary 'Kuzikov, M.'      9  ? 
primary 'Zaliani, A.'      10 ? 
primary 'Rahighi, S.'      11 ? 
primary 'Schaeffer, V.'    12 ? 
primary 'Parnham, M.J.'    13 ? 
primary 'Sidhu, S.S.'      14 ? 
primary 'Ernst, A.'        15 ? 
primary 'Dotsch, V.'       16 ? 
primary 'Akutsu, M.'       17 ? 
primary 'Dikic, I.'        18 ? 
# 
loop_
_entity.id 
_entity.type 
_entity.src_method 
_entity.pdbx_description 
_entity.formula_weight 
_entity.pdbx_number_of_molecules 
_entity.pdbx_ec 
_entity.pdbx_mutation 
_entity.pdbx_fragment 
_entity.details 
1 polymer man 'Inhibitor of kappa light polypeptide gene enhancer in B-cells, kinase gamma, isoform CRA_b' 10331.796 2  ? ? ? ? 
2 water   nat water                                                                                        18.015    45 ? ? ? ? 
# 
_entity_poly.entity_id                      1 
_entity_poly.type                           'polypeptide(L)' 
_entity_poly.nstd_linkage                   no 
_entity_poly.nstd_monomer                   no 
_entity_poly.pdbx_seq_one_letter_code       
;GPMQLEDLKQQLQQAEEALVAKQEVIDKLKEEAAQHAIVMETVPVLKAQADIYKADFQAERQAREKLAEKKELLQEQLEQ
LQREYSKLK
;
_entity_poly.pdbx_seq_one_letter_code_can   
;GPMQLEDLKQQLQQAEEALVAKQEVIDKLKEEAAQHAIVMETVPVLKAQADIYKADFQAERQAREKLAEKKELLQEQLEQ
LQREYSKLK
;
_entity_poly.pdbx_strand_id                 A,B 
_entity_poly.pdbx_target_identifier         ? 
# 
_pdbx_entity_nonpoly.entity_id   2 
_pdbx_entity_nonpoly.name        water 
_pdbx_entity_nonpoly.comp_id     HOH 
# 
loop_
_entity_poly_seq.entity_id 
_entity_poly_seq.num 
_entity_poly_seq.mon_id 
_entity_poly_seq.hetero 
1 1  GLY n 
1 2  PRO n 
1 3  MET n 
1 4  GLN n 
1 5  LEU n 
1 6  GLU n 
1 7  ASP n 
1 8  LEU n 
1 9  LYS n 
1 10 GLN n 
1 11 GLN n 
1 12 LEU n 
1 13 GLN n 
1 14 GLN n 
1 15 ALA n 
1 16 GLU n 
1 17 GLU n 
1 18 ALA n 
1 19 LEU n 
1 20 VAL n 
1 21 ALA n 
1 22 LYS n 
1 23 GLN n 
1 24 GLU n 
1 25 VAL n 
1 26 ILE n 
1 27 ASP n 
1 28 LYS n 
1 29 LEU n 
1 30 LYS n 
1 31 GLU n 
1 32 GLU n 
1 33 ALA n 
1 34 ALA n 
1 35 GLN n 
1 36 HIS n 
1 37 ALA n 
1 38 ILE n 
1 39 VAL n 
1 40 MET n 
1 41 GLU n 
1 42 THR n 
1 43 VAL n 
1 44 PRO n 
1 45 VAL n 
1 46 LEU n 
1 47 LYS n 
1 48 ALA n 
1 49 GLN n 
1 50 ALA n 
1 51 ASP n 
1 52 ILE n 
1 53 TYR n 
1 54 LYS n 
1 55 ALA n 
1 56 ASP n 
1 57 PHE n 
1 58 GLN n 
1 59 ALA n 
1 60 GLU n 
1 61 ARG n 
1 62 GLN n 
1 63 ALA n 
1 64 ARG n 
1 65 GLU n 
1 66 LYS n 
1 67 LEU n 
1 68 ALA n 
1 69 GLU n 
1 70 LYS n 
1 71 LYS n 
1 72 GLU n 
1 73 LEU n 
1 74 LEU n 
1 75 GLN n 
1 76 GLU n 
1 77 GLN n 
1 78 LEU n 
1 79 GLU n 
1 80 GLN n 
1 81 LEU n 
1 82 GLN n 
1 83 ARG n 
1 84 GLU n 
1 85 TYR n 
1 86 SER n 
1 87 LYS n 
1 88 LEU n 
1 89 LYS n 
# 
_entity_src_gen.entity_id                          1 
_entity_src_gen.pdbx_src_id                        1 
_entity_src_gen.pdbx_alt_source_flag               sample 
_entity_src_gen.pdbx_seq_type                      'Biological sequence' 
_entity_src_gen.pdbx_beg_seq_num                   1 
_entity_src_gen.pdbx_end_seq_num                   89 
_entity_src_gen.gene_src_common_name               Human 
_entity_src_gen.gene_src_genus                     ? 
_entity_src_gen.pdbx_gene_src_gene                 'IKBKG, hCG_2003089' 
_entity_src_gen.gene_src_species                   ? 
_entity_src_gen.gene_src_strain                    ? 
_entity_src_gen.gene_src_tissue                    ? 
_entity_src_gen.gene_src_tissue_fraction           ? 
_entity_src_gen.gene_src_details                   ? 
_entity_src_gen.pdbx_gene_src_fragment             ? 
_entity_src_gen.pdbx_gene_src_scientific_name      'Homo sapiens' 
_entity_src_gen.pdbx_gene_src_ncbi_taxonomy_id     9606 
_entity_src_gen.pdbx_gene_src_variant              ? 
_entity_src_gen.pdbx_gene_src_cell_line            ? 
_entity_src_gen.pdbx_gene_src_atcc                 ? 
_entity_src_gen.pdbx_gene_src_organ                ? 
_entity_src_gen.pdbx_gene_src_organelle            ? 
_entity_src_gen.pdbx_gene_src_cell                 ? 
_entity_src_gen.pdbx_gene_src_cellular_location    ? 
_entity_src_gen.host_org_common_name               ? 
_entity_src_gen.pdbx_host_org_scientific_name      'Escherichia coli' 
_entity_src_gen.pdbx_host_org_ncbi_taxonomy_id     562 
_entity_src_gen.host_org_genus                     ? 
_entity_src_gen.pdbx_host_org_gene                 ? 
_entity_src_gen.pdbx_host_org_organ                ? 
_entity_src_gen.host_org_species                   ? 
_entity_src_gen.pdbx_host_org_tissue               ? 
_entity_src_gen.pdbx_host_org_tissue_fraction      ? 
_entity_src_gen.pdbx_host_org_strain               ? 
_entity_src_gen.pdbx_host_org_variant              ? 
_entity_src_gen.pdbx_host_org_cell_line            ? 
_entity_src_gen.pdbx_host_org_atcc                 ? 
_entity_src_gen.pdbx_host_org_culture_collection   ? 
_entity_src_gen.pdbx_host_org_cell                 ? 
_entity_src_gen.pdbx_host_org_organelle            ? 
_entity_src_gen.pdbx_host_org_cellular_location    ? 
_entity_src_gen.pdbx_host_org_vector_type          ? 
_entity_src_gen.pdbx_host_org_vector               ? 
_entity_src_gen.host_org_details                   ? 
_entity_src_gen.expression_system_id               ? 
_entity_src_gen.plasmid_name                       ? 
_entity_src_gen.plasmid_details                    ? 
_entity_src_gen.pdbx_description                   ? 
# 
loop_
_chem_comp.id 
_chem_comp.type 
_chem_comp.mon_nstd_flag 
_chem_comp.name 
_chem_comp.pdbx_synonyms 
_chem_comp.formula 
_chem_comp.formula_weight 
ALA 'L-peptide linking' y ALANINE         ? 'C3 H7 N O2'     89.093  
ARG 'L-peptide linking' y ARGININE        ? 'C6 H15 N4 O2 1' 175.209 
ASP 'L-peptide linking' y 'ASPARTIC ACID' ? 'C4 H7 N O4'     133.103 
GLN 'L-peptide linking' y GLUTAMINE       ? 'C5 H10 N2 O3'   146.144 
GLU 'L-peptide linking' y 'GLUTAMIC ACID' ? 'C5 H9 N O4'     147.129 
GLY 'peptide linking'   y GLYCINE         ? 'C2 H5 N O2'     75.067  
HIS 'L-peptide linking' y HISTIDINE       ? 'C6 H10 N3 O2 1' 156.162 
HOH non-polymer         . WATER           ? 'H2 O'           18.015  
ILE 'L-peptide linking' y ISOLEUCINE      ? 'C6 H13 N O2'    131.173 
LEU 'L-peptide linking' y LEUCINE         ? 'C6 H13 N O2'    131.173 
LYS 'L-peptide linking' y LYSINE          ? 'C6 H15 N2 O2 1' 147.195 
MET 'L-peptide linking' y METHIONINE      ? 'C5 H11 N O2 S'  149.211 
PHE 'L-peptide linking' y PHENYLALANINE   ? 'C9 H11 N O2'    165.189 
PRO 'L-peptide linking' y PROLINE         ? 'C5 H9 N O2'     115.130 
SER 'L-peptide linking' y SERINE          ? 'C3 H7 N O3'     105.093 
THR 'L-peptide linking' y THREONINE       ? 'C4 H9 N O3'     119.119 
TYR 'L-peptide linking' y TYROSINE        ? 'C9 H11 N O3'    181.189 
VAL 'L-peptide linking' y VALINE          ? 'C5 H11 N O2'    117.146 
# 
loop_
_pdbx_poly_seq_scheme.asym_id 
_pdbx_poly_seq_scheme.entity_id 
_pdbx_poly_seq_scheme.seq_id 
_pdbx_poly_seq_scheme.mon_id 
_pdbx_poly_seq_scheme.ndb_seq_num 
_pdbx_poly_seq_scheme.pdb_seq_num 
_pdbx_poly_seq_scheme.auth_seq_num 
_pdbx_poly_seq_scheme.pdb_mon_id 
_pdbx_poly_seq_scheme.auth_mon_id 
_pdbx_poly_seq_scheme.pdb_strand_id 
_pdbx_poly_seq_scheme.pdb_ins_code 
_pdbx_poly_seq_scheme.hetero 
A 1 1  GLY 1  256 ?   ?   ?   A . n 
A 1 2  PRO 2  257 ?   ?   ?   A . n 
A 1 3  MET 3  258 ?   ?   ?   A . n 
A 1 4  GLN 4  259 259 GLN GLN A . n 
A 1 5  LEU 5  260 260 LEU LEU A . n 
A 1 6  GLU 6  261 261 GLU GLU A . n 
A 1 7  ASP 7  262 262 ASP ASP A . n 
A 1 8  LEU 8  263 263 LEU LEU A . n 
A 1 9  LYS 9  264 264 LYS LYS A . n 
A 1 10 GLN 10 265 265 GLN GLN A . n 
A 1 11 GLN 11 266 266 GLN GLN A . n 
A 1 12 LEU 12 267 267 LEU LEU A . n 
A 1 13 GLN 13 268 268 GLN GLN A . n 
A 1 14 GLN 14 269 269 GLN GLN A . n 
A 1 15 ALA 15 270 270 ALA ALA A . n 
A 1 16 GLU 16 271 271 GLU GLU A . n 
A 1 17 GLU 17 272 272 GLU GLU A . n 
A 1 18 ALA 18 273 273 ALA ALA A . n 
A 1 19 LEU 19 274 274 LEU LEU A . n 
A 1 20 VAL 20 275 275 VAL VAL A . n 
A 1 21 ALA 21 276 276 ALA ALA A . n 
A 1 22 LYS 22 277 277 LYS LYS A . n 
A 1 23 GLN 23 278 278 GLN GLN A . n 
A 1 24 GLU 24 279 279 GLU GLU A . n 
A 1 25 VAL 25 280 280 VAL VAL A . n 
A 1 26 ILE 26 281 281 ILE ILE A . n 
A 1 27 ASP 27 282 282 ASP ASP A . n 
A 1 28 LYS 28 283 283 LYS LYS A . n 
A 1 29 LEU 29 284 284 LEU LEU A . n 
A 1 30 LYS 30 285 285 LYS LYS A . n 
A 1 31 GLU 31 286 286 GLU GLU A . n 
A 1 32 GLU 32 287 287 GLU GLU A . n 
A 1 33 ALA 33 288 288 ALA ALA A . n 
A 1 34 ALA 34 289 289 ALA ALA A . n 
A 1 35 GLN 35 290 290 GLN GLN A . n 
A 1 36 HIS 36 291 291 HIS HIS A . n 
A 1 37 ALA 37 292 292 ALA ALA A . n 
A 1 38 ILE 38 293 293 ILE ILE A . n 
A 1 39 VAL 39 294 294 VAL VAL A . n 
A 1 40 MET 40 295 295 MET MET A . n 
A 1 41 GLU 41 296 296 GLU GLU A . n 
A 1 42 THR 42 297 297 THR THR A . n 
A 1 43 VAL 43 298 298 VAL VAL A . n 
A 1 44 PRO 44 299 299 PRO PRO A . n 
A 1 45 VAL 45 300 300 VAL VAL A . n 
A 1 46 LEU 46 301 301 LEU LEU A . n 
A 1 47 LYS 47 302 302 LYS LYS A . n 
A 1 48 ALA 48 303 303 ALA ALA A . n 
A 1 49 GLN 49 304 304 GLN GLN A . n 
A 1 50 ALA 50 305 305 ALA ALA A . n 
A 1 51 ASP 51 306 306 ASP ASP A . n 
A 1 52 ILE 52 307 307 ILE ILE A . n 
A 1 53 TYR 53 308 308 TYR TYR A . n 
A 1 54 LYS 54 309 309 LYS LYS A . n 
A 1 55 ALA 55 310 310 ALA ALA A . n 
A 1 56 ASP 56 311 311 ASP ASP A . n 
A 1 57 PHE 57 312 312 PHE PHE A . n 
A 1 58 GLN 58 313 313 GLN GLN A . n 
A 1 59 ALA 59 314 314 ALA ALA A . n 
A 1 60 GLU 60 315 315 GLU GLU A . n 
A 1 61 ARG 61 316 316 ARG ARG A . n 
A 1 62 GLN 62 317 317 GLN GLN A . n 
A 1 63 ALA 63 318 318 ALA ALA A . n 
A 1 64 ARG 64 319 319 ARG ARG A . n 
A 1 65 GLU 65 320 320 GLU GLU A . n 
A 1 66 LYS 66 321 321 LYS LYS A . n 
A 1 67 LEU 67 322 322 LEU LEU A . n 
A 1 68 ALA 68 323 323 ALA ALA A . n 
A 1 69 GLU 69 324 324 GLU GLU A . n 
A 1 70 LYS 70 325 325 LYS LYS A . n 
A 1 71 LYS 71 326 326 LYS LYS A . n 
A 1 72 GLU 72 327 327 GLU GLU A . n 
A 1 73 LEU 73 328 328 LEU LEU A . n 
A 1 74 LEU 74 329 329 LEU LEU A . n 
A 1 75 GLN 75 330 330 GLN GLN A . n 
A 1 76 GLU 76 331 331 GLU GLU A . n 
A 1 77 GLN 77 332 332 GLN GLN A . n 
A 1 78 LEU 78 333 333 LEU LEU A . n 
A 1 79 GLU 79 334 334 GLU GLU A . n 
A 1 80 GLN 80 335 335 GLN GLN A . n 
A 1 81 LEU 81 336 336 LEU LEU A . n 
A 1 82 GLN 82 337 337 GLN GLN A . n 
A 1 83 ARG 83 338 338 ARG ARG A . n 
A 1 84 GLU 84 339 339 GLU GLU A . n 
A 1 85 TYR 85 340 340 TYR TYR A . n 
A 1 86 SER 86 341 341 SER SER A . n 
A 1 87 LYS 87 342 342 LYS LYS A . n 
A 1 88 LEU 88 343 343 LEU LEU A . n 
A 1 89 LYS 89 344 ?   ?   ?   A . n 
B 1 1  GLY 1  256 ?   ?   ?   B . n 
B 1 2  PRO 2  257 ?   ?   ?   B . n 
B 1 3  MET 3  258 ?   ?   ?   B . n 
B 1 4  GLN 4  259 ?   ?   ?   B . n 
B 1 5  LEU 5  260 ?   ?   ?   B . n 
B 1 6  GLU 6  261 261 GLU GLU B . n 
B 1 7  ASP 7  262 262 ASP ASP B . n 
B 1 8  LEU 8  263 263 LEU LEU B . n 
B 1 9  LYS 9  264 264 LYS LYS B . n 
B 1 10 GLN 10 265 265 GLN GLN B . n 
B 1 11 GLN 11 266 266 GLN GLN B . n 
B 1 12 LEU 12 267 267 LEU LEU B . n 
B 1 13 GLN 13 268 268 GLN GLN B . n 
B 1 14 GLN 14 269 269 GLN GLN B . n 
B 1 15 ALA 15 270 270 ALA ALA B . n 
B 1 16 GLU 16 271 271 GLU GLU B . n 
B 1 17 GLU 17 272 272 GLU GLU B . n 
B 1 18 ALA 18 273 273 ALA ALA B . n 
B 1 19 LEU 19 274 274 LEU LEU B . n 
B 1 20 VAL 20 275 275 VAL VAL B . n 
B 1 21 ALA 21 276 276 ALA ALA B . n 
B 1 22 LYS 22 277 277 LYS LYS B . n 
B 1 23 GLN 23 278 278 GLN GLN B . n 
B 1 24 GLU 24 279 279 GLU GLU B . n 
B 1 25 VAL 25 280 280 VAL VAL B . n 
B 1 26 ILE 26 281 281 ILE ILE B . n 
B 1 27 ASP 27 282 282 ASP ASP B . n 
B 1 28 LYS 28 283 283 LYS LYS B . n 
B 1 29 LEU 29 284 284 LEU LEU B . n 
B 1 30 LYS 30 285 285 LYS LYS B . n 
B 1 31 GLU 31 286 286 GLU GLU B . n 
B 1 32 GLU 32 287 287 GLU GLU B . n 
B 1 33 ALA 33 288 288 ALA ALA B . n 
B 1 34 ALA 34 289 289 ALA ALA B . n 
B 1 35 GLN 35 290 290 GLN GLN B . n 
B 1 36 HIS 36 291 291 HIS HIS B . n 
B 1 37 ALA 37 292 292 ALA ALA B . n 
B 1 38 ILE 38 293 293 ILE ILE B . n 
B 1 39 VAL 39 294 294 VAL VAL B . n 
B 1 40 MET 40 295 295 MET MET B . n 
B 1 41 GLU 41 296 296 GLU GLU B . n 
B 1 42 THR 42 297 297 THR THR B . n 
B 1 43 VAL 43 298 298 VAL VAL B . n 
B 1 44 PRO 44 299 299 PRO PRO B . n 
B 1 45 VAL 45 300 300 VAL VAL B . n 
B 1 46 LEU 46 301 301 LEU LEU B . n 
B 1 47 LYS 47 302 302 LYS LYS B . n 
B 1 48 ALA 48 303 303 ALA ALA B . n 
B 1 49 GLN 49 304 304 GLN GLN B . n 
B 1 50 ALA 50 305 305 ALA ALA B . n 
B 1 51 ASP 51 306 306 ASP ASP B . n 
B 1 52 ILE 52 307 307 ILE ILE B . n 
B 1 53 TYR 53 308 308 TYR TYR B . n 
B 1 54 LYS 54 309 309 LYS LYS B . n 
B 1 55 ALA 55 310 310 ALA ALA B . n 
B 1 56 ASP 56 311 311 ASP ASP B . n 
B 1 57 PHE 57 312 312 PHE PHE B . n 
B 1 58 GLN 58 313 313 GLN GLN B . n 
B 1 59 ALA 59 314 314 ALA ALA B . n 
B 1 60 GLU 60 315 315 GLU GLU B . n 
B 1 61 ARG 61 316 316 ARG ARG B . n 
B 1 62 GLN 62 317 317 GLN GLN B . n 
B 1 63 ALA 63 318 318 ALA ALA B . n 
B 1 64 ARG 64 319 319 ARG ARG B . n 
B 1 65 GLU 65 320 320 GLU GLU B . n 
B 1 66 LYS 66 321 321 LYS LYS B . n 
B 1 67 LEU 67 322 322 LEU LEU B . n 
B 1 68 ALA 68 323 323 ALA ALA B . n 
B 1 69 GLU 69 324 324 GLU GLU B . n 
B 1 70 LYS 70 325 325 LYS LYS B . n 
B 1 71 LYS 71 326 326 LYS LYS B . n 
B 1 72 GLU 72 327 327 GLU GLU B . n 
B 1 73 LEU 73 328 328 LEU LEU B . n 
B 1 74 LEU 74 329 329 LEU LEU B . n 
B 1 75 GLN 75 330 330 GLN GLN B . n 
B 1 76 GLU 76 331 331 GLU GLU B . n 
B 1 77 GLN 77 332 332 GLN GLN B . n 
B 1 78 LEU 78 333 333 LEU LEU B . n 
B 1 79 GLU 79 334 334 GLU GLU B . n 
B 1 80 GLN 80 335 335 GLN GLN B . n 
B 1 81 LEU 81 336 336 LEU LEU B . n 
B 1 82 GLN 82 337 337 GLN GLN B . n 
B 1 83 ARG 83 338 338 ARG ARG B . n 
B 1 84 GLU 84 339 339 GLU GLU B . n 
B 1 85 TYR 85 340 340 TYR TYR B . n 
B 1 86 SER 86 341 341 SER SER B . n 
B 1 87 LYS 87 342 342 LYS LYS B . n 
B 1 88 LEU 88 343 343 LEU LEU B . n 
B 1 89 LYS 89 344 344 LYS LYS B . n 
# 
loop_
_pdbx_nonpoly_scheme.asym_id 
_pdbx_nonpoly_scheme.entity_id 
_pdbx_nonpoly_scheme.mon_id 
_pdbx_nonpoly_scheme.ndb_seq_num 
_pdbx_nonpoly_scheme.pdb_seq_num 
_pdbx_nonpoly_scheme.auth_seq_num 
_pdbx_nonpoly_scheme.pdb_mon_id 
_pdbx_nonpoly_scheme.auth_mon_id 
_pdbx_nonpoly_scheme.pdb_strand_id 
_pdbx_nonpoly_scheme.pdb_ins_code 
C 2 HOH 1  401 26 HOH HOH A . 
C 2 HOH 2  402 13 HOH HOH A . 
C 2 HOH 3  403 19 HOH HOH A . 
C 2 HOH 4  404 22 HOH HOH A . 
C 2 HOH 5  405 1  HOH HOH A . 
C 2 HOH 6  406 17 HOH HOH A . 
C 2 HOH 7  407 24 HOH HOH A . 
C 2 HOH 8  408 27 HOH HOH A . 
C 2 HOH 9  409 34 HOH HOH A . 
C 2 HOH 10 410 12 HOH HOH A . 
C 2 HOH 11 411 42 HOH HOH A . 
C 2 HOH 12 412 7  HOH HOH A . 
C 2 HOH 13 413 2  HOH HOH A . 
C 2 HOH 14 414 21 HOH HOH A . 
C 2 HOH 15 415 16 HOH HOH A . 
C 2 HOH 16 416 28 HOH HOH A . 
C 2 HOH 17 417 4  HOH HOH A . 
C 2 HOH 18 418 23 HOH HOH A . 
C 2 HOH 19 419 29 HOH HOH A . 
C 2 HOH 20 420 5  HOH HOH A . 
C 2 HOH 21 421 35 HOH HOH A . 
C 2 HOH 22 422 18 HOH HOH A . 
D 2 HOH 1  401 44 HOH HOH B . 
D 2 HOH 2  402 14 HOH HOH B . 
D 2 HOH 3  403 25 HOH HOH B . 
D 2 HOH 4  404 32 HOH HOH B . 
D 2 HOH 5  405 45 HOH HOH B . 
D 2 HOH 6  406 37 HOH HOH B . 
D 2 HOH 7  407 3  HOH HOH B . 
D 2 HOH 8  408 36 HOH HOH B . 
D 2 HOH 9  409 15 HOH HOH B . 
D 2 HOH 10 410 43 HOH HOH B . 
D 2 HOH 11 411 33 HOH HOH B . 
D 2 HOH 12 412 9  HOH HOH B . 
D 2 HOH 13 413 20 HOH HOH B . 
D 2 HOH 14 414 40 HOH HOH B . 
D 2 HOH 15 415 30 HOH HOH B . 
D 2 HOH 16 416 31 HOH HOH B . 
D 2 HOH 17 417 11 HOH HOH B . 
D 2 HOH 18 418 10 HOH HOH B . 
D 2 HOH 19 419 8  HOH HOH B . 
D 2 HOH 20 420 41 HOH HOH B . 
D 2 HOH 21 421 6  HOH HOH B . 
D 2 HOH 22 422 39 HOH HOH B . 
D 2 HOH 23 423 38 HOH HOH B . 
# 
loop_
_software.citation_id 
_software.classification 
_software.compiler_name 
_software.compiler_version 
_software.contact_author 
_software.contact_author_email 
_software.date 
_software.description 
_software.dependencies 
_software.hardware 
_software.language 
_software.location 
_software.mods 
_software.name 
_software.os 
_software.os_version 
_software.type 
_software.version 
_software.pdbx_ordinal 
? refinement        ? ? ? ? ? ? ? ? ? ? ? PHENIX      ? ? ? 1.17.1_3660 1 
? refinement        ? ? ? ? ? ? ? ? ? ? ? PHENIX      ? ? ? 1.17.1_3660 2 
? 'data extraction' ? ? ? ? ? ? ? ? ? ? ? PDB_EXTRACT ? ? ? 3.25        3 
? 'data reduction'  ? ? ? ? ? ? ? ? ? ? ? XDS         ? ? ? .           4 
? 'data scaling'    ? ? ? ? ? ? ? ? ? ? ? XSCALE      ? ? ? .           5 
? phasing           ? ? ? ? ? ? ? ? ? ? ? PHASER      ? ? ? .           6 
# 
_cell.angle_alpha                  90.000 
_cell.angle_alpha_esd              ? 
_cell.angle_beta                   90.000 
_cell.angle_beta_esd               ? 
_cell.angle_gamma                  90.000 
_cell.angle_gamma_esd              ? 
_cell.entry_id                     6YEK 
_cell.details                      ? 
_cell.formula_units_Z              ? 
_cell.length_a                     85.760 
_cell.length_a_esd                 ? 
_cell.length_b                     85.760 
_cell.length_b_esd                 ? 
_cell.length_c                     99.010 
_cell.length_c_esd                 ? 
_cell.volume                       728196.530 
_cell.volume_esd                   ? 
_cell.Z_PDB                        16 
_cell.reciprocal_angle_alpha       ? 
_cell.reciprocal_angle_beta        ? 
_cell.reciprocal_angle_gamma       ? 
_cell.reciprocal_angle_alpha_esd   ? 
_cell.reciprocal_angle_beta_esd    ? 
_cell.reciprocal_angle_gamma_esd   ? 
_cell.reciprocal_length_a          ? 
_cell.reciprocal_length_b          ? 
_cell.reciprocal_length_c          ? 
_cell.reciprocal_length_a_esd      ? 
_cell.reciprocal_length_b_esd      ? 
_cell.reciprocal_length_c_esd      ? 
_cell.pdbx_unique_axis             ? 
# 
_symmetry.entry_id                         6YEK 
_symmetry.cell_setting                     ? 
_symmetry.Int_Tables_number                95 
_symmetry.space_group_name_Hall            'P 4cw 2c' 
_symmetry.space_group_name_H-M             'P 43 2 2' 
_symmetry.pdbx_full_space_group_name_H-M   ? 
# 
_exptl.absorpt_coefficient_mu     ? 
_exptl.absorpt_correction_T_max   ? 
_exptl.absorpt_correction_T_min   ? 
_exptl.absorpt_correction_type    ? 
_exptl.absorpt_process_details    ? 
_exptl.entry_id                   6YEK 
_exptl.crystals_number            1 
_exptl.details                    ? 
_exptl.method                     'X-RAY DIFFRACTION' 
_exptl.method_details             ? 
# 
_exptl_crystal.colour                      ? 
_exptl_crystal.density_diffrn              ? 
_exptl_crystal.density_Matthews            4.40 
_exptl_crystal.density_method              ? 
_exptl_crystal.density_percent_sol         72.07 
_exptl_crystal.description                 ? 
_exptl_crystal.F_000                       ? 
_exptl_crystal.id                          1 
_exptl_crystal.preparation                 ? 
_exptl_crystal.size_max                    ? 
_exptl_crystal.size_mid                    ? 
_exptl_crystal.size_min                    ? 
_exptl_crystal.size_rad                    ? 
_exptl_crystal.colour_lustre               ? 
_exptl_crystal.colour_modifier             ? 
_exptl_crystal.colour_primary              ? 
_exptl_crystal.density_meas                ? 
_exptl_crystal.density_meas_esd            ? 
_exptl_crystal.density_meas_gt             ? 
_exptl_crystal.density_meas_lt             ? 
_exptl_crystal.density_meas_temp           ? 
_exptl_crystal.density_meas_temp_esd       ? 
_exptl_crystal.density_meas_temp_gt        ? 
_exptl_crystal.density_meas_temp_lt        ? 
_exptl_crystal.pdbx_crystal_image_url      ? 
_exptl_crystal.pdbx_crystal_image_format   ? 
_exptl_crystal.pdbx_mosaicity              ? 
_exptl_crystal.pdbx_mosaicity_esd          ? 
# 
_exptl_crystal_grow.apparatus       ? 
_exptl_crystal_grow.atmosphere      ? 
_exptl_crystal_grow.crystal_id      1 
_exptl_crystal_grow.details         ? 
_exptl_crystal_grow.method          'VAPOR DIFFUSION, HANGING DROP' 
_exptl_crystal_grow.method_ref      ? 
_exptl_crystal_grow.pH              4.0 
_exptl_crystal_grow.pressure        ? 
_exptl_crystal_grow.pressure_esd    ? 
_exptl_crystal_grow.seeding         ? 
_exptl_crystal_grow.seeding_ref     ? 
_exptl_crystal_grow.temp            293 
_exptl_crystal_grow.temp_details    ? 
_exptl_crystal_grow.temp_esd        ? 
_exptl_crystal_grow.time            ? 
_exptl_crystal_grow.pdbx_details    
;45% (v/v) ethylene glycol
50mM acetate (pH 4.0)
;
_exptl_crystal_grow.pdbx_pH_range   ? 
# 
_diffrn.ambient_environment              ? 
_diffrn.ambient_temp                     100 
_diffrn.ambient_temp_details             ? 
_diffrn.ambient_temp_esd                 ? 
_diffrn.crystal_id                       1 
_diffrn.crystal_support                  ? 
_diffrn.crystal_treatment                ? 
_diffrn.details                          ? 
_diffrn.id                               1 
_diffrn.ambient_pressure                 ? 
_diffrn.ambient_pressure_esd             ? 
_diffrn.ambient_pressure_gt              ? 
_diffrn.ambient_pressure_lt              ? 
_diffrn.ambient_temp_gt                  ? 
_diffrn.ambient_temp_lt                  ? 
_diffrn.pdbx_serial_crystal_experiment   N 
# 
_diffrn_detector.details                      ? 
_diffrn_detector.detector                     PIXEL 
_diffrn_detector.diffrn_id                    1 
_diffrn_detector.type                         'DECTRIS PILATUS 6M' 
_diffrn_detector.area_resol_mean              ? 
_diffrn_detector.dtime                        ? 
_diffrn_detector.pdbx_frames_total            ? 
_diffrn_detector.pdbx_collection_time_total   ? 
_diffrn_detector.pdbx_collection_date         2019-05-20 
_diffrn_detector.pdbx_frequency               ? 
# 
_diffrn_radiation.collimation                      ? 
_diffrn_radiation.diffrn_id                        1 
_diffrn_radiation.filter_edge                      ? 
_diffrn_radiation.inhomogeneity                    ? 
_diffrn_radiation.monochromator                    ? 
_diffrn_radiation.polarisn_norm                    ? 
_diffrn_radiation.polarisn_ratio                   ? 
_diffrn_radiation.probe                            ? 
_diffrn_radiation.type                             ? 
_diffrn_radiation.xray_symbol                      ? 
_diffrn_radiation.wavelength_id                    1 
_diffrn_radiation.pdbx_monochromatic_or_laue_m_l   M 
_diffrn_radiation.pdbx_wavelength_list             ? 
_diffrn_radiation.pdbx_wavelength                  ? 
_diffrn_radiation.pdbx_diffrn_protocol             'SINGLE WAVELENGTH' 
_diffrn_radiation.pdbx_analyzer                    ? 
_diffrn_radiation.pdbx_scattering_type             x-ray 
# 
_diffrn_radiation_wavelength.id           1 
_diffrn_radiation_wavelength.wavelength   0.97 
_diffrn_radiation_wavelength.wt           1.0 
# 
_diffrn_source.current                     ? 
_diffrn_source.details                     ? 
_diffrn_source.diffrn_id                   1 
_diffrn_source.power                       ? 
_diffrn_source.size                        ? 
_diffrn_source.source                      SYNCHROTRON 
_diffrn_source.target                      ? 
_diffrn_source.type                        'PETRA III, EMBL c/o DESY BEAMLINE P13 (MX1)' 
_diffrn_source.voltage                     ? 
_diffrn_source.take-off_angle              ? 
_diffrn_source.pdbx_wavelength_list        0.97 
_diffrn_source.pdbx_wavelength             ? 
_diffrn_source.pdbx_synchrotron_beamline   'P13 (MX1)' 
_diffrn_source.pdbx_synchrotron_site       'PETRA III, EMBL c/o DESY' 
# 
_reflns.B_iso_Wilson_estimate            ? 
_reflns.entry_id                         6YEK 
_reflns.data_reduction_details           ? 
_reflns.data_reduction_method            ? 
_reflns.d_resolution_high                3.2 
_reflns.d_resolution_low                 85.79 
_reflns.details                          ? 
_reflns.limit_h_max                      ? 
_reflns.limit_h_min                      ? 
_reflns.limit_k_max                      ? 
_reflns.limit_k_min                      ? 
_reflns.limit_l_max                      ? 
_reflns.limit_l_min                      ? 
_reflns.number_all                       ? 
_reflns.number_obs                       6469 
_reflns.observed_criterion               ? 
_reflns.observed_criterion_F_max         ? 
_reflns.observed_criterion_F_min         ? 
_reflns.observed_criterion_I_max         ? 
_reflns.observed_criterion_I_min         ? 
_reflns.observed_criterion_sigma_F       ? 
_reflns.observed_criterion_sigma_I       ? 
_reflns.percent_possible_obs             99.7 
_reflns.R_free_details                   ? 
_reflns.Rmerge_F_all                     ? 
_reflns.Rmerge_F_obs                     ? 
_reflns.Friedel_coverage                 ? 
_reflns.number_gt                        ? 
_reflns.threshold_expression             ? 
_reflns.pdbx_redundancy                  6.2 
_reflns.pdbx_Rmerge_I_obs                ? 
_reflns.pdbx_Rmerge_I_all                ? 
_reflns.pdbx_Rsym_value                  ? 
_reflns.pdbx_netI_over_av_sigmaI         ? 
_reflns.pdbx_netI_over_sigmaI            35.8 
_reflns.pdbx_res_netI_over_av_sigmaI_2   ? 
_reflns.pdbx_res_netI_over_sigmaI_2      ? 
_reflns.pdbx_chi_squared                 ? 
_reflns.pdbx_scaling_rejects             ? 
_reflns.pdbx_d_res_high_opt              ? 
_reflns.pdbx_d_res_low_opt               ? 
_reflns.pdbx_d_res_opt_method            ? 
_reflns.phase_calculation_details        ? 
_reflns.pdbx_Rrim_I_all                  ? 
_reflns.pdbx_Rpim_I_all                  ? 
_reflns.pdbx_d_opt                       ? 
_reflns.pdbx_number_measured_all         ? 
_reflns.pdbx_diffrn_id                   1 
_reflns.pdbx_ordinal                     1 
_reflns.pdbx_CC_half                     0.999 
_reflns.pdbx_CC_star                     ? 
_reflns.pdbx_R_split                     ? 
# 
_reflns_shell.d_res_high                  3.2 
_reflns_shell.d_res_low                   3.32 
_reflns_shell.meanI_over_sigI_all         ? 
_reflns_shell.meanI_over_sigI_obs         8.2 
_reflns_shell.number_measured_all         ? 
_reflns_shell.number_measured_obs         ? 
_reflns_shell.number_possible             ? 
_reflns_shell.number_unique_all           ? 
_reflns_shell.number_unique_obs           638 
_reflns_shell.percent_possible_all        100 
_reflns_shell.percent_possible_obs        ? 
_reflns_shell.Rmerge_F_all                ? 
_reflns_shell.Rmerge_F_obs                ? 
_reflns_shell.Rmerge_I_all                ? 
_reflns_shell.Rmerge_I_obs                ? 
_reflns_shell.meanI_over_sigI_gt          ? 
_reflns_shell.meanI_over_uI_all           ? 
_reflns_shell.meanI_over_uI_gt            ? 
_reflns_shell.number_measured_gt          ? 
_reflns_shell.number_unique_gt            ? 
_reflns_shell.percent_possible_gt         ? 
_reflns_shell.Rmerge_F_gt                 ? 
_reflns_shell.Rmerge_I_gt                 ? 
_reflns_shell.pdbx_redundancy             6.5 
_reflns_shell.pdbx_Rsym_value             ? 
_reflns_shell.pdbx_chi_squared            ? 
_reflns_shell.pdbx_netI_over_sigmaI_all   ? 
_reflns_shell.pdbx_netI_over_sigmaI_obs   ? 
_reflns_shell.pdbx_Rrim_I_all             ? 
_reflns_shell.pdbx_Rpim_I_all             ? 
_reflns_shell.pdbx_rejects                ? 
_reflns_shell.pdbx_ordinal                1 
_reflns_shell.pdbx_diffrn_id              1 
_reflns_shell.pdbx_CC_half                0.987 
_reflns_shell.pdbx_CC_star                ? 
_reflns_shell.pdbx_R_split                ? 
# 
_refine.aniso_B[1][1]                            ? 
_refine.aniso_B[1][2]                            ? 
_refine.aniso_B[1][3]                            ? 
_refine.aniso_B[2][2]                            ? 
_refine.aniso_B[2][3]                            ? 
_refine.aniso_B[3][3]                            ? 
_refine.B_iso_max                                ? 
_refine.B_iso_mean                               ? 
_refine.B_iso_min                                ? 
_refine.correlation_coeff_Fo_to_Fc               ? 
_refine.correlation_coeff_Fo_to_Fc_free          ? 
_refine.details                                  ? 
_refine.diff_density_max                         ? 
_refine.diff_density_max_esd                     ? 
_refine.diff_density_min                         ? 
_refine.diff_density_min_esd                     ? 
_refine.diff_density_rms                         ? 
_refine.diff_density_rms_esd                     ? 
_refine.entry_id                                 6YEK 
_refine.pdbx_refine_id                           'X-RAY DIFFRACTION' 
_refine.ls_abs_structure_details                 ? 
_refine.ls_abs_structure_Flack                   ? 
_refine.ls_abs_structure_Flack_esd               ? 
_refine.ls_abs_structure_Rogers                  ? 
_refine.ls_abs_structure_Rogers_esd              ? 
_refine.ls_d_res_high                            3.20 
_refine.ls_d_res_low                             85.76 
_refine.ls_extinction_coef                       ? 
_refine.ls_extinction_coef_esd                   ? 
_refine.ls_extinction_expression                 ? 
_refine.ls_extinction_method                     ? 
_refine.ls_goodness_of_fit_all                   ? 
_refine.ls_goodness_of_fit_all_esd               ? 
_refine.ls_goodness_of_fit_obs                   ? 
_refine.ls_goodness_of_fit_obs_esd               ? 
_refine.ls_hydrogen_treatment                    ? 
_refine.ls_matrix_type                           ? 
_refine.ls_number_constraints                    ? 
_refine.ls_number_parameters                     ? 
_refine.ls_number_reflns_all                     ? 
_refine.ls_number_reflns_obs                     6464 
_refine.ls_number_reflns_R_free                  646 
_refine.ls_number_reflns_R_work                  ? 
_refine.ls_number_restraints                     ? 
_refine.ls_percent_reflns_obs                    99.63 
_refine.ls_percent_reflns_R_free                 9.99 
_refine.ls_R_factor_all                          ? 
_refine.ls_R_factor_obs                          0.2954 
_refine.ls_R_factor_R_free                       0.3359 
_refine.ls_R_factor_R_free_error                 ? 
_refine.ls_R_factor_R_free_error_details         ? 
_refine.ls_R_factor_R_work                       0.2909 
_refine.ls_R_Fsqd_factor_obs                     ? 
_refine.ls_R_I_factor_obs                        ? 
_refine.ls_redundancy_reflns_all                 ? 
_refine.ls_redundancy_reflns_obs                 ? 
_refine.ls_restrained_S_all                      ? 
_refine.ls_restrained_S_obs                      ? 
_refine.ls_shift_over_esd_max                    ? 
_refine.ls_shift_over_esd_mean                   ? 
_refine.ls_structure_factor_coef                 ? 
_refine.ls_weighting_details                     ? 
_refine.ls_weighting_scheme                      ? 
_refine.ls_wR_factor_all                         ? 
_refine.ls_wR_factor_obs                         ? 
_refine.ls_wR_factor_R_free                      ? 
_refine.ls_wR_factor_R_work                      ? 
_refine.occupancy_max                            ? 
_refine.occupancy_min                            ? 
_refine.solvent_model_details                    ? 
_refine.solvent_model_param_bsol                 ? 
_refine.solvent_model_param_ksol                 ? 
_refine.pdbx_R_complete                          ? 
_refine.ls_R_factor_gt                           ? 
_refine.ls_goodness_of_fit_gt                    ? 
_refine.ls_goodness_of_fit_ref                   ? 
_refine.ls_shift_over_su_max                     ? 
_refine.ls_shift_over_su_max_lt                  ? 
_refine.ls_shift_over_su_mean                    ? 
_refine.ls_shift_over_su_mean_lt                 ? 
_refine.pdbx_ls_sigma_I                          ? 
_refine.pdbx_ls_sigma_F                          1.38 
_refine.pdbx_ls_sigma_Fsqd                       ? 
_refine.pdbx_data_cutoff_high_absF               ? 
_refine.pdbx_data_cutoff_high_rms_absF           ? 
_refine.pdbx_data_cutoff_low_absF                ? 
_refine.pdbx_isotropic_thermal_model             ? 
_refine.pdbx_ls_cross_valid_method               'FREE R-VALUE' 
_refine.pdbx_method_to_determine_struct          'MOLECULAR REPLACEMENT' 
_refine.pdbx_starting_model                      3F89 
_refine.pdbx_stereochemistry_target_values       ? 
_refine.pdbx_R_Free_selection_details            ? 
_refine.pdbx_stereochem_target_val_spec_case     ? 
_refine.pdbx_overall_ESU_R                       ? 
_refine.pdbx_overall_ESU_R_Free                  ? 
_refine.pdbx_solvent_vdw_probe_radii             1.1100 
_refine.pdbx_solvent_ion_probe_radii             ? 
_refine.pdbx_solvent_shrinkage_radii             0.9000 
_refine.pdbx_real_space_R                        ? 
_refine.pdbx_density_correlation                 ? 
_refine.pdbx_pd_number_of_powder_patterns        ? 
_refine.pdbx_pd_number_of_points                 ? 
_refine.pdbx_pd_meas_number_of_points            ? 
_refine.pdbx_pd_proc_ls_prof_R_factor            ? 
_refine.pdbx_pd_proc_ls_prof_wR_factor           ? 
_refine.pdbx_pd_Marquardt_correlation_coeff      ? 
_refine.pdbx_pd_Fsqrd_R_factor                   ? 
_refine.pdbx_pd_ls_matrix_band_width             ? 
_refine.pdbx_overall_phase_error                 36.5690 
_refine.pdbx_overall_SU_R_free_Cruickshank_DPI   ? 
_refine.pdbx_overall_SU_R_free_Blow_DPI          ? 
_refine.pdbx_overall_SU_R_Blow_DPI               ? 
_refine.pdbx_TLS_residual_ADP_flag               ? 
_refine.pdbx_diffrn_id                           1 
_refine.overall_SU_B                             ? 
_refine.overall_SU_ML                            0.6075 
_refine.overall_SU_R_Cruickshank_DPI             ? 
_refine.overall_SU_R_free                        ? 
_refine.overall_FOM_free_R_set                   ? 
_refine.overall_FOM_work_R_set                   ? 
_refine.pdbx_average_fsc_overall                 ? 
_refine.pdbx_average_fsc_work                    ? 
_refine.pdbx_average_fsc_free                    ? 
# 
_refine_hist.pdbx_refine_id                   'X-RAY DIFFRACTION' 
_refine_hist.cycle_id                         LAST 
_refine_hist.details                          ? 
_refine_hist.d_res_high                       3.20 
_refine_hist.d_res_low                        85.76 
_refine_hist.number_atoms_solvent             45 
_refine_hist.number_atoms_total               1427 
_refine_hist.number_reflns_all                ? 
_refine_hist.number_reflns_obs                ? 
_refine_hist.number_reflns_R_free             ? 
_refine_hist.number_reflns_R_work             ? 
_refine_hist.R_factor_all                     ? 
_refine_hist.R_factor_obs                     ? 
_refine_hist.R_factor_R_free                  ? 
_refine_hist.R_factor_R_work                  ? 
_refine_hist.pdbx_number_residues_total       ? 
_refine_hist.pdbx_B_iso_mean_ligand           ? 
_refine_hist.pdbx_B_iso_mean_solvent          ? 
_refine_hist.pdbx_number_atoms_protein        1382 
_refine_hist.pdbx_number_atoms_nucleic_acid   0 
_refine_hist.pdbx_number_atoms_ligand         0 
_refine_hist.pdbx_number_atoms_lipid          ? 
_refine_hist.pdbx_number_atoms_carb           ? 
_refine_hist.pdbx_pseudo_atom_details         ? 
# 
loop_
_refine_ls_restr.pdbx_refine_id 
_refine_ls_restr.criterion 
_refine_ls_restr.dev_ideal 
_refine_ls_restr.dev_ideal_target 
_refine_ls_restr.number 
_refine_ls_restr.rejects 
_refine_ls_restr.type 
_refine_ls_restr.weight 
_refine_ls_restr.pdbx_restraint_function 
'X-RAY DIFFRACTION' ? 0.0137  ? 1390 ? f_bond_d           ? ? 
'X-RAY DIFFRACTION' ? 1.8591  ? 1858 ? f_angle_d          ? ? 
'X-RAY DIFFRACTION' ? 0.0879  ? 210  ? f_chiral_restr     ? ? 
'X-RAY DIFFRACTION' ? 0.0119  ? 246  ? f_plane_restr      ? ? 
'X-RAY DIFFRACTION' ? 20.3265 ? 177  ? f_dihedral_angle_d ? ? 
# 
loop_
_refine_ls_shell.pdbx_refine_id 
_refine_ls_shell.d_res_high 
_refine_ls_shell.d_res_low 
_refine_ls_shell.number_reflns_all 
_refine_ls_shell.number_reflns_obs 
_refine_ls_shell.number_reflns_R_free 
_refine_ls_shell.number_reflns_R_work 
_refine_ls_shell.percent_reflns_obs 
_refine_ls_shell.percent_reflns_R_free 
_refine_ls_shell.R_factor_all 
_refine_ls_shell.R_factor_obs 
_refine_ls_shell.R_factor_R_free 
_refine_ls_shell.R_factor_R_free_error 
_refine_ls_shell.R_factor_R_work 
_refine_ls_shell.redundancy_reflns_all 
_refine_ls_shell.redundancy_reflns_obs 
_refine_ls_shell.wR_factor_all 
_refine_ls_shell.wR_factor_obs 
_refine_ls_shell.wR_factor_R_free 
_refine_ls_shell.wR_factor_R_work 
_refine_ls_shell.pdbx_R_complete 
_refine_ls_shell.pdbx_total_number_of_bins_used 
_refine_ls_shell.pdbx_phase_error 
_refine_ls_shell.pdbx_fsc_work 
_refine_ls_shell.pdbx_fsc_free 
'X-RAY DIFFRACTION' 3.20 3.45  . . 125 1122 99.84 . . . 0.4769 . 0.4230 . . . . . . . . . . . 
'X-RAY DIFFRACTION' 3.45 3.80  . . 125 1138 99.84 . . . 0.4087 . 0.3527 . . . . . . . . . . . 
'X-RAY DIFFRACTION' 3.80 4.35  . . 128 1151 99.84 . . . 0.3734 . 0.2996 . . . . . . . . . . . 
'X-RAY DIFFRACTION' 4.35 5.48  . . 130 1166 99.77 . . . 0.3599 . 0.2942 . . . . . . . . . . . 
'X-RAY DIFFRACTION' 5.48 85.76 . . 138 1241 98.92 . . . 0.2612 . 0.2451 . . . . . . . . . . . 
# 
_struct.entry_id                     6YEK 
_struct.title                        'Crystal structure of human NEMO apo form' 
_struct.pdbx_model_details           ? 
_struct.pdbx_formula_weight          ? 
_struct.pdbx_formula_weight_method   ? 
_struct.pdbx_model_type_details      ? 
_struct.pdbx_CASP_flag               N 
# 
_struct_keywords.entry_id        6YEK 
_struct_keywords.text            'Cell signaling, NF-kB pathway, PROTEIN BINDING' 
_struct_keywords.pdbx_keywords   'PROTEIN BINDING' 
# 
loop_
_struct_asym.id 
_struct_asym.pdbx_blank_PDB_chainid_flag 
_struct_asym.pdbx_modified 
_struct_asym.entity_id 
_struct_asym.details 
A N N 1 ? 
B N N 1 ? 
C N N 2 ? 
D N N 2 ? 
# 
_struct_ref.id                         1 
_struct_ref.db_name                    UNP 
_struct_ref.db_code                    D3DWY0_HUMAN 
_struct_ref.pdbx_db_accession          D3DWY0 
_struct_ref.pdbx_db_isoform            ? 
_struct_ref.entity_id                  1 
_struct_ref.pdbx_seq_one_letter_code   
;MQLEDLKQQLQQAEEALVAKQEVIDKLKEEAEQHKIVMETVPVLKAQADIYKADFQAERQAREKLAEKKELLQEQLEQLQ
REYSKLK
;
_struct_ref.pdbx_align_begin           124 
# 
loop_
_struct_ref_seq.align_id 
_struct_ref_seq.ref_id 
_struct_ref_seq.pdbx_PDB_id_code 
_struct_ref_seq.pdbx_strand_id 
_struct_ref_seq.seq_align_beg 
_struct_ref_seq.pdbx_seq_align_beg_ins_code 
_struct_ref_seq.seq_align_end 
_struct_ref_seq.pdbx_seq_align_end_ins_code 
_struct_ref_seq.pdbx_db_accession 
_struct_ref_seq.db_align_beg 
_struct_ref_seq.pdbx_db_align_beg_ins_code 
_struct_ref_seq.db_align_end 
_struct_ref_seq.pdbx_db_align_end_ins_code 
_struct_ref_seq.pdbx_auth_seq_align_beg 
_struct_ref_seq.pdbx_auth_seq_align_end 
1 1 6YEK A 3 ? 89 ? D3DWY0 124 ? 210 ? 258 344 
2 1 6YEK B 3 ? 89 ? D3DWY0 124 ? 210 ? 258 344 
# 
loop_
_struct_ref_seq_dif.align_id 
_struct_ref_seq_dif.pdbx_pdb_id_code 
_struct_ref_seq_dif.mon_id 
_struct_ref_seq_dif.pdbx_pdb_strand_id 
_struct_ref_seq_dif.seq_num 
_struct_ref_seq_dif.pdbx_pdb_ins_code 
_struct_ref_seq_dif.pdbx_seq_db_name 
_struct_ref_seq_dif.pdbx_seq_db_accession_code 
_struct_ref_seq_dif.db_mon_id 
_struct_ref_seq_dif.pdbx_seq_db_seq_num 
_struct_ref_seq_dif.details 
_struct_ref_seq_dif.pdbx_auth_seq_num 
_struct_ref_seq_dif.pdbx_ordinal 
1 6YEK GLY A 1  ? UNP D3DWY0 ?   ?   'expression tag' 256 1 
1 6YEK PRO A 2  ? UNP D3DWY0 ?   ?   'expression tag' 257 2 
1 6YEK ALA A 34 ? UNP D3DWY0 GLU 155 conflict         289 3 
1 6YEK ALA A 37 ? UNP D3DWY0 LYS 158 conflict         292 4 
2 6YEK GLY B 1  ? UNP D3DWY0 ?   ?   'expression tag' 256 5 
2 6YEK PRO B 2  ? UNP D3DWY0 ?   ?   'expression tag' 257 6 
2 6YEK ALA B 34 ? UNP D3DWY0 GLU 155 conflict         289 7 
2 6YEK ALA B 37 ? UNP D3DWY0 LYS 158 conflict         292 8 
# 
_pdbx_struct_assembly.id                   1 
_pdbx_struct_assembly.details              author_and_software_defined_assembly 
_pdbx_struct_assembly.method_details       PISA 
_pdbx_struct_assembly.oligomeric_details   dimeric 
_pdbx_struct_assembly.oligomeric_count     2 
# 
loop_
_pdbx_struct_assembly_prop.biol_id 
_pdbx_struct_assembly_prop.type 
_pdbx_struct_assembly_prop.value 
_pdbx_struct_assembly_prop.details 
1 'ABSA (A^2)' 4370  ? 
1 MORE         -47   ? 
1 'SSA (A^2)'  12720 ? 
# 
_pdbx_struct_assembly_gen.assembly_id       1 
_pdbx_struct_assembly_gen.oper_expression   1 
_pdbx_struct_assembly_gen.asym_id_list      A,B,C,D 
# 
_pdbx_struct_assembly_auth_evidence.id                     1 
_pdbx_struct_assembly_auth_evidence.assembly_id            1 
_pdbx_struct_assembly_auth_evidence.experimental_support   'gel filtration' 
_pdbx_struct_assembly_auth_evidence.details                ? 
# 
_pdbx_struct_oper_list.id                   1 
_pdbx_struct_oper_list.type                 'identity operation' 
_pdbx_struct_oper_list.name                 1_555 
_pdbx_struct_oper_list.symmetry_operation   x,y,z 
_pdbx_struct_oper_list.matrix[1][1]         1.0000000000 
_pdbx_struct_oper_list.matrix[1][2]         0.0000000000 
_pdbx_struct_oper_list.matrix[1][3]         0.0000000000 
_pdbx_struct_oper_list.vector[1]            0.0000000000 
_pdbx_struct_oper_list.matrix[2][1]         0.0000000000 
_pdbx_struct_oper_list.matrix[2][2]         1.0000000000 
_pdbx_struct_oper_list.matrix[2][3]         0.0000000000 
_pdbx_struct_oper_list.vector[2]            0.0000000000 
_pdbx_struct_oper_list.matrix[3][1]         0.0000000000 
_pdbx_struct_oper_list.matrix[3][2]         0.0000000000 
_pdbx_struct_oper_list.matrix[3][3]         1.0000000000 
_pdbx_struct_oper_list.vector[3]            0.0000000000 
# 
loop_
_struct_conf.conf_type_id 
_struct_conf.id 
_struct_conf.pdbx_PDB_helix_id 
_struct_conf.beg_label_comp_id 
_struct_conf.beg_label_asym_id 
_struct_conf.beg_label_seq_id 
_struct_conf.pdbx_beg_PDB_ins_code 
_struct_conf.end_label_comp_id 
_struct_conf.end_label_asym_id 
_struct_conf.end_label_seq_id 
_struct_conf.pdbx_end_PDB_ins_code 
_struct_conf.beg_auth_comp_id 
_struct_conf.beg_auth_asym_id 
_struct_conf.beg_auth_seq_id 
_struct_conf.end_auth_comp_id 
_struct_conf.end_auth_asym_id 
_struct_conf.end_auth_seq_id 
_struct_conf.pdbx_PDB_helix_class 
_struct_conf.details 
_struct_conf.pdbx_PDB_helix_length 
HELX_P HELX_P1 AA1 GLN A 11 ? MET A 40 ? GLN A 266 MET A 295 1 ? 30 
HELX_P HELX_P2 AA2 GLU A 41 ? GLN A 82 ? GLU A 296 GLN A 337 1 ? 42 
HELX_P HELX_P3 AA3 GLU B 16 ? MET B 40 ? GLU B 271 MET B 295 1 ? 25 
HELX_P HELX_P4 AA4 GLU B 41 ? SER B 86 ? GLU B 296 SER B 341 1 ? 46 
# 
_struct_conf_type.id          HELX_P 
_struct_conf_type.criteria    ? 
_struct_conf_type.reference   ? 
# 
loop_
_pdbx_validate_rmsd_angle.id 
_pdbx_validate_rmsd_angle.PDB_model_num 
_pdbx_validate_rmsd_angle.auth_atom_id_1 
_pdbx_validate_rmsd_angle.auth_asym_id_1 
_pdbx_validate_rmsd_angle.auth_comp_id_1 
_pdbx_validate_rmsd_angle.auth_seq_id_1 
_pdbx_validate_rmsd_angle.PDB_ins_code_1 
_pdbx_validate_rmsd_angle.label_alt_id_1 
_pdbx_validate_rmsd_angle.auth_atom_id_2 
_pdbx_validate_rmsd_angle.auth_asym_id_2 
_pdbx_validate_rmsd_angle.auth_comp_id_2 
_pdbx_validate_rmsd_angle.auth_seq_id_2 
_pdbx_validate_rmsd_angle.PDB_ins_code_2 
_pdbx_validate_rmsd_angle.label_alt_id_2 
_pdbx_validate_rmsd_angle.auth_atom_id_3 
_pdbx_validate_rmsd_angle.auth_asym_id_3 
_pdbx_validate_rmsd_angle.auth_comp_id_3 
_pdbx_validate_rmsd_angle.auth_seq_id_3 
_pdbx_validate_rmsd_angle.PDB_ins_code_3 
_pdbx_validate_rmsd_angle.label_alt_id_3 
_pdbx_validate_rmsd_angle.angle_value 
_pdbx_validate_rmsd_angle.angle_target_value 
_pdbx_validate_rmsd_angle.angle_deviation 
_pdbx_validate_rmsd_angle.angle_standard_deviation 
_pdbx_validate_rmsd_angle.linker_flag 
1 1 CA A LEU 263 ? ? CB A LEU 263 ? ? CG A LEU 263 ? ? 131.90 115.30 16.60 2.30 N 
2 1 CB B MET 295 ? ? CG B MET 295 ? ? SD B MET 295 ? ? 130.80 112.40 18.40 3.00 N 
# 
loop_
_pdbx_validate_torsion.id 
_pdbx_validate_torsion.PDB_model_num 
_pdbx_validate_torsion.auth_comp_id 
_pdbx_validate_torsion.auth_asym_id 
_pdbx_validate_torsion.auth_seq_id 
_pdbx_validate_torsion.PDB_ins_code 
_pdbx_validate_torsion.label_alt_id 
_pdbx_validate_torsion.phi 
_pdbx_validate_torsion.psi 
1 1 LEU A 260 ? ? -168.52 82.17   
2 1 ALA A 276 ? ? -68.32  15.75   
3 1 LEU B 263 ? ? -52.34  87.39   
4 1 LYS B 264 ? ? -57.02  78.97   
5 1 THR B 297 ? ? -57.56  -7.45   
6 1 LEU B 343 ? ? -115.85 -100.91 
# 
_pdbx_validate_peptide_omega.id               1 
_pdbx_validate_peptide_omega.PDB_model_num    1 
_pdbx_validate_peptide_omega.auth_comp_id_1   VAL 
_pdbx_validate_peptide_omega.auth_asym_id_1   A 
_pdbx_validate_peptide_omega.auth_seq_id_1    275 
_pdbx_validate_peptide_omega.PDB_ins_code_1   ? 
_pdbx_validate_peptide_omega.label_alt_id_1   ? 
_pdbx_validate_peptide_omega.auth_comp_id_2   ALA 
_pdbx_validate_peptide_omega.auth_asym_id_2   A 
_pdbx_validate_peptide_omega.auth_seq_id_2    276 
_pdbx_validate_peptide_omega.PDB_ins_code_2   ? 
_pdbx_validate_peptide_omega.label_alt_id_2   ? 
_pdbx_validate_peptide_omega.omega            147.47 
# 
loop_
_pdbx_unobs_or_zero_occ_residues.id 
_pdbx_unobs_or_zero_occ_residues.PDB_model_num 
_pdbx_unobs_or_zero_occ_residues.polymer_flag 
_pdbx_unobs_or_zero_occ_residues.occupancy_flag 
_pdbx_unobs_or_zero_occ_residues.auth_asym_id 
_pdbx_unobs_or_zero_occ_residues.auth_comp_id 
_pdbx_unobs_or_zero_occ_residues.auth_seq_id 
_pdbx_unobs_or_zero_occ_residues.PDB_ins_code 
_pdbx_unobs_or_zero_occ_residues.label_asym_id 
_pdbx_unobs_or_zero_occ_residues.label_comp_id 
_pdbx_unobs_or_zero_occ_residues.label_seq_id 
1 1 Y 1 A GLY 256 ? A GLY 1  
2 1 Y 1 A PRO 257 ? A PRO 2  
3 1 Y 1 A MET 258 ? A MET 3  
4 1 Y 1 A LYS 344 ? A LYS 89 
5 1 Y 1 B GLY 256 ? B GLY 1  
6 1 Y 1 B PRO 257 ? B PRO 2  
7 1 Y 1 B MET 258 ? B MET 3  
8 1 Y 1 B GLN 259 ? B GLN 4  
9 1 Y 1 B LEU 260 ? B LEU 5  
# 
loop_
_chem_comp_atom.comp_id 
_chem_comp_atom.atom_id 
_chem_comp_atom.type_symbol 
_chem_comp_atom.pdbx_aromatic_flag 
_chem_comp_atom.pdbx_stereo_config 
_chem_comp_atom.pdbx_ordinal 
ALA N    N N N 1   
ALA CA   C N S 2   
ALA C    C N N 3   
ALA O    O N N 4   
ALA CB   C N N 5   
ALA OXT  O N N 6   
ALA H    H N N 7   
ALA H2   H N N 8   
ALA HA   H N N 9   
ALA HB1  H N N 10  
ALA HB2  H N N 11  
ALA HB3  H N N 12  
ALA HXT  H N N 13  
ARG N    N N N 14  
ARG CA   C N S 15  
ARG C    C N N 16  
ARG O    O N N 17  
ARG CB   C N N 18  
ARG CG   C N N 19  
ARG CD   C N N 20  
ARG NE   N N N 21  
ARG CZ   C N N 22  
ARG NH1  N N N 23  
ARG NH2  N N N 24  
ARG OXT  O N N 25  
ARG H    H N N 26  
ARG H2   H N N 27  
ARG HA   H N N 28  
ARG HB2  H N N 29  
ARG HB3  H N N 30  
ARG HG2  H N N 31  
ARG HG3  H N N 32  
ARG HD2  H N N 33  
ARG HD3  H N N 34  
ARG HE   H N N 35  
ARG HH11 H N N 36  
ARG HH12 H N N 37  
ARG HH21 H N N 38  
ARG HH22 H N N 39  
ARG HXT  H N N 40  
ASP N    N N N 41  
ASP CA   C N S 42  
ASP C    C N N 43  
ASP O    O N N 44  
ASP CB   C N N 45  
ASP CG   C N N 46  
ASP OD1  O N N 47  
ASP OD2  O N N 48  
ASP OXT  O N N 49  
ASP H    H N N 50  
ASP H2   H N N 51  
ASP HA   H N N 52  
ASP HB2  H N N 53  
ASP HB3  H N N 54  
ASP HD2  H N N 55  
ASP HXT  H N N 56  
GLN N    N N N 57  
GLN CA   C N S 58  
GLN C    C N N 59  
GLN O    O N N 60  
GLN CB   C N N 61  
GLN CG   C N N 62  
GLN CD   C N N 63  
GLN OE1  O N N 64  
GLN NE2  N N N 65  
GLN OXT  O N N 66  
GLN H    H N N 67  
GLN H2   H N N 68  
GLN HA   H N N 69  
GLN HB2  H N N 70  
GLN HB3  H N N 71  
GLN HG2  H N N 72  
GLN HG3  H N N 73  
GLN HE21 H N N 74  
GLN HE22 H N N 75  
GLN HXT  H N N 76  
GLU N    N N N 77  
GLU CA   C N S 78  
GLU C    C N N 79  
GLU O    O N N 80  
GLU CB   C N N 81  
GLU CG   C N N 82  
GLU CD   C N N 83  
GLU OE1  O N N 84  
GLU OE2  O N N 85  
GLU OXT  O N N 86  
GLU H    H N N 87  
GLU H2   H N N 88  
GLU HA   H N N 89  
GLU HB2  H N N 90  
GLU HB3  H N N 91  
GLU HG2  H N N 92  
GLU HG3  H N N 93  
GLU HE2  H N N 94  
GLU HXT  H N N 95  
GLY N    N N N 96  
GLY CA   C N N 97  
GLY C    C N N 98  
GLY O    O N N 99  
GLY OXT  O N N 100 
GLY H    H N N 101 
GLY H2   H N N 102 
GLY HA2  H N N 103 
GLY HA3  H N N 104 
GLY HXT  H N N 105 
HIS N    N N N 106 
HIS CA   C N S 107 
HIS C    C N N 108 
HIS O    O N N 109 
HIS CB   C N N 110 
HIS CG   C Y N 111 
HIS ND1  N Y N 112 
HIS CD2  C Y N 113 
HIS CE1  C Y N 114 
HIS NE2  N Y N 115 
HIS OXT  O N N 116 
HIS H    H N N 117 
HIS H2   H N N 118 
HIS HA   H N N 119 
HIS HB2  H N N 120 
HIS HB3  H N N 121 
HIS HD1  H N N 122 
HIS HD2  H N N 123 
HIS HE1  H N N 124 
HIS HE2  H N N 125 
HIS HXT  H N N 126 
HOH O    O N N 127 
HOH H1   H N N 128 
HOH H2   H N N 129 
ILE N    N N N 130 
ILE CA   C N S 131 
ILE C    C N N 132 
ILE O    O N N 133 
ILE CB   C N S 134 
ILE CG1  C N N 135 
ILE CG2  C N N 136 
ILE CD1  C N N 137 
ILE OXT  O N N 138 
ILE H    H N N 139 
ILE H2   H N N 140 
ILE HA   H N N 141 
ILE HB   H N N 142 
ILE HG12 H N N 143 
ILE HG13 H N N 144 
ILE HG21 H N N 145 
ILE HG22 H N N 146 
ILE HG23 H N N 147 
ILE HD11 H N N 148 
ILE HD12 H N N 149 
ILE HD13 H N N 150 
ILE HXT  H N N 151 
LEU N    N N N 152 
LEU CA   C N S 153 
LEU C    C N N 154 
LEU O    O N N 155 
LEU CB   C N N 156 
LEU CG   C N N 157 
LEU CD1  C N N 158 
LEU CD2  C N N 159 
LEU OXT  O N N 160 
LEU H    H N N 161 
LEU H2   H N N 162 
LEU HA   H N N 163 
LEU HB2  H N N 164 
LEU HB3  H N N 165 
LEU HG   H N N 166 
LEU HD11 H N N 167 
LEU HD12 H N N 168 
LEU HD13 H N N 169 
LEU HD21 H N N 170 
LEU HD22 H N N 171 
LEU HD23 H N N 172 
LEU HXT  H N N 173 
LYS N    N N N 174 
LYS CA   C N S 175 
LYS C    C N N 176 
LYS O    O N N 177 
LYS CB   C N N 178 
LYS CG   C N N 179 
LYS CD   C N N 180 
LYS CE   C N N 181 
LYS NZ   N N N 182 
LYS OXT  O N N 183 
LYS H    H N N 184 
LYS H2   H N N 185 
LYS HA   H N N 186 
LYS HB2  H N N 187 
LYS HB3  H N N 188 
LYS HG2  H N N 189 
LYS HG3  H N N 190 
LYS HD2  H N N 191 
LYS HD3  H N N 192 
LYS HE2  H N N 193 
LYS HE3  H N N 194 
LYS HZ1  H N N 195 
LYS HZ2  H N N 196 
LYS HZ3  H N N 197 
LYS HXT  H N N 198 
MET N    N N N 199 
MET CA   C N S 200 
MET C    C N N 201 
MET O    O N N 202 
MET CB   C N N 203 
MET CG   C N N 204 
MET SD   S N N 205 
MET CE   C N N 206 
MET OXT  O N N 207 
MET H    H N N 208 
MET H2   H N N 209 
MET HA   H N N 210 
MET HB2  H N N 211 
MET HB3  H N N 212 
MET HG2  H N N 213 
MET HG3  H N N 214 
MET HE1  H N N 215 
MET HE2  H N N 216 
MET HE3  H N N 217 
MET HXT  H N N 218 
PHE N    N N N 219 
PHE CA   C N S 220 
PHE C    C N N 221 
PHE O    O N N 222 
PHE CB   C N N 223 
PHE CG   C Y N 224 
PHE CD1  C Y N 225 
PHE CD2  C Y N 226 
PHE CE1  C Y N 227 
PHE CE2  C Y N 228 
PHE CZ   C Y N 229 
PHE OXT  O N N 230 
PHE H    H N N 231 
PHE H2   H N N 232 
PHE HA   H N N 233 
PHE HB2  H N N 234 
PHE HB3  H N N 235 
PHE HD1  H N N 236 
PHE HD2  H N N 237 
PHE HE1  H N N 238 
PHE HE2  H N N 239 
PHE HZ   H N N 240 
PHE HXT  H N N 241 
PRO N    N N N 242 
PRO CA   C N S 243 
PRO C    C N N 244 
PRO O    O N N 245 
PRO CB   C N N 246 
PRO CG   C N N 247 
PRO CD   C N N 248 
PRO OXT  O N N 249 
PRO H    H N N 250 
PRO HA   H N N 251 
PRO HB2  H N N 252 
PRO HB3  H N N 253 
PRO HG2  H N N 254 
PRO HG3  H N N 255 
PRO HD2  H N N 256 
PRO HD3  H N N 257 
PRO HXT  H N N 258 
SER N    N N N 259 
SER CA   C N S 260 
SER C    C N N 261 
SER O    O N N 262 
SER CB   C N N 263 
SER OG   O N N 264 
SER OXT  O N N 265 
SER H    H N N 266 
SER H2   H N N 267 
SER HA   H N N 268 
SER HB2  H N N 269 
SER HB3  H N N 270 
SER HG   H N N 271 
SER HXT  H N N 272 
THR N    N N N 273 
THR CA   C N S 274 
THR C    C N N 275 
THR O    O N N 276 
THR CB   C N R 277 
THR OG1  O N N 278 
THR CG2  C N N 279 
THR OXT  O N N 280 
THR H    H N N 281 
THR H2   H N N 282 
THR HA   H N N 283 
THR HB   H N N 284 
THR HG1  H N N 285 
THR HG21 H N N 286 
THR HG22 H N N 287 
THR HG23 H N N 288 
THR HXT  H N N 289 
TYR N    N N N 290 
TYR CA   C N S 291 
TYR C    C N N 292 
TYR O    O N N 293 
TYR CB   C N N 294 
TYR CG   C Y N 295 
TYR CD1  C Y N 296 
TYR CD2  C Y N 297 
TYR CE1  C Y N 298 
TYR CE2  C Y N 299 
TYR CZ   C Y N 300 
TYR OH   O N N 301 
TYR OXT  O N N 302 
TYR H    H N N 303 
TYR H2   H N N 304 
TYR HA   H N N 305 
TYR HB2  H N N 306 
TYR HB3  H N N 307 
TYR HD1  H N N 308 
TYR HD2  H N N 309 
TYR HE1  H N N 310 
TYR HE2  H N N 311 
TYR HH   H N N 312 
TYR HXT  H N N 313 
VAL N    N N N 314 
VAL CA   C N S 315 
VAL C    C N N 316 
VAL O    O N N 317 
VAL CB   C N N 318 
VAL CG1  C N N 319 
VAL CG2  C N N 320 
VAL OXT  O N N 321 
VAL H    H N N 322 
VAL H2   H N N 323 
VAL HA   H N N 324 
VAL HB   H N N 325 
VAL HG11 H N N 326 
VAL HG12 H N N 327 
VAL HG13 H N N 328 
VAL HG21 H N N 329 
VAL HG22 H N N 330 
VAL HG23 H N N 331 
VAL HXT  H N N 332 
# 
loop_
_chem_comp_bond.comp_id 
_chem_comp_bond.atom_id_1 
_chem_comp_bond.atom_id_2 
_chem_comp_bond.value_order 
_chem_comp_bond.pdbx_aromatic_flag 
_chem_comp_bond.pdbx_stereo_config 
_chem_comp_bond.pdbx_ordinal 
ALA N   CA   sing N N 1   
ALA N   H    sing N N 2   
ALA N   H2   sing N N 3   
ALA CA  C    sing N N 4   
ALA CA  CB   sing N N 5   
ALA CA  HA   sing N N 6   
ALA C   O    doub N N 7   
ALA C   OXT  sing N N 8   
ALA CB  HB1  sing N N 9   
ALA CB  HB2  sing N N 10  
ALA CB  HB3  sing N N 11  
ALA OXT HXT  sing N N 12  
ARG N   CA   sing N N 13  
ARG N   H    sing N N 14  
ARG N   H2   sing N N 15  
ARG CA  C    sing N N 16  
ARG CA  CB   sing N N 17  
ARG CA  HA   sing N N 18  
ARG C   O    doub N N 19  
ARG C   OXT  sing N N 20  
ARG CB  CG   sing N N 21  
ARG CB  HB2  sing N N 22  
ARG CB  HB3  sing N N 23  
ARG CG  CD   sing N N 24  
ARG CG  HG2  sing N N 25  
ARG CG  HG3  sing N N 26  
ARG CD  NE   sing N N 27  
ARG CD  HD2  sing N N 28  
ARG CD  HD3  sing N N 29  
ARG NE  CZ   sing N N 30  
ARG NE  HE   sing N N 31  
ARG CZ  NH1  sing N N 32  
ARG CZ  NH2  doub N N 33  
ARG NH1 HH11 sing N N 34  
ARG NH1 HH12 sing N N 35  
ARG NH2 HH21 sing N N 36  
ARG NH2 HH22 sing N N 37  
ARG OXT HXT  sing N N 38  
ASP N   CA   sing N N 39  
ASP N   H    sing N N 40  
ASP N   H2   sing N N 41  
ASP CA  C    sing N N 42  
ASP CA  CB   sing N N 43  
ASP CA  HA   sing N N 44  
ASP C   O    doub N N 45  
ASP C   OXT  sing N N 46  
ASP CB  CG   sing N N 47  
ASP CB  HB2  sing N N 48  
ASP CB  HB3  sing N N 49  
ASP CG  OD1  doub N N 50  
ASP CG  OD2  sing N N 51  
ASP OD2 HD2  sing N N 52  
ASP OXT HXT  sing N N 53  
GLN N   CA   sing N N 54  
GLN N   H    sing N N 55  
GLN N   H2   sing N N 56  
GLN CA  C    sing N N 57  
GLN CA  CB   sing N N 58  
GLN CA  HA   sing N N 59  
GLN C   O    doub N N 60  
GLN C   OXT  sing N N 61  
GLN CB  CG   sing N N 62  
GLN CB  HB2  sing N N 63  
GLN CB  HB3  sing N N 64  
GLN CG  CD   sing N N 65  
GLN CG  HG2  sing N N 66  
GLN CG  HG3  sing N N 67  
GLN CD  OE1  doub N N 68  
GLN CD  NE2  sing N N 69  
GLN NE2 HE21 sing N N 70  
GLN NE2 HE22 sing N N 71  
GLN OXT HXT  sing N N 72  
GLU N   CA   sing N N 73  
GLU N   H    sing N N 74  
GLU N   H2   sing N N 75  
GLU CA  C    sing N N 76  
GLU CA  CB   sing N N 77  
GLU CA  HA   sing N N 78  
GLU C   O    doub N N 79  
GLU C   OXT  sing N N 80  
GLU CB  CG   sing N N 81  
GLU CB  HB2  sing N N 82  
GLU CB  HB3  sing N N 83  
GLU CG  CD   sing N N 84  
GLU CG  HG2  sing N N 85  
GLU CG  HG3  sing N N 86  
GLU CD  OE1  doub N N 87  
GLU CD  OE2  sing N N 88  
GLU OE2 HE2  sing N N 89  
GLU OXT HXT  sing N N 90  
GLY N   CA   sing N N 91  
GLY N   H    sing N N 92  
GLY N   H2   sing N N 93  
GLY CA  C    sing N N 94  
GLY CA  HA2  sing N N 95  
GLY CA  HA3  sing N N 96  
GLY C   O    doub N N 97  
GLY C   OXT  sing N N 98  
GLY OXT HXT  sing N N 99  
HIS N   CA   sing N N 100 
HIS N   H    sing N N 101 
HIS N   H2   sing N N 102 
HIS CA  C    sing N N 103 
HIS CA  CB   sing N N 104 
HIS CA  HA   sing N N 105 
HIS C   O    doub N N 106 
HIS C   OXT  sing N N 107 
HIS CB  CG   sing N N 108 
HIS CB  HB2  sing N N 109 
HIS CB  HB3  sing N N 110 
HIS CG  ND1  sing Y N 111 
HIS CG  CD2  doub Y N 112 
HIS ND1 CE1  doub Y N 113 
HIS ND1 HD1  sing N N 114 
HIS CD2 NE2  sing Y N 115 
HIS CD2 HD2  sing N N 116 
HIS CE1 NE2  sing Y N 117 
HIS CE1 HE1  sing N N 118 
HIS NE2 HE2  sing N N 119 
HIS OXT HXT  sing N N 120 
HOH O   H1   sing N N 121 
HOH O   H2   sing N N 122 
ILE N   CA   sing N N 123 
ILE N   H    sing N N 124 
ILE N   H2   sing N N 125 
ILE CA  C    sing N N 126 
ILE CA  CB   sing N N 127 
ILE CA  HA   sing N N 128 
ILE C   O    doub N N 129 
ILE C   OXT  sing N N 130 
ILE CB  CG1  sing N N 131 
ILE CB  CG2  sing N N 132 
ILE CB  HB   sing N N 133 
ILE CG1 CD1  sing N N 134 
ILE CG1 HG12 sing N N 135 
ILE CG1 HG13 sing N N 136 
ILE CG2 HG21 sing N N 137 
ILE CG2 HG22 sing N N 138 
ILE CG2 HG23 sing N N 139 
ILE CD1 HD11 sing N N 140 
ILE CD1 HD12 sing N N 141 
ILE CD1 HD13 sing N N 142 
ILE OXT HXT  sing N N 143 
LEU N   CA   sing N N 144 
LEU N   H    sing N N 145 
LEU N   H2   sing N N 146 
LEU CA  C    sing N N 147 
LEU CA  CB   sing N N 148 
LEU CA  HA   sing N N 149 
LEU C   O    doub N N 150 
LEU C   OXT  sing N N 151 
LEU CB  CG   sing N N 152 
LEU CB  HB2  sing N N 153 
LEU CB  HB3  sing N N 154 
LEU CG  CD1  sing N N 155 
LEU CG  CD2  sing N N 156 
LEU CG  HG   sing N N 157 
LEU CD1 HD11 sing N N 158 
LEU CD1 HD12 sing N N 159 
LEU CD1 HD13 sing N N 160 
LEU CD2 HD21 sing N N 161 
LEU CD2 HD22 sing N N 162 
LEU CD2 HD23 sing N N 163 
LEU OXT HXT  sing N N 164 
LYS N   CA   sing N N 165 
LYS N   H    sing N N 166 
LYS N   H2   sing N N 167 
LYS CA  C    sing N N 168 
LYS CA  CB   sing N N 169 
LYS CA  HA   sing N N 170 
LYS C   O    doub N N 171 
LYS C   OXT  sing N N 172 
LYS CB  CG   sing N N 173 
LYS CB  HB2  sing N N 174 
LYS CB  HB3  sing N N 175 
LYS CG  CD   sing N N 176 
LYS CG  HG2  sing N N 177 
LYS CG  HG3  sing N N 178 
LYS CD  CE   sing N N 179 
LYS CD  HD2  sing N N 180 
LYS CD  HD3  sing N N 181 
LYS CE  NZ   sing N N 182 
LYS CE  HE2  sing N N 183 
LYS CE  HE3  sing N N 184 
LYS NZ  HZ1  sing N N 185 
LYS NZ  HZ2  sing N N 186 
LYS NZ  HZ3  sing N N 187 
LYS OXT HXT  sing N N 188 
MET N   CA   sing N N 189 
MET N   H    sing N N 190 
MET N   H2   sing N N 191 
MET CA  C    sing N N 192 
MET CA  CB   sing N N 193 
MET CA  HA   sing N N 194 
MET C   O    doub N N 195 
MET C   OXT  sing N N 196 
MET CB  CG   sing N N 197 
MET CB  HB2  sing N N 198 
MET CB  HB3  sing N N 199 
MET CG  SD   sing N N 200 
MET CG  HG2  sing N N 201 
MET CG  HG3  sing N N 202 
MET SD  CE   sing N N 203 
MET CE  HE1  sing N N 204 
MET CE  HE2  sing N N 205 
MET CE  HE3  sing N N 206 
MET OXT HXT  sing N N 207 
PHE N   CA   sing N N 208 
PHE N   H    sing N N 209 
PHE N   H2   sing N N 210 
PHE CA  C    sing N N 211 
PHE CA  CB   sing N N 212 
PHE CA  HA   sing N N 213 
PHE C   O    doub N N 214 
PHE C   OXT  sing N N 215 
PHE CB  CG   sing N N 216 
PHE CB  HB2  sing N N 217 
PHE CB  HB3  sing N N 218 
PHE CG  CD1  doub Y N 219 
PHE CG  CD2  sing Y N 220 
PHE CD1 CE1  sing Y N 221 
PHE CD1 HD1  sing N N 222 
PHE CD2 CE2  doub Y N 223 
PHE CD2 HD2  sing N N 224 
PHE CE1 CZ   doub Y N 225 
PHE CE1 HE1  sing N N 226 
PHE CE2 CZ   sing Y N 227 
PHE CE2 HE2  sing N N 228 
PHE CZ  HZ   sing N N 229 
PHE OXT HXT  sing N N 230 
PRO N   CA   sing N N 231 
PRO N   CD   sing N N 232 
PRO N   H    sing N N 233 
PRO CA  C    sing N N 234 
PRO CA  CB   sing N N 235 
PRO CA  HA   sing N N 236 
PRO C   O    doub N N 237 
PRO C   OXT  sing N N 238 
PRO CB  CG   sing N N 239 
PRO CB  HB2  sing N N 240 
PRO CB  HB3  sing N N 241 
PRO CG  CD   sing N N 242 
PRO CG  HG2  sing N N 243 
PRO CG  HG3  sing N N 244 
PRO CD  HD2  sing N N 245 
PRO CD  HD3  sing N N 246 
PRO OXT HXT  sing N N 247 
SER N   CA   sing N N 248 
SER N   H    sing N N 249 
SER N   H2   sing N N 250 
SER CA  C    sing N N 251 
SER CA  CB   sing N N 252 
SER CA  HA   sing N N 253 
SER C   O    doub N N 254 
SER C   OXT  sing N N 255 
SER CB  OG   sing N N 256 
SER CB  HB2  sing N N 257 
SER CB  HB3  sing N N 258 
SER OG  HG   sing N N 259 
SER OXT HXT  sing N N 260 
THR N   CA   sing N N 261 
THR N   H    sing N N 262 
THR N   H2   sing N N 263 
THR CA  C    sing N N 264 
THR CA  CB   sing N N 265 
THR CA  HA   sing N N 266 
THR C   O    doub N N 267 
THR C   OXT  sing N N 268 
THR CB  OG1  sing N N 269 
THR CB  CG2  sing N N 270 
THR CB  HB   sing N N 271 
THR OG1 HG1  sing N N 272 
THR CG2 HG21 sing N N 273 
THR CG2 HG22 sing N N 274 
THR CG2 HG23 sing N N 275 
THR OXT HXT  sing N N 276 
TYR N   CA   sing N N 277 
TYR N   H    sing N N 278 
TYR N   H2   sing N N 279 
TYR CA  C    sing N N 280 
TYR CA  CB   sing N N 281 
TYR CA  HA   sing N N 282 
TYR C   O    doub N N 283 
TYR C   OXT  sing N N 284 
TYR CB  CG   sing N N 285 
TYR CB  HB2  sing N N 286 
TYR CB  HB3  sing N N 287 
TYR CG  CD1  doub Y N 288 
TYR CG  CD2  sing Y N 289 
TYR CD1 CE1  sing Y N 290 
TYR CD1 HD1  sing N N 291 
TYR CD2 CE2  doub Y N 292 
TYR CD2 HD2  sing N N 293 
TYR CE1 CZ   doub Y N 294 
TYR CE1 HE1  sing N N 295 
TYR CE2 CZ   sing Y N 296 
TYR CE2 HE2  sing N N 297 
TYR CZ  OH   sing N N 298 
TYR OH  HH   sing N N 299 
TYR OXT HXT  sing N N 300 
VAL N   CA   sing N N 301 
VAL N   H    sing N N 302 
VAL N   H2   sing N N 303 
VAL CA  C    sing N N 304 
VAL CA  CB   sing N N 305 
VAL CA  HA   sing N N 306 
VAL C   O    doub N N 307 
VAL C   OXT  sing N N 308 
VAL CB  CG1  sing N N 309 
VAL CB  CG2  sing N N 310 
VAL CB  HB   sing N N 311 
VAL CG1 HG11 sing N N 312 
VAL CG1 HG12 sing N N 313 
VAL CG1 HG13 sing N N 314 
VAL CG2 HG21 sing N N 315 
VAL CG2 HG22 sing N N 316 
VAL CG2 HG23 sing N N 317 
VAL OXT HXT  sing N N 318 
# 
_pdbx_initial_refinement_model.id               1 
_pdbx_initial_refinement_model.entity_id_list   ? 
_pdbx_initial_refinement_model.type             'experimental model' 
_pdbx_initial_refinement_model.source_name      PDB 
_pdbx_initial_refinement_model.accession_code   3F89 
_pdbx_initial_refinement_model.details          ? 
# 
_atom_sites.entry_id                    6YEK 
_atom_sites.Cartn_transf_matrix[1][1]   ? 
_atom_sites.Cartn_transf_matrix[1][2]   ? 
_atom_sites.Cartn_transf_matrix[1][3]   ? 
_atom_sites.Cartn_transf_matrix[2][1]   ? 
_atom_sites.Cartn_transf_matrix[2][2]   ? 
_atom_sites.Cartn_transf_matrix[2][3]   ? 
_atom_sites.Cartn_transf_matrix[3][1]   ? 
_atom_sites.Cartn_transf_matrix[3][2]   ? 
_atom_sites.Cartn_transf_matrix[3][3]   ? 
_atom_sites.Cartn_transf_vector[1]      ? 
_atom_sites.Cartn_transf_vector[2]      ? 
_atom_sites.Cartn_transf_vector[3]      ? 
_atom_sites.fract_transf_matrix[1][1]   -0.01017657 
_atom_sites.fract_transf_matrix[1][2]   0.00523310 
_atom_sites.fract_transf_matrix[1][3]   0.00223779 
_atom_sites.fract_transf_matrix[2][1]   0.00367661 
_atom_sites.fract_transf_matrix[2][2]   0.00954402 
_atom_sites.fract_transf_matrix[2][3]   -0.00559910 
_atom_sites.fract_transf_matrix[3][1]   -0.00376334 
_atom_sites.fract_transf_matrix[3][2]   -0.00362174 
_atom_sites.fract_transf_matrix[3][3]   -0.00864467 
_atom_sites.fract_transf_vector[1]      0.292123 
_atom_sites.fract_transf_vector[2]      0.909622 
_atom_sites.fract_transf_vector[3]      0.501985 
_atom_sites.solution_primary            ? 
_atom_sites.solution_secondary          ? 
_atom_sites.solution_hydrogens          ? 
_atom_sites.special_details             ? 
# 
loop_
_atom_type.symbol 
C 
N 
O 
S 
# 
loop_
_atom_site.group_PDB 
_atom_site.id 
_atom_site.type_symbol 
_atom_site.label_atom_id 
_atom_site.label_alt_id 
_atom_site.label_comp_id 
_atom_site.label_asym_id 
_atom_site.label_entity_id 
_atom_site.label_seq_id 
_atom_site.pdbx_PDB_ins_code 
_atom_site.Cartn_x 
_atom_site.Cartn_y 
_atom_site.Cartn_z 
_atom_site.occupancy 
_atom_site.B_iso_or_equiv 
_atom_site.pdbx_formal_charge 
_atom_site.auth_seq_id 
_atom_site.auth_comp_id 
_atom_site.auth_asym_id 
_atom_site.auth_atom_id 
_atom_site.pdbx_PDB_model_num 
ATOM   1    N N   . GLN A 1 4  ? 29.04657  -50.76668 -31.87667 1.000 144.25144 ? 259 GLN A N   1 
ATOM   2    C CA  . GLN A 1 4  ? 28.77810  -51.67482 -30.76703 1.000 149.14144 ? 259 GLN A CA  1 
ATOM   3    C C   . GLN A 1 4  ? 27.92327  -50.99912 -29.67926 1.000 151.24144 ? 259 GLN A C   1 
ATOM   4    O O   . GLN A 1 4  ? 26.70933  -51.22992 -29.59153 1.000 146.88144 ? 259 GLN A O   1 
ATOM   5    C CB  . GLN A 1 4  ? 30.09277  -52.16457 -30.17128 1.000 149.36144 ? 259 GLN A CB  1 
ATOM   6    C CG  . GLN A 1 4  ? 29.90027  -53.12740 -29.03614 1.000 147.99144 ? 259 GLN A CG  1 
ATOM   7    C CD  . GLN A 1 4  ? 31.03184  -53.07598 -28.05680 1.000 146.30144 ? 259 GLN A CD  1 
ATOM   8    O OE1 . GLN A 1 4  ? 30.96242  -52.35449 -27.05445 1.000 146.59144 ? 259 GLN A OE1 1 
ATOM   9    N NE2 . GLN A 1 4  ? 32.08274  -53.83549 -28.32691 1.000 142.48144 ? 259 GLN A NE2 1 
ATOM   10   N N   . LEU A 1 5  ? 28.56913  -50.18093 -28.84339 1.000 151.65860 ? 260 LEU A N   1 
ATOM   11   C CA  . LEU A 1 5  ? 27.87399  -49.30615 -27.89574 1.000 148.96860 ? 260 LEU A CA  1 
ATOM   12   C C   . LEU A 1 5  ? 28.86852  -48.31174 -27.30408 1.000 148.73860 ? 260 LEU A C   1 
ATOM   13   O O   . LEU A 1 5  ? 29.38727  -48.53406 -26.20114 1.000 144.91860 ? 260 LEU A O   1 
ATOM   14   C CB  . LEU A 1 5  ? 27.17403  -50.10788 -26.79599 1.000 141.97860 ? 260 LEU A CB  1 
ATOM   15   C CG  . LEU A 1 5  ? 26.13063  -49.35329 -25.96070 1.000 137.73860 ? 260 LEU A CG  1 
ATOM   16   C CD1 . LEU A 1 5  ? 24.82364  -49.22118 -26.71070 1.000 139.15860 ? 260 LEU A CD1 1 
ATOM   17   C CD2 . LEU A 1 5  ? 25.90076  -50.05306 -24.61337 1.000 138.46860 ? 260 LEU A CD2 1 
ATOM   18   N N   . GLU A 1 6  ? 29.14608  -47.21658 -28.03862 1.000 148.05353 ? 261 GLU A N   1 
ATOM   19   C CA  . GLU A 1 6  ? 30.07588  -46.20401 -27.55005 1.000 146.60353 ? 261 GLU A CA  1 
ATOM   20   C C   . GLU A 1 6  ? 29.40000  -45.15823 -26.69779 1.000 147.55353 ? 261 GLU A C   1 
ATOM   21   O O   . GLU A 1 6  ? 30.07232  -44.22424 -26.26595 1.000 145.84353 ? 261 GLU A O   1 
ATOM   22   C CB  . GLU A 1 6  ? 30.70695  -45.34374 -28.65938 1.000 149.60353 ? 261 GLU A CB  1 
ATOM   23   C CG  . GLU A 1 6  ? 29.67744  -44.31548 -29.25217 1.000 148.35353 ? 261 GLU A CG  1 
ATOM   24   C CD  . GLU A 1 6  ? 30.32301  -43.06189 -29.86937 1.000 145.44353 ? 261 GLU A CD  1 
ATOM   25   O OE1 . GLU A 1 6  ? 29.68565  -42.40136 -30.71991 1.000 141.98353 ? 261 GLU A OE1 1 
ATOM   26   O OE2 . GLU A 1 6  ? 31.45256  -42.71103 -29.46205 1.000 141.66353 ? 261 GLU A OE2 1 
ATOM   27   N N   . ASP A 1 7  ? 28.10711  -45.28659 -26.44850 1.000 149.69865 ? 262 ASP A N   1 
ATOM   28   C CA  . ASP A 1 7  ? 27.40441  -44.42127 -25.52177 1.000 141.10865 ? 262 ASP A CA  1 
ATOM   29   C C   . ASP A 1 7  ? 27.13989  -45.07038 -24.16223 1.000 138.73865 ? 262 ASP A C   1 
ATOM   30   O O   . ASP A 1 7  ? 26.34008  -44.53923 -23.38818 1.000 138.18865 ? 262 ASP A O   1 
ATOM   31   C CB  . ASP A 1 7  ? 26.13378  -43.90294 -26.21951 1.000 139.33865 ? 262 ASP A CB  1 
ATOM   32   C CG  . ASP A 1 7  ? 25.10912  -45.00082 -26.52888 1.000 142.80865 ? 262 ASP A CG  1 
ATOM   33   O OD1 . ASP A 1 7  ? 25.29688  -46.16701 -26.11136 1.000 143.51865 ? 262 ASP A OD1 1 
ATOM   34   O OD2 . ASP A 1 7  ? 24.13780  -44.70083 -27.26377 1.000 135.48865 ? 262 ASP A OD2 1 
ATOM   35   N N   . LEU A 1 8  ? 27.80447  -46.19648 -23.85559 1.000 139.39223 ? 263 LEU A N   1 
ATOM   36   C CA  . LEU A 1 8  ? 27.75487  -46.78645 -22.51491 1.000 137.71223 ? 263 LEU A CA  1 
ATOM   37   C C   . LEU A 1 8  ? 28.16315  -45.78095 -21.42701 1.000 136.37223 ? 263 LEU A C   1 
ATOM   38   O O   . LEU A 1 8  ? 27.35549  -45.42382 -20.56285 1.000 130.66223 ? 263 LEU A O   1 
ATOM   39   C CB  . LEU A 1 8  ? 28.59066  -48.08864 -22.47130 1.000 139.82223 ? 263 LEU A CB  1 
ATOM   40   C CG  . LEU A 1 8  ? 30.08203  -48.35771 -22.71194 1.000 133.07223 ? 263 LEU A CG  1 
ATOM   41   C CD1 . LEU A 1 8  ? 30.77789  -48.39347 -21.39300 1.000 124.03223 ? 263 LEU A CD1 1 
ATOM   42   C CD2 . LEU A 1 8  ? 30.29027  -49.69161 -23.41460 1.000 131.49223 ? 263 LEU A CD2 1 
ATOM   43   N N   . LYS A 1 9  ? 29.40022  -45.27763 -21.47167 1.000 140.37745 ? 264 LYS A N   1 
ATOM   44   C CA  . LYS A 1 9  ? 29.80625  -44.13886 -20.64753 1.000 136.81745 ? 264 LYS A CA  1 
ATOM   45   C C   . LYS A 1 9  ? 30.08304  -42.90903 -21.51369 1.000 141.93745 ? 264 LYS A C   1 
ATOM   46   O O   . LYS A 1 9  ? 30.91040  -42.06961 -21.14869 1.000 140.11745 ? 264 LYS A O   1 
ATOM   47   C CB  . LYS A 1 9  ? 31.03754  -44.48153 -19.79343 1.000 125.61745 ? 264 LYS A CB  1 
ATOM   48   C CG  . LYS A 1 9  ? 30.78481  -44.61252 -18.28229 1.000 124.45745 ? 264 LYS A CG  1 
ATOM   49   C CD  . LYS A 1 9  ? 32.06720  -44.82914 -17.44019 1.000 123.42745 ? 264 LYS A CD  1 
ATOM   50   C CE  . LYS A 1 9  ? 31.74883  -44.94096 -15.92689 1.000 116.52745 ? 264 LYS A CE  1 
ATOM   51   N NZ  . LYS A 1 9  ? 32.83753  -45.25570 -14.94796 1.000 111.80745 ? 264 LYS A NZ  1 
ATOM   52   N N   . GLN A 1 10 ? 29.32975  -42.74802 -22.61871 1.000 144.83387 ? 265 GLN A N   1 
ATOM   53   C CA  . GLN A 1 10 ? 29.31741  -41.52491 -23.42423 1.000 139.55387 ? 265 GLN A CA  1 
ATOM   54   C C   . GLN A 1 10 ? 27.98050  -40.81386 -23.40416 1.000 135.96387 ? 265 GLN A C   1 
ATOM   55   O O   . GLN A 1 10 ? 27.77917  -39.87542 -24.18727 1.000 134.24387 ? 265 GLN A O   1 
ATOM   56   C CB  . GLN A 1 10 ? 29.63252  -41.84097 -24.88758 1.000 140.41387 ? 265 GLN A CB  1 
ATOM   57   C CG  . GLN A 1 10 ? 30.29930  -40.77878 -25.74753 1.000 141.71387 ? 265 GLN A CG  1 
ATOM   58   C CD  . GLN A 1 10 ? 31.80383  -40.77997 -25.64097 1.000 146.25387 ? 265 GLN A CD  1 
ATOM   59   O OE1 . GLN A 1 10 ? 32.36119  -40.62692 -24.55540 1.000 147.34387 ? 265 GLN A OE1 1 
ATOM   60   N NE2 . GLN A 1 10 ? 32.47619  -40.97621 -26.77560 1.000 146.83387 ? 265 GLN A NE2 1 
ATOM   61   N N   . GLN A 1 11 ? 27.04577  -41.25056 -22.56952 1.000 135.88723 ? 266 GLN A N   1 
ATOM   62   C CA  . GLN A 1 11 ? 25.77678  -40.55631 -22.49683 1.000 134.23723 ? 266 GLN A CA  1 
ATOM   63   C C   . GLN A 1 11 ? 25.77706  -39.57985 -21.34102 1.000 125.02723 ? 266 GLN A C   1 
ATOM   64   O O   . GLN A 1 11 ? 24.77646  -38.90249 -21.11577 1.000 119.82723 ? 266 GLN A O   1 
ATOM   65   C CB  . GLN A 1 11 ? 24.60984  -41.53578 -22.45770 1.000 131.57723 ? 266 GLN A CB  1 
ATOM   66   C CG  . GLN A 1 11 ? 24.14332  -41.94612 -23.86818 1.000 130.01723 ? 266 GLN A CG  1 
ATOM   67   C CD  . GLN A 1 11 ? 24.23422  -40.80964 -24.91587 1.000 132.40723 ? 266 GLN A CD  1 
ATOM   68   O OE1 . GLN A 1 11 ? 25.31674  -40.42270 -25.38238 1.000 138.41723 ? 266 GLN A OE1 1 
ATOM   69   N NE2 . GLN A 1 11 ? 23.07914  -40.29915 -25.30482 1.000 125.78723 ? 266 GLN A NE2 1 
ATOM   70   N N   . LEU A 1 12 ? 26.93005  -39.43211 -20.67923 1.000 123.52153 ? 267 LEU A N   1 
ATOM   71   C CA  . LEU A 1 12 ? 27.16732  -38.35143 -19.73286 1.000 119.72153 ? 267 LEU A CA  1 
ATOM   72   C C   . LEU A 1 12 ? 27.47289  -37.06422 -20.48853 1.000 117.79153 ? 267 LEU A C   1 
ATOM   73   O O   . LEU A 1 12 ? 27.14897  -35.96231 -20.01591 1.000 107.51153 ? 267 LEU A O   1 
ATOM   74   C CB  . LEU A 1 12 ? 28.33830  -38.71802 -18.81362 1.000 110.82153 ? 267 LEU A CB  1 
ATOM   75   C CG  . LEU A 1 12 ? 28.30115  -39.76227 -17.71197 1.000 111.70153 ? 267 LEU A CG  1 
ATOM   76   C CD1 . LEU A 1 12 ? 27.44357  -39.25295 -16.62648 1.000 107.42153 ? 267 LEU A CD1 1 
ATOM   77   C CD2 . LEU A 1 12 ? 27.71469  -41.06046 -18.21207 1.000 123.18153 ? 267 LEU A CD2 1 
ATOM   78   N N   . GLN A 1 13 ? 28.01678  -37.21605 -21.70086 1.000 124.21074 ? 268 GLN A N   1 
ATOM   79   C CA  . GLN A 1 13 ? 28.31263  -36.11822 -22.61292 1.000 123.62074 ? 268 GLN A CA  1 
ATOM   80   C C   . GLN A 1 13 ? 27.07424  -35.32648 -22.97550 1.000 117.08074 ? 268 GLN A C   1 
ATOM   81   O O   . GLN A 1 13 ? 27.18503  -34.21041 -23.49588 1.000 112.81074 ? 268 GLN A O   1 
ATOM   82   C CB  . GLN A 1 13 ? 28.90011  -36.74780 -23.88125 1.000 123.30074 ? 268 GLN A CB  1 
ATOM   83   C CG  . GLN A 1 13 ? 29.00075  -35.86887 -25.11164 1.000 119.13074 ? 268 GLN A CG  1 
ATOM   84   C CD  . GLN A 1 13 ? 29.98288  -36.41006 -26.12918 1.000 128.90074 ? 268 GLN A CD  1 
ATOM   85   O OE1 . GLN A 1 13 ? 31.05751  -36.93042 -25.78701 1.000 132.51074 ? 268 GLN A OE1 1 
ATOM   86   N NE2 . GLN A 1 13 ? 29.61363  -36.29447 -27.40306 1.000 133.52074 ? 268 GLN A NE2 1 
ATOM   87   N N   . GLN A 1 14 ? 25.91024  -35.85321 -22.62732 1.000 114.51538 ? 269 GLN A N   1 
ATOM   88   C CA  . GLN A 1 14 ? 24.63318  -35.17949 -22.73838 1.000 115.21538 ? 269 GLN A CA  1 
ATOM   89   C C   . GLN A 1 14 ? 23.99157  -34.93678 -21.38730 1.000 114.15538 ? 269 GLN A C   1 
ATOM   90   O O   . GLN A 1 14 ? 23.14153  -34.04517 -21.26819 1.000 104.67538 ? 269 GLN A O   1 
ATOM   91   C CB  . GLN A 1 14 ? 23.72237  -36.01396 -23.63231 1.000 111.85538 ? 269 GLN A CB  1 
ATOM   92   C CG  . GLN A 1 14 ? 23.48478  -35.41041 -24.94724 1.000 103.12538 ? 269 GLN A CG  1 
ATOM   93   C CD  . GLN A 1 14 ? 22.70172  -36.35313 -25.78341 1.000 110.66538 ? 269 GLN A CD  1 
ATOM   94   O OE1 . GLN A 1 14 ? 22.85868  -37.56876 -25.66622 1.000 123.39538 ? 269 GLN A OE1 1 
ATOM   95   N NE2 . GLN A 1 14 ? 21.85966  -35.82716 -26.63337 1.000 107.31538 ? 269 GLN A NE2 1 
ATOM   96   N N   . ALA A 1 15 ? 24.34146  -35.74850 -20.38424 1.000 114.81363 ? 270 ALA A N   1 
ATOM   97   C CA  . ALA A 1 15 ? 23.79851  -35.57085 -19.04876 1.000 108.30363 ? 270 ALA A CA  1 
ATOM   98   C C   . ALA A 1 15 ? 24.41528  -34.35072 -18.39771 1.000 104.97363 ? 270 ALA A C   1 
ATOM   99   O O   . ALA A 1 15 ? 23.70384  -33.53082 -17.80608 1.000 97.77363  ? 270 ALA A O   1 
ATOM   100  C CB  . ALA A 1 15 ? 24.04459  -36.81655 -18.19017 1.000 112.93363 ? 270 ALA A CB  1 
ATOM   101  N N   . GLU A 1 16 ? 25.73233  -34.17201 -18.55637 1.000 107.58563 ? 271 GLU A N   1 
ATOM   102  C CA  . GLU A 1 16 ? 26.37302  -33.01949 -17.92886 1.000 104.75563 ? 271 GLU A CA  1 
ATOM   103  C C   . GLU A 1 16 ? 26.12847  -31.71822 -18.70236 1.000 90.60563  ? 271 GLU A C   1 
ATOM   104  O O   . GLU A 1 16 ? 26.05064  -30.66357 -18.07033 1.000 80.89563  ? 271 GLU A O   1 
ATOM   105  C CB  . GLU A 1 16 ? 27.86874  -33.31571 -17.75401 1.000 100.93563 ? 271 GLU A CB  1 
ATOM   106  C CG  . GLU A 1 16 ? 28.17500  -34.21330 -16.54096 1.000 96.79563  ? 271 GLU A CG  1 
ATOM   107  C CD  . GLU A 1 16 ? 29.15920  -35.36842 -16.85157 1.000 110.78563 ? 271 GLU A CD  1 
ATOM   108  O OE1 . GLU A 1 16 ? 29.51859  -35.56703 -18.04181 1.000 109.15563 ? 271 GLU A OE1 1 
ATOM   109  O OE2 . GLU A 1 16 ? 29.54876  -36.10538 -15.90579 1.000 108.06563 ? 271 GLU A OE2 1 
ATOM   110  N N   . GLU A 1 17 ? 25.92620  -31.79502 -20.03865 1.000 97.06614  ? 272 GLU A N   1 
ATOM   111  C CA  . GLU A 1 17 ? 25.48619  -30.68706 -20.91566 1.000 98.18614  ? 272 GLU A CA  1 
ATOM   112  C C   . GLU A 1 17 ? 24.09929  -30.10725 -20.63762 1.000 90.73614  ? 272 GLU A C   1 
ATOM   113  O O   . GLU A 1 17 ? 23.82114  -28.96561 -21.01732 1.000 85.60614  ? 272 GLU A O   1 
ATOM   114  C CB  . GLU A 1 17 ? 25.46135  -31.18523 -22.36631 1.000 100.89614 ? 272 GLU A CB  1 
ATOM   115  C CG  . GLU A 1 17 ? 25.26935  -30.10857 -23.40951 1.000 99.42614  ? 272 GLU A CG  1 
ATOM   116  C CD  . GLU A 1 17 ? 25.62313  -30.56910 -24.79899 1.000 98.12614  ? 272 GLU A CD  1 
ATOM   117  O OE1 . GLU A 1 17 ? 24.75398  -30.46149 -25.68832 1.000 98.26614  ? 272 GLU A OE1 1 
ATOM   118  O OE2 . GLU A 1 17 ? 26.77049  -31.02055 -25.00106 1.000 100.22614 ? 272 GLU A OE2 1 
ATOM   119  N N   . ALA A 1 18 ? 23.24319  -30.83761 -19.95996 1.000 93.77700  ? 273 ALA A N   1 
ATOM   120  C CA  . ALA A 1 18 ? 21.96066  -30.35006 -19.49114 1.000 87.33700  ? 273 ALA A CA  1 
ATOM   121  C C   . ALA A 1 18 ? 22.04089  -30.10389 -17.99821 1.000 81.60700  ? 273 ALA A C   1 
ATOM   122  O O   . ALA A 1 18 ? 21.44569  -29.15652 -17.50084 1.000 77.33700  ? 273 ALA A O   1 
ATOM   123  C CB  . ALA A 1 18 ? 20.81009  -31.28718 -19.87713 1.000 82.05700  ? 273 ALA A CB  1 
ATOM   124  N N   . LEU A 1 19 ? 22.79807  -30.94774 -17.28490 1.000 85.23742  ? 274 LEU A N   1 
ATOM   125  C CA  . LEU A 1 19 ? 22.93743  -30.82151 -15.83859 1.000 83.62742  ? 274 LEU A CA  1 
ATOM   126  C C   . LEU A 1 19 ? 23.19456  -29.39876 -15.39995 1.000 84.70742  ? 274 LEU A C   1 
ATOM   127  O O   . LEU A 1 19 ? 22.67122  -28.96471 -14.36179 1.000 83.50742  ? 274 LEU A O   1 
ATOM   128  C CB  . LEU A 1 19 ? 24.07417  -31.70919 -15.33841 1.000 83.81742  ? 274 LEU A CB  1 
ATOM   129  C CG  . LEU A 1 19 ? 24.88483  -31.36538 -14.08684 1.000 84.37742  ? 274 LEU A CG  1 
ATOM   130  C CD1 . LEU A 1 19 ? 24.08625  -31.32903 -12.79659 1.000 86.25742  ? 274 LEU A CD1 1 
ATOM   131  C CD2 . LEU A 1 19 ? 25.92066  -32.45410 -13.95494 1.000 93.65742  ? 274 LEU A CD2 1 
ATOM   132  N N   . VAL A 1 20 ? 23.90344  -28.61727 -16.20369 1.000 90.15515  ? 275 VAL A N   1 
ATOM   133  C CA  . VAL A 1 20 ? 24.24366  -27.26188 -15.79226 1.000 88.33515  ? 275 VAL A CA  1 
ATOM   134  C C   . VAL A 1 20 ? 23.76666  -26.20977 -16.77113 1.000 75.67515  ? 275 VAL A C   1 
ATOM   135  O O   . VAL A 1 20 ? 23.74496  -25.03369 -16.40492 1.000 72.85515  ? 275 VAL A O   1 
ATOM   136  C CB  . VAL A 1 20 ? 25.76328  -27.13162 -15.53012 1.000 81.86515  ? 275 VAL A CB  1 
ATOM   137  C CG1 . VAL A 1 20 ? 26.05735  -27.66038 -14.15816 1.000 80.34515  ? 275 VAL A CG1 1 
ATOM   138  C CG2 . VAL A 1 20 ? 26.47533  -27.98735 -16.48942 1.000 83.86515  ? 275 VAL A CG2 1 
ATOM   139  N N   . ALA A 1 21 ? 23.25234  -26.59114 -17.93642 1.000 76.41393  ? 276 ALA A N   1 
ATOM   140  C CA  . ALA A 1 21 ? 22.19748  -25.78237 -18.54183 1.000 81.88393  ? 276 ALA A CA  1 
ATOM   141  C C   . ALA A 1 21 ? 20.87921  -25.83746 -17.74153 1.000 85.67393  ? 276 ALA A C   1 
ATOM   142  O O   . ALA A 1 21 ? 19.80501  -25.49761 -18.27499 1.000 81.74393  ? 276 ALA A O   1 
ATOM   143  C CB  . ALA A 1 21 ? 21.95610  -26.19795 -19.99573 1.000 84.10393  ? 276 ALA A CB  1 
ATOM   144  N N   . LYS A 1 22 ? 20.93992  -26.32471 -16.44348 1.000 85.88443  ? 277 LYS A N   1 
ATOM   145  C CA  . LYS A 1 22 ? 19.79427  -26.35550 -15.52907 1.000 86.93443  ? 277 LYS A CA  1 
ATOM   146  C C   . LYS A 1 22 ? 20.13152  -25.62103 -14.24648 1.000 84.25443  ? 277 LYS A C   1 
ATOM   147  O O   . LYS A 1 22 ? 19.30182  -24.84718 -13.75627 1.000 85.68443  ? 277 LYS A O   1 
ATOM   148  C CB  . LYS A 1 22 ? 19.31367  -27.79640 -15.12691 1.000 79.33443  ? 277 LYS A CB  1 
ATOM   149  C CG  . LYS A 1 22 ? 18.75703  -28.67548 -16.23031 1.000 73.69443  ? 277 LYS A CG  1 
ATOM   150  C CD  . LYS A 1 22 ? 17.75417  -28.21758 -17.29219 1.000 59.36443  ? 277 LYS A CD  1 
ATOM   151  C CE  . LYS A 1 22 ? 16.39918  -28.80404 -17.00507 1.000 54.54443  ? 277 LYS A CE  1 
ATOM   152  N NZ  . LYS A 1 22 ? 15.29121  -28.29786 -17.81842 1.000 58.32443  ? 277 LYS A NZ  1 
ATOM   153  N N   . GLN A 1 23 ? 21.37763  -25.71878 -13.77273 1.000 75.97485  ? 278 GLN A N   1 
ATOM   154  C CA  . GLN A 1 23 ? 21.73863  -24.68743 -12.82759 1.000 73.09485  ? 278 GLN A CA  1 
ATOM   155  C C   . GLN A 1 23 ? 21.79088  -23.32434 -13.49927 1.000 79.41485  ? 278 GLN A C   1 
ATOM   156  O O   . GLN A 1 23 ? 21.86247  -22.31443 -12.79162 1.000 80.18485  ? 278 GLN A O   1 
ATOM   157  C CB  . GLN A 1 23 ? 23.03978  -25.01917 -12.13256 1.000 69.44485  ? 278 GLN A CB  1 
ATOM   158  C CG  . GLN A 1 23 ? 23.34677  -24.02424 -11.07138 1.000 68.11485  ? 278 GLN A CG  1 
ATOM   159  C CD  . GLN A 1 23 ? 22.90493  -24.39882 -9.71642  1.000 74.25485  ? 278 GLN A CD  1 
ATOM   160  O OE1 . GLN A 1 23 ? 22.70936  -25.56654 -9.41037  1.000 75.47485  ? 278 GLN A OE1 1 
ATOM   161  N NE2 . GLN A 1 23 ? 22.77195  -23.39993 -8.85784  1.000 76.88485  ? 278 GLN A NE2 1 
ATOM   162  N N   . GLU A 1 24 ? 21.76504  -23.25205 -14.83805 1.000 81.42801  ? 279 GLU A N   1 
ATOM   163  C CA  . GLU A 1 24 ? 21.56181  -21.94401 -15.44860 1.000 79.12801  ? 279 GLU A CA  1 
ATOM   164  C C   . GLU A 1 24 ? 20.22093  -21.41287 -15.00927 1.000 79.21801  ? 279 GLU A C   1 
ATOM   165  O O   . GLU A 1 24 ? 20.11826  -20.34592 -14.39385 1.000 81.19801  ? 279 GLU A O   1 
ATOM   166  C CB  . GLU A 1 24 ? 21.52684  -21.98617 -16.99115 1.000 82.24801  ? 279 GLU A CB  1 
ATOM   167  C CG  . GLU A 1 24 ? 22.82522  -21.81738 -17.83677 1.000 79.58801  ? 279 GLU A CG  1 
ATOM   168  C CD  . GLU A 1 24 ? 22.51579  -21.79414 -19.35221 1.000 77.72801  ? 279 GLU A CD  1 
ATOM   169  O OE1 . GLU A 1 24 ? 21.34987  -21.47439 -19.69355 1.000 81.21801  ? 279 GLU A OE1 1 
ATOM   170  O OE2 . GLU A 1 24 ? 23.41579  -22.08535 -20.18604 1.000 76.26801  ? 279 GLU A OE2 1 
ATOM   171  N N   . VAL A 1 25 ? 19.18085  -22.21285 -15.25893 1.000 78.91793  ? 280 VAL A N   1 
ATOM   172  C CA  . VAL A 1 25 ? 17.82166  -21.74519 -15.04832 1.000 79.08793  ? 280 VAL A CA  1 
ATOM   173  C C   . VAL A 1 25 ? 17.60082  -21.47953 -13.58434 1.000 71.65793  ? 280 VAL A C   1 
ATOM   174  O O   . VAL A 1 25 ? 16.87215  -20.56844 -13.20334 1.000 71.61793  ? 280 VAL A O   1 
ATOM   175  C CB  . VAL A 1 25 ? 16.82747  -22.78563 -15.57905 1.000 77.11793  ? 280 VAL A CB  1 
ATOM   176  C CG1 . VAL A 1 25 ? 15.39027  -22.28801 -15.41827 1.000 71.55793  ? 280 VAL A CG1 1 
ATOM   177  C CG2 . VAL A 1 25 ? 17.20787  -23.26350 -16.98394 1.000 82.72793  ? 280 VAL A CG2 1 
ATOM   178  N N   . ILE A 1 26 ? 18.27150  -22.24310 -12.74264 1.000 72.82874  ? 281 ILE A N   1 
ATOM   179  C CA  . ILE A 1 26 ? 18.13425  -22.05451 -11.31901 1.000 74.49874  ? 281 ILE A CA  1 
ATOM   180  C C   . ILE A 1 26 ? 18.68837  -20.69962 -10.91211 1.000 79.80874  ? 281 ILE A C   1 
ATOM   181  O O   . ILE A 1 26 ? 18.14886  -20.04849 -10.01262 1.000 81.85874  ? 281 ILE A O   1 
ATOM   182  C CB  . ILE A 1 26 ? 18.81214  -23.22517 -10.61503 1.000 74.84874  ? 281 ILE A CB  1 
ATOM   183  C CG1 . ILE A 1 26 ? 17.85621  -24.40430 -10.72162 1.000 70.49874  ? 281 ILE A CG1 1 
ATOM   184  C CG2 . ILE A 1 26 ? 19.14573  -22.85828 -9.15824  1.000 74.57874  ? 281 ILE A CG2 1 
ATOM   185  C CD1 . ILE A 1 26 ? 18.35169  -25.63438 -10.08769 1.000 68.44874  ? 281 ILE A CD1 1 
ATOM   186  N N   . ASP A 1 27 ? 19.72124  -20.21608 -11.59089 1.000 78.93561  ? 282 ASP A N   1 
ATOM   187  C CA  . ASP A 1 27 ? 20.32346  -18.96867 -11.15193 1.000 76.20561  ? 282 ASP A CA  1 
ATOM   188  C C   . ASP A 1 27 ? 19.56543  -17.82265 -11.80617 1.000 76.02561  ? 282 ASP A C   1 
ATOM   189  O O   . ASP A 1 27 ? 19.22705  -16.83280 -11.15981 1.000 77.31561  ? 282 ASP A O   1 
ATOM   190  C CB  . ASP A 1 27 ? 21.81808  -18.88501 -11.48213 1.000 76.54561  ? 282 ASP A CB  1 
ATOM   191  C CG  . ASP A 1 27 ? 22.66063  -19.91543 -10.74973 1.000 78.69561  ? 282 ASP A CG  1 
ATOM   192  O OD1 . ASP A 1 27 ? 22.27997  -20.37333 -9.64886  1.000 77.76561  ? 282 ASP A OD1 1 
ATOM   193  O OD2 . ASP A 1 27 ? 23.79782  -20.13115 -11.21124 1.000 78.31561  ? 282 ASP A OD2 1 
ATOM   194  N N   . LYS A 1 28 ? 19.28572  -17.95608 -13.09185 1.000 75.55714  ? 283 LYS A N   1 
ATOM   195  C CA  . LYS A 1 28 ? 18.38071  -17.03941 -13.75153 1.000 76.05714  ? 283 LYS A CA  1 
ATOM   196  C C   . LYS A 1 28 ? 17.09973  -16.90805 -12.95681 1.000 79.30714  ? 283 LYS A C   1 
ATOM   197  O O   . LYS A 1 28 ? 16.72644  -15.81011 -12.54338 1.000 88.97714  ? 283 LYS A O   1 
ATOM   198  C CB  . LYS A 1 28 ? 18.10141  -17.56057 -15.15991 1.000 81.47714  ? 283 LYS A CB  1 
ATOM   199  C CG  . LYS A 1 28 ? 17.12593  -16.79196 -16.03106 1.000 83.91714  ? 283 LYS A CG  1 
ATOM   200  C CD  . LYS A 1 28 ? 15.77133  -17.52067 -16.14455 1.000 81.21714  ? 283 LYS A CD  1 
ATOM   201  C CE  . LYS A 1 28 ? 14.95864  -16.96175 -17.31805 1.000 86.43714  ? 283 LYS A CE  1 
ATOM   202  N NZ  . LYS A 1 28 ? 13.70089  -17.68060 -17.66244 1.000 86.29714  ? 283 LYS A NZ  1 
ATOM   203  N N   . LEU A 1 29 ? 16.39049  -18.00760 -12.75010 1.000 76.21441  ? 284 LEU A N   1 
ATOM   204  C CA  . LEU A 1 29 ? 15.17187  -17.92808 -11.94994 1.000 78.10441  ? 284 LEU A CA  1 
ATOM   205  C C   . LEU A 1 29 ? 15.42126  -17.28469 -10.58924 1.000 77.09441  ? 284 LEU A C   1 
ATOM   206  O O   . LEU A 1 29 ? 14.68246  -16.38777 -10.16566 1.000 77.16441  ? 284 LEU A O   1 
ATOM   207  C CB  . LEU A 1 29 ? 14.54956  -19.30537 -11.76620 1.000 75.22441  ? 284 LEU A CB  1 
ATOM   208  C CG  . LEU A 1 29 ? 13.79851  -19.85282 -12.96098 1.000 71.01441  ? 284 LEU A CG  1 
ATOM   209  C CD1 . LEU A 1 29 ? 13.22153  -21.15804 -12.53762 1.000 67.33441  ? 284 LEU A CD1 1 
ATOM   210  C CD2 . LEU A 1 29 ? 12.74771  -18.92780 -13.46768 1.000 71.74441  ? 284 LEU A CD2 1 
ATOM   211  N N   . LYS A 1 30 ? 16.47387  -17.72162 -9.89891  1.000 71.34472  ? 285 LYS A N   1 
ATOM   212  C CA  . LYS A 1 30 ? 16.73149  -17.22952 -8.54938  1.000 75.07472  ? 285 LYS A CA  1 
ATOM   213  C C   . LYS A 1 30 ? 16.88598  -15.70016 -8.49585  1.000 78.93472  ? 285 LYS A C   1 
ATOM   214  O O   . LYS A 1 30 ? 16.45089  -15.06459 -7.52654  1.000 80.52472  ? 285 LYS A O   1 
ATOM   215  C CB  . LYS A 1 30 ? 17.97133  -17.95565 -8.01057  1.000 71.93472  ? 285 LYS A CB  1 
ATOM   216  C CG  . LYS A 1 30 ? 18.09131  -18.24280 -6.53529  1.000 66.59472  ? 285 LYS A CG  1 
ATOM   217  C CD  . LYS A 1 30 ? 18.91268  -19.49661 -6.34224  1.000 75.04472  ? 285 LYS A CD  1 
ATOM   218  C CE  . LYS A 1 30 ? 19.31703  -19.72648 -4.88128  1.000 85.78472  ? 285 LYS A CE  1 
ATOM   219  N NZ  . LYS A 1 30 ? 19.95514  -21.07007 -4.59768  1.000 87.42472  ? 285 LYS A NZ  1 
ATOM   220  N N   . GLU A 1 31 ? 17.39986  -15.07866 -9.54977  1.000 83.46224  ? 286 GLU A N   1 
ATOM   221  C CA  . GLU A 1 31 ? 17.49954  -13.62396 -9.56587  1.000 85.52224  ? 286 GLU A CA  1 
ATOM   222  C C   . GLU A 1 31 ? 16.22436  -12.97433 -10.03636 1.000 82.93224  ? 286 GLU A C   1 
ATOM   223  O O   . GLU A 1 31 ? 15.97678  -11.81232 -9.71198  1.000 86.41224  ? 286 GLU A O   1 
ATOM   224  C CB  . GLU A 1 31 ? 18.63536  -13.14749 -10.45222 1.000 89.57224  ? 286 GLU A CB  1 
ATOM   225  C CG  . GLU A 1 31 ? 19.96516  -13.42781 -9.86497  1.000 92.39224  ? 286 GLU A CG  1 
ATOM   226  C CD  . GLU A 1 31 ? 20.82096  -14.20245 -10.82141 1.000 101.45224 ? 286 GLU A CD  1 
ATOM   227  O OE1 . GLU A 1 31 ? 20.83377  -13.81798 -12.02690 1.000 102.34224 ? 286 GLU A OE1 1 
ATOM   228  O OE2 . GLU A 1 31 ? 21.46613  -15.18813 -10.36418 1.000 106.06224 ? 286 GLU A OE2 1 
ATOM   229  N N   . GLU A 1 32 ? 15.44853  -13.67599 -10.85181 1.000 81.69375  ? 287 GLU A N   1 
ATOM   230  C CA  . GLU A 1 32 ? 14.09824  -13.22301 -11.10934 1.000 84.32375  ? 287 GLU A CA  1 
ATOM   231  C C   . GLU A 1 32 ? 13.33828  -13.16839 -9.79365  1.000 82.86375  ? 287 GLU A C   1 
ATOM   232  O O   . GLU A 1 32 ? 12.71194  -12.16299 -9.45576  1.000 82.08375  ? 287 GLU A O   1 
ATOM   233  C CB  . GLU A 1 32 ? 13.44859  -14.22128 -12.05466 1.000 86.70375  ? 287 GLU A CB  1 
ATOM   234  C CG  . GLU A 1 32 ? 13.90619  -14.09117 -13.48306 1.000 86.94375  ? 287 GLU A CG  1 
ATOM   235  C CD  . GLU A 1 32 ? 12.93464  -14.72974 -14.46523 1.000 95.86375  ? 287 GLU A CD  1 
ATOM   236  O OE1 . GLU A 1 32 ? 11.74451  -14.93052 -14.09884 1.000 95.75375  ? 287 GLU A OE1 1 
ATOM   237  O OE2 . GLU A 1 32 ? 13.36729  -15.01750 -15.60937 1.000 91.90375  ? 287 GLU A OE2 1 
ATOM   238  N N   . ALA A 1 33 ? 13.43422  -14.24402 -9.01781  1.000 81.93305  ? 288 ALA A N   1 
ATOM   239  C CA  . ALA A 1 33 ? 12.89678  -14.28728 -7.66595  1.000 84.22305  ? 288 ALA A CA  1 
ATOM   240  C C   . ALA A 1 33 ? 13.35513  -13.11492 -6.82459  1.000 81.28305  ? 288 ALA A C   1 
ATOM   241  O O   . ALA A 1 33 ? 12.65439  -12.70028 -5.89748  1.000 87.13305  ? 288 ALA A O   1 
ATOM   242  C CB  . ALA A 1 33 ? 13.29183  -15.59183 -6.98058  1.000 82.35305  ? 288 ALA A CB  1 
ATOM   243  N N   . ALA A 1 34 ? 14.57301  -12.64539 -7.04186  1.000 79.21371  ? 289 ALA A N   1 
ATOM   244  C CA  . ALA A 1 34 ? 15.01704  -11.48942 -6.28575  1.000 85.19371  ? 289 ALA A CA  1 
ATOM   245  C C   . ALA A 1 34 ? 14.11233  -10.30295 -6.56329  1.000 90.65371  ? 289 ALA A C   1 
ATOM   246  O O   . ALA A 1 34 ? 13.44394  -9.78660  -5.65909  1.000 92.99371  ? 289 ALA A O   1 
ATOM   247  C CB  . ALA A 1 34 ? 16.46796  -11.15923 -6.62145  1.000 90.77371  ? 289 ALA A CB  1 
ATOM   248  N N   . GLN A 1 35 ? 13.99147  -9.92310  -7.83267  1.000 88.68418  ? 290 GLN A N   1 
ATOM   249  C CA  . GLN A 1 35 ? 13.17022  -8.76373  -8.14006  1.000 88.34418  ? 290 GLN A CA  1 
ATOM   250  C C   . GLN A 1 35 ? 11.67671  -9.04194  -7.95015  1.000 86.95418  ? 290 GLN A C   1 
ATOM   251  O O   . GLN A 1 35 ? 10.92378  -8.12424  -7.62269  1.000 84.41418  ? 290 GLN A O   1 
ATOM   252  C CB  . GLN A 1 35 ? 13.47730  -8.27983  -9.54622  1.000 88.05418  ? 290 GLN A CB  1 
ATOM   253  C CG  . GLN A 1 35 ? 13.85466  -9.39192  -10.46208 1.000 89.80418  ? 290 GLN A CG  1 
ATOM   254  C CD  . GLN A 1 35 ? 14.24686  -8.90098  -11.84716 1.000 96.23418  ? 290 GLN A CD  1 
ATOM   255  O OE1 . GLN A 1 35 ? 13.50828  -8.12604  -12.46640 1.000 99.74418  ? 290 GLN A OE1 1 
ATOM   256  N NE2 . GLN A 1 35 ? 15.42914  -9.32017  -12.32882 1.000 88.62418  ? 290 GLN A NE2 1 
ATOM   257  N N   . HIS A 1 36 ? 11.24181  -10.29759 -8.05708  1.000 89.15224  ? 291 HIS A N   1 
ATOM   258  C CA  . HIS A 1 36 ? 9.83835   -10.60366 -7.78243  1.000 90.77224  ? 291 HIS A CA  1 
ATOM   259  C C   . HIS A 1 36 ? 9.46500   -10.33506 -6.33661  1.000 88.07224  ? 291 HIS A C   1 
ATOM   260  O O   . HIS A 1 36 ? 8.30729   -9.99017  -6.04740  1.000 88.02224  ? 291 HIS A O   1 
ATOM   261  C CB  . HIS A 1 36 ? 9.51960   -12.08199 -8.03628  1.000 96.01224  ? 291 HIS A CB  1 
ATOM   262  C CG  . HIS A 1 36 ? 9.60411   -12.51986 -9.46221  1.000 99.09224  ? 291 HIS A CG  1 
ATOM   263  N ND1 . HIS A 1 36 ? 9.69290   -13.85107 -9.81390  1.000 98.62224  ? 291 HIS A ND1 1 
ATOM   264  C CD2 . HIS A 1 36 ? 9.58159   -11.82207 -10.62133 1.000 100.54224 ? 291 HIS A CD2 1 
ATOM   265  C CE1 . HIS A 1 36 ? 9.74425   -13.95310 -11.12857 1.000 103.49224 ? 291 HIS A CE1 1 
ATOM   266  N NE2 . HIS A 1 36 ? 9.67408   -12.73721 -11.64306 1.000 106.06224 ? 291 HIS A NE2 1 
ATOM   267  N N   . ALA A 1 37 ? 10.39712  -10.56264 -5.41182  1.000 87.73796  ? 292 ALA A N   1 
ATOM   268  C CA  . ALA A 1 37 ? 10.09837  -10.41395 -3.99650  1.000 94.66796  ? 292 ALA A CA  1 
ATOM   269  C C   . ALA A 1 37 ? 10.30368  -8.98500  -3.52458  1.000 93.26796  ? 292 ALA A C   1 
ATOM   270  O O   . ALA A 1 37 ? 9.81418   -8.62047  -2.43985  1.000 91.33796  ? 292 ALA A O   1 
ATOM   271  C CB  . ALA A 1 37 ? 10.95564  -11.38147 -3.17582  1.000 92.38796  ? 292 ALA A CB  1 
ATOM   272  N N   . ILE A 1 38 ? 11.03006  -8.19153  -4.32831  1.000 94.78282  ? 293 ILE A N   1 
ATOM   273  C CA  . ILE A 1 38 ? 11.14062  -6.74496  -4.12764  1.000 95.49282  ? 293 ILE A CA  1 
ATOM   274  C C   . ILE A 1 38 ? 9.80548   -6.05269  -4.39307  1.000 95.67282  ? 293 ILE A C   1 
ATOM   275  O O   . ILE A 1 38 ? 9.34929   -5.21859  -3.59985  1.000 90.62282  ? 293 ILE A O   1 
ATOM   276  C CB  . ILE A 1 38 ? 12.23680  -6.18220  -5.04720  1.000 93.57282  ? 293 ILE A CB  1 
ATOM   277  C CG1 . ILE A 1 38 ? 13.59908  -6.23464  -4.34175  1.000 97.96282  ? 293 ILE A CG1 1 
ATOM   278  C CG2 . ILE A 1 38 ? 11.82865  -4.78386  -5.60135  1.000 89.79282  ? 293 ILE A CG2 1 
ATOM   279  C CD1 . ILE A 1 38 ? 14.78678  -6.14092  -5.31289  1.000 99.59282  ? 293 ILE A CD1 1 
ATOM   280  N N   . VAL A 1 39 ? 9.17344   -6.37145  -5.52966  1.000 93.68609  ? 294 VAL A N   1 
ATOM   281  C CA  . VAL A 1 39 ? 7.86046   -5.82282  -5.80372  1.000 86.55609  ? 294 VAL A CA  1 
ATOM   282  C C   . VAL A 1 39 ? 6.85219   -6.42596  -4.87111  1.000 85.79609  ? 294 VAL A C   1 
ATOM   283  O O   . VAL A 1 39 ? 5.90168   -5.77223  -4.47822  1.000 88.04609  ? 294 VAL A O   1 
ATOM   284  C CB  . VAL A 1 39 ? 7.50790   -6.08691  -7.26520  1.000 83.62609  ? 294 VAL A CB  1 
ATOM   285  C CG1 . VAL A 1 39 ? 6.18191   -5.50770  -7.58559  1.000 89.40609  ? 294 VAL A CG1 1 
ATOM   286  C CG2 . VAL A 1 39 ? 8.56396   -5.44431  -8.12102  1.000 87.12609  ? 294 VAL A CG2 1 
ATOM   287  N N   . MET A 1 40 ? 7.08674   -7.62846  -4.40385  1.000 88.96278  ? 295 MET A N   1 
ATOM   288  C CA  . MET A 1 40 ? 6.17617   -8.13433  -3.40363  1.000 91.40278  ? 295 MET A CA  1 
ATOM   289  C C   . MET A 1 40 ? 6.25389   -7.30941  -2.13188  1.000 91.43278  ? 295 MET A C   1 
ATOM   290  O O   . MET A 1 40 ? 5.32138   -7.33312  -1.32645  1.000 87.67278  ? 295 MET A O   1 
ATOM   291  C CB  . MET A 1 40 ? 6.53284   -9.59074  -3.13426  1.000 102.41278 ? 295 MET A CB  1 
ATOM   292  C CG  . MET A 1 40 ? 5.79198   -10.23743 -1.99268  1.000 112.25278 ? 295 MET A CG  1 
ATOM   293  S SD  . MET A 1 40 ? 6.74207   -10.12982 -0.41604  1.000 134.74278 ? 295 MET A SD  1 
ATOM   294  C CE  . MET A 1 40 ? 6.99136   -11.89039 -0.10206  1.000 115.30278 ? 295 MET A CE  1 
ATOM   295  N N   . GLU A 1 41 ? 7.34797   -6.57125  -1.94016  1.000 92.74154  ? 296 GLU A N   1 
ATOM   296  C CA  . GLU A 1 41 ? 7.46258   -5.71270  -0.77084  1.000 95.14154  ? 296 GLU A CA  1 
ATOM   297  C C   . GLU A 1 41 ? 6.53843   -4.52230  -0.88702  1.000 88.22154  ? 296 GLU A C   1 
ATOM   298  O O   . GLU A 1 41 ? 6.15734   -3.94656  0.13549   1.000 88.52154  ? 296 GLU A O   1 
ATOM   299  C CB  . GLU A 1 41 ? 8.91302   -5.27946  -0.55832  1.000 99.23154  ? 296 GLU A CB  1 
ATOM   300  C CG  . GLU A 1 41 ? 9.77217   -6.39544  0.08100   1.000 105.01154 ? 296 GLU A CG  1 
ATOM   301  C CD  . GLU A 1 41 ? 11.17229  -5.91926  0.47457   1.000 105.81154 ? 296 GLU A CD  1 
ATOM   302  O OE1 . GLU A 1 41 ? 11.68340  -4.96960  -0.16828  1.000 104.42154 ? 296 GLU A OE1 1 
ATOM   303  O OE2 . GLU A 1 41 ? 11.77001  -6.51638  1.40542   1.000 101.04154 ? 296 GLU A OE2 1 
ATOM   304  N N   . THR A 1 42 ? 6.19028   -4.14945  -2.11912  1.000 80.16131  ? 297 THR A N   1 
ATOM   305  C CA  . THR A 1 42 ? 5.25034   -3.06290  -2.36095  1.000 75.56131  ? 297 THR A CA  1 
ATOM   306  C C   . THR A 1 42 ? 3.92726   -3.29357  -1.65531  1.000 81.97131  ? 297 THR A C   1 
ATOM   307  O O   . THR A 1 42 ? 3.53128   -2.52242  -0.78449  1.000 83.92131  ? 297 THR A O   1 
ATOM   308  C CB  . THR A 1 42 ? 4.99891   -2.93395  -3.87066  1.000 77.36131  ? 297 THR A CB  1 
ATOM   309  O OG1 . THR A 1 42 ? 6.04272   -2.18274  -4.50589  1.000 87.33131  ? 297 THR A OG1 1 
ATOM   310  C CG2 . THR A 1 42 ? 3.61696   -2.42562  -4.21606  1.000 69.69131  ? 297 THR A CG2 1 
ATOM   311  N N   . VAL A 1 43 ? 3.27620   -4.41427  -1.93440  1.000 85.59190  ? 298 VAL A N   1 
ATOM   312  C CA  . VAL A 1 43 ? 1.88877   -4.58312  -1.50924  1.000 83.85190  ? 298 VAL A CA  1 
ATOM   313  C C   . VAL A 1 43 ? 1.62472   -4.42670  -0.02037  1.000 77.43190  ? 298 VAL A C   1 
ATOM   314  O O   . VAL A 1 43 ? 0.74166   -3.64186  0.32468   1.000 80.79190  ? 298 VAL A O   1 
ATOM   315  C CB  . VAL A 1 43 ? 1.30456   -5.87212  -2.09178  1.000 83.25190  ? 298 VAL A CB  1 
ATOM   316  C CG1 . VAL A 1 43 ? 1.63157   -5.96823  -3.56561  1.000 76.53190  ? 298 VAL A CG1 1 
ATOM   317  C CG2 . VAL A 1 43 ? 1.74226   -7.10246  -1.31527  1.000 83.40190  ? 298 VAL A CG2 1 
ATOM   318  N N   . PRO A 1 44 ? 2.39295   -4.98834  0.90230   1.000 74.92972  ? 299 PRO A N   1 
ATOM   319  C CA  . PRO A 1 44 ? 1.93520   -4.85213  2.29343   1.000 80.44972  ? 299 PRO A CA  1 
ATOM   320  C C   . PRO A 1 44 ? 1.91467   -3.40905  2.72810   1.000 78.86972  ? 299 PRO A C   1 
ATOM   321  O O   . PRO A 1 44 ? 1.11659   -3.03033  3.59015   1.000 81.26972  ? 299 PRO A O   1 
ATOM   322  C CB  . PRO A 1 44 ? 2.95369   -5.66451  3.10477   1.000 91.29972  ? 299 PRO A CB  1 
ATOM   323  C CG  . PRO A 1 44 ? 3.74344   -6.42371  2.10644   1.000 95.71972  ? 299 PRO A CG  1 
ATOM   324  C CD  . PRO A 1 44 ? 3.70207   -5.63988  0.82741   1.000 84.04972  ? 299 PRO A CD  1 
ATOM   325  N N   . VAL A 1 45 ? 2.80851   -2.59894  2.17837   1.000 79.72281  ? 300 VAL A N   1 
ATOM   326  C CA  . VAL A 1 45 ? 2.81061   -1.17923  2.48747   1.000 81.57281  ? 300 VAL A CA  1 
ATOM   327  C C   . VAL A 1 45 ? 1.62302   -0.49875  1.81707   1.000 75.96281  ? 300 VAL A C   1 
ATOM   328  O O   . VAL A 1 45 ? 0.87985   0.24202   2.46070   1.000 74.76281  ? 300 VAL A O   1 
ATOM   329  C CB  . VAL A 1 45 ? 4.17006   -0.52322  2.15830   1.000 86.45281  ? 300 VAL A CB  1 
ATOM   330  C CG1 . VAL A 1 45 ? 5.27211   -1.23550  2.93206   1.000 83.43281  ? 300 VAL A CG1 1 
ATOM   331  C CG2 . VAL A 1 45 ? 4.48798   -0.35294  0.67208   1.000 76.02281  ? 300 VAL A CG2 1 
ATOM   332  N N   . LEU A 1 46 ? 1.45403   -0.70258  0.50475   1.000 71.45435  ? 301 LEU A N   1 
ATOM   333  C CA  . LEU A 1 46 ? 0.29412   -0.14929  -0.17564  1.000 71.17435  ? 301 LEU A CA  1 
ATOM   334  C C   . LEU A 1 46 ? -0.99245  -0.49650  0.54415   1.000 76.53435  ? 301 LEU A C   1 
ATOM   335  O O   . LEU A 1 46 ? -1.88547  0.34445   0.67594   1.000 77.41435  ? 301 LEU A O   1 
ATOM   336  C CB  . LEU A 1 46 ? 0.23518   -0.64618  -1.60879  1.000 73.91435  ? 301 LEU A CB  1 
ATOM   337  C CG  . LEU A 1 46 ? 0.91003   0.34411   -2.54535  1.000 80.33435  ? 301 LEU A CG  1 
ATOM   338  C CD1 . LEU A 1 46 ? 2.29968   0.78614   -2.06911  1.000 78.84435  ? 301 LEU A CD1 1 
ATOM   339  C CD2 . LEU A 1 46 ? 0.89522   -0.12040  -3.99090  1.000 81.40435  ? 301 LEU A CD2 1 
ATOM   340  N N   . LYS A 1 47 ? -1.14402  -1.75186  0.94414   1.000 77.17985  ? 302 LYS A N   1 
ATOM   341  C CA  . LYS A 1 47 ? -2.24356  -2.09575  1.82197   1.000 66.25985  ? 302 LYS A CA  1 
ATOM   342  C C   . LYS A 1 47 ? -2.21343  -1.24366  3.07665   1.000 67.52985  ? 302 LYS A C   1 
ATOM   343  O O   . LYS A 1 47 ? -3.17849  -0.56715  3.39512   1.000 71.44985  ? 302 LYS A O   1 
ATOM   344  C CB  . LYS A 1 47 ? -2.19696  -3.55551  2.20294   1.000 69.63985  ? 302 LYS A CB  1 
ATOM   345  C CG  . LYS A 1 47 ? -3.11682  -3.73583  3.33083   1.000 78.39985  ? 302 LYS A CG  1 
ATOM   346  C CD  . LYS A 1 47 ? -3.45849  -5.17163  3.57922   1.000 82.19985  ? 302 LYS A CD  1 
ATOM   347  C CE  . LYS A 1 47 ? -4.66600  -5.24559  4.51363   1.000 88.65985  ? 302 LYS A CE  1 
ATOM   348  N NZ  . LYS A 1 47 ? -5.84911  -4.56202  3.84375   1.000 78.08985  ? 302 LYS A NZ  1 
ATOM   349  N N   . ALA A 1 48 ? -1.05399  -1.14696  3.71082   1.000 74.68374  ? 303 ALA A N   1 
ATOM   350  C CA  . ALA A 1 48 ? -0.91074  -0.36579  4.93820   1.000 75.44374  ? 303 ALA A CA  1 
ATOM   351  C C   . ALA A 1 48 ? -1.29204  1.07419   4.72365   1.000 71.58374  ? 303 ALA A C   1 
ATOM   352  O O   . ALA A 1 48 ? -1.86362  1.69110   5.61677   1.000 71.55374  ? 303 ALA A O   1 
ATOM   353  C CB  . ALA A 1 48 ? 0.51977   -0.41627  5.48055   1.000 76.44374  ? 303 ALA A CB  1 
ATOM   354  N N   . GLN A 1 49 ? -0.87105  1.67083   3.61395   1.000 71.64134  ? 304 GLN A N   1 
ATOM   355  C CA  . GLN A 1 49 ? -1.20296  3.07376   3.39438   1.000 72.85134  ? 304 GLN A CA  1 
ATOM   356  C C   . GLN A 1 49 ? -2.70259  3.28263   3.17969   1.000 70.47134  ? 304 GLN A C   1 
ATOM   357  O O   . GLN A 1 49 ? -3.31104  4.14594   3.82229   1.000 68.67134  ? 304 GLN A O   1 
ATOM   358  C CB  . GLN A 1 49 ? -0.44507  3.60458   2.17664   1.000 73.47134  ? 304 GLN A CB  1 
ATOM   359  C CG  . GLN A 1 49 ? 1.05886   3.67219   2.27297   1.000 70.10134  ? 304 GLN A CG  1 
ATOM   360  C CD  . GLN A 1 49 ? 1.65325   4.16760   0.96042   1.000 78.85134  ? 304 GLN A CD  1 
ATOM   361  O OE1 . GLN A 1 49 ? 1.24342   3.74146   -0.11882  1.000 80.21134  ? 304 GLN A OE1 1 
ATOM   362  N NE2 . GLN A 1 49 ? 2.54555   5.15704   1.04450   1.000 81.55134  ? 304 GLN A NE2 1 
ATOM   363  N N   . ALA A 1 50 ? -3.33232  2.43431   2.37556   1.000 68.34523  ? 305 ALA A N   1 
ATOM   364  C CA  . ALA A 1 50 ? -4.77303  2.50170   2.20238   1.000 66.06523  ? 305 ALA A CA  1 
ATOM   365  C C   . ALA A 1 50 ? -5.47885  2.48678   3.55402   1.000 66.32523  ? 305 ALA A C   1 
ATOM   366  O O   . ALA A 1 50 ? -6.22751  3.39989   3.89230   1.000 68.51523  ? 305 ALA A O   1 
ATOM   367  C CB  . ALA A 1 50 ? -5.24954  1.37565   1.29634   1.000 66.62523  ? 305 ALA A CB  1 
ATOM   368  N N   . ASP A 1 51 ? -5.19683  1.50543   4.37574   1.000 67.66540  ? 306 ASP A N   1 
ATOM   369  C CA  . ASP A 1 51 ? -6.00650  1.33995   5.56224   1.000 63.72540  ? 306 ASP A CA  1 
ATOM   370  C C   . ASP A 1 51 ? -5.69027  2.36639   6.62011   1.000 67.01540  ? 306 ASP A C   1 
ATOM   371  O O   . ASP A 1 51 ? -6.56530  2.70056   7.41467   1.000 70.83540  ? 306 ASP A O   1 
ATOM   372  C CB  . ASP A 1 51 ? -5.68472  -0.01091  6.17044   1.000 64.98540  ? 306 ASP A CB  1 
ATOM   373  C CG  . ASP A 1 51 ? -6.00609  -1.14202  5.24965   1.000 74.48540  ? 306 ASP A CG  1 
ATOM   374  O OD1 . ASP A 1 51 ? -6.51584  -2.15471  5.73620   1.000 79.98540  ? 306 ASP A OD1 1 
ATOM   375  O OD2 . ASP A 1 51 ? -5.87118  -0.98724  4.01728   1.000 74.25540  ? 306 ASP A OD2 1 
ATOM   376  N N   . ILE A 1 52 ? -4.48953  2.92389   6.63231   1.000 69.09820  ? 307 ILE A N   1 
ATOM   377  C CA  . ILE A 1 52 ? -4.23430  4.04058   7.54473   1.000 75.43820  ? 307 ILE A CA  1 
ATOM   378  C C   . ILE A 1 52 ? -4.78178  5.33926   6.97355   1.000 68.58820  ? 307 ILE A C   1 
ATOM   379  O O   . ILE A 1 52 ? -5.35260  6.15985   7.69330   1.000 66.18820  ? 307 ILE A O   1 
ATOM   380  C CB  . ILE A 1 52 ? -2.74060  4.16355   7.92980   1.000 75.56820  ? 307 ILE A CB  1 
ATOM   381  C CG1 . ILE A 1 52 ? -2.28259  2.96336   8.76820   1.000 75.30820  ? 307 ILE A CG1 1 
ATOM   382  C CG2 . ILE A 1 52 ? -2.50337  5.37368   8.86513   1.000 69.59820  ? 307 ILE A CG2 1 
ATOM   383  C CD1 . ILE A 1 52 ? -2.96124  2.79320   10.12762  1.000 81.61820  ? 307 ILE A CD1 1 
ATOM   384  N N   . TYR A 1 53 ? -4.60740  5.56403   5.68274   1.000 66.92129  ? 308 TYR A N   1 
ATOM   385  C CA  . TYR A 1 53 ? -5.15391  6.80068   5.16358   1.000 69.78129  ? 308 TYR A CA  1 
ATOM   386  C C   . TYR A 1 53 ? -6.66301  6.80503   5.16477   1.000 67.06129  ? 308 TYR A C   1 
ATOM   387  O O   . TYR A 1 53 ? -7.24437  7.89129   5.17260   1.000 66.79129  ? 308 TYR A O   1 
ATOM   388  C CB  . TYR A 1 53 ? -4.61542  7.10707   3.77049   1.000 72.91129  ? 308 TYR A CB  1 
ATOM   389  C CG  . TYR A 1 53 ? -3.17592  7.48402   3.91272   1.000 77.37129  ? 308 TYR A CG  1 
ATOM   390  C CD1 . TYR A 1 53 ? -2.22591  6.98530   3.04736   1.000 80.31129  ? 308 TYR A CD1 1 
ATOM   391  C CD2 . TYR A 1 53 ? -2.73444  8.14567   5.05669   1.000 77.75129  ? 308 TYR A CD2 1 
ATOM   392  C CE1 . TYR A 1 53 ? -0.85826  7.27926   3.21672   1.000 81.51129  ? 308 TYR A CE1 1 
ATOM   393  C CE2 . TYR A 1 53 ? -1.38998  8.42651   5.26197   1.000 79.42129  ? 308 TYR A CE2 1 
ATOM   394  C CZ  . TYR A 1 53 ? -0.43501  7.98961   4.33759   1.000 80.27129  ? 308 TYR A CZ  1 
ATOM   395  O OH  . TYR A 1 53 ? 0.92425   8.27871   4.51553   1.000 74.86129  ? 308 TYR A OH  1 
ATOM   396  N N   . LYS A 1 54 ? -7.31946  5.64197   5.13918   1.000 70.21064  ? 309 LYS A N   1 
ATOM   397  C CA  . LYS A 1 54 ? -8.77079  5.66679   5.29865   1.000 66.35064  ? 309 LYS A CA  1 
ATOM   398  C C   . LYS A 1 54 ? -9.14532  6.00913   6.72247   1.000 60.67064  ? 309 LYS A C   1 
ATOM   399  O O   . LYS A 1 54 ? -9.95616  6.89868   6.96713   1.000 56.91064  ? 309 LYS A O   1 
ATOM   400  C CB  . LYS A 1 54 ? -9.38491  4.32600   4.96152   1.000 57.95064  ? 309 LYS A CB  1 
ATOM   401  C CG  . LYS A 1 54 ? -10.82203 4.21888   5.34559   1.000 56.09064  ? 309 LYS A CG  1 
ATOM   402  C CD  . LYS A 1 54 ? -11.39602 2.86533   4.92274   1.000 60.73064  ? 309 LYS A CD  1 
ATOM   403  C CE  . LYS A 1 54 ? -12.49832 2.92963   3.87337   1.000 55.80064  ? 309 LYS A CE  1 
ATOM   404  N NZ  . LYS A 1 54 ? -13.62208 1.98268   4.09099   1.000 61.44064  ? 309 LYS A NZ  1 
ATOM   405  N N   . ALA A 1 55 ? -8.49947  5.36803   7.67613   1.000 59.57457  ? 310 ALA A N   1 
ATOM   406  C CA  . ALA A 1 55 ? -8.76076  5.72431   9.05067   1.000 58.66457  ? 310 ALA A CA  1 
ATOM   407  C C   . ALA A 1 55 ? -8.45005  7.17695   9.29217   1.000 59.98457  ? 310 ALA A C   1 
ATOM   408  O O   . ALA A 1 55 ? -9.20620  7.87500   9.96131   1.000 65.23457  ? 310 ALA A O   1 
ATOM   409  C CB  . ALA A 1 55 ? -7.95487  4.83688   9.98814   1.000 66.02457  ? 310 ALA A CB  1 
ATOM   410  N N   . ASP A 1 56 ? -7.34648  7.65410   8.76623   1.000 63.74485  ? 311 ASP A N   1 
ATOM   411  C CA  . ASP A 1 56 ? -7.00580  9.04066   9.01549   1.000 67.18485  ? 311 ASP A CA  1 
ATOM   412  C C   . ASP A 1 56 ? -8.01882  9.98144   8.36830   1.000 61.20485  ? 311 ASP A C   1 
ATOM   413  O O   . ASP A 1 56 ? -8.25639  11.09316  8.85975   1.000 57.59485  ? 311 ASP A O   1 
ATOM   414  C CB  . ASP A 1 56 ? -5.56438  9.30322   8.55982   1.000 70.78485  ? 311 ASP A CB  1 
ATOM   415  C CG  . ASP A 1 56 ? -4.53061  8.52424   9.38157   1.000 74.24485  ? 311 ASP A CG  1 
ATOM   416  O OD1 . ASP A 1 56 ? -3.32927  8.52550   9.03597   1.000 76.54485  ? 311 ASP A OD1 1 
ATOM   417  O OD2 . ASP A 1 56 ? -4.93299  7.84208   10.34398  1.000 77.12485  ? 311 ASP A OD2 1 
ATOM   418  N N   . PHE A 1 57 ? -8.55658  9.58786   7.22550   1.000 59.20672  ? 312 PHE A N   1 
ATOM   419  C CA  . PHE A 1 57 ? -9.54343  10.41181  6.54813   1.000 61.01672  ? 312 PHE A CA  1 
ATOM   420  C C   . PHE A 1 57 ? -10.82982 10.48572  7.35236   1.000 65.86672  ? 312 PHE A C   1 
ATOM   421  O O   . PHE A 1 57 ? -11.49097 11.53031  7.43205   1.000 68.35672  ? 312 PHE A O   1 
ATOM   422  C CB  . PHE A 1 57 ? -9.79704  9.80707   5.18419   1.000 63.21672  ? 312 PHE A CB  1 
ATOM   423  C CG  . PHE A 1 57 ? -11.12855 10.12367  4.60013   1.000 63.25672  ? 312 PHE A CG  1 
ATOM   424  C CD1 . PHE A 1 57 ? -12.18914 9.23926   4.75015   1.000 60.39672  ? 312 PHE A CD1 1 
ATOM   425  C CD2 . PHE A 1 57 ? -11.30075 11.25995  3.84341   1.000 61.31672  ? 312 PHE A CD2 1 
ATOM   426  C CE1 . PHE A 1 57 ? -13.40343 9.49582   4.17814   1.000 60.13672  ? 312 PHE A CE1 1 
ATOM   427  C CE2 . PHE A 1 57 ? -12.50151 11.52991  3.26620   1.000 64.11672  ? 312 PHE A CE2 1 
ATOM   428  C CZ  . PHE A 1 57 ? -13.56519 10.64826  3.43760   1.000 63.59672  ? 312 PHE A CZ  1 
ATOM   429  N N   . GLN A 1 58 ? -11.20341 9.37037   7.93833   1.000 66.74051  ? 313 GLN A N   1 
ATOM   430  C CA  . GLN A 1 58 ? -12.36998 9.33648   8.77538   1.000 58.88051  ? 313 GLN A CA  1 
ATOM   431  C C   . GLN A 1 58 ? -12.16967 10.18299  9.99517   1.000 63.23051  ? 313 GLN A C   1 
ATOM   432  O O   . GLN A 1 58 ? -13.06325 10.93887  10.37030  1.000 72.38051  ? 313 GLN A O   1 
ATOM   433  C CB  . GLN A 1 58 ? -12.63540 7.90752   9.12305   1.000 56.09051  ? 313 GLN A CB  1 
ATOM   434  C CG  . GLN A 1 58 ? -13.25622 7.29041   7.94691   1.000 55.25051  ? 313 GLN A CG  1 
ATOM   435  C CD  . GLN A 1 58 ? -13.11643 5.86672   8.02617   1.000 49.62051  ? 313 GLN A CD  1 
ATOM   436  O OE1 . GLN A 1 58 ? -12.71438 5.37696   9.06242   1.000 50.00051  ? 313 GLN A OE1 1 
ATOM   437  N NE2 . GLN A 1 58 ? -13.52738 5.15192   6.98985   1.000 46.15051  ? 313 GLN A NE2 1 
ATOM   438  N N   . ALA A 1 59 ? -10.99049 10.13878  10.59315  1.000 61.07368  ? 314 ALA A N   1 
ATOM   439  C CA  . ALA A 1 59 ? -10.79784 10.97882  11.76078  1.000 62.24368  ? 314 ALA A CA  1 
ATOM   440  C C   . ALA A 1 59 ? -10.92199 12.43903  11.37653  1.000 69.02368  ? 314 ALA A C   1 
ATOM   441  O O   . ALA A 1 59 ? -11.49963 13.24016  12.11503  1.000 70.51368  ? 314 ALA A O   1 
ATOM   442  C CB  . ALA A 1 59 ? -9.44809  10.72006  12.39237  1.000 58.20368  ? 314 ALA A CB  1 
ATOM   443  N N   . GLU A 1 60 ? -10.44058 12.78586  10.19037  1.000 69.09535  ? 315 GLU A N   1 
ATOM   444  C CA  . GLU A 1 60 ? -10.46137 14.17025  9.74451   1.000 72.01535  ? 315 GLU A CA  1 
ATOM   445  C C   . GLU A 1 60 ? -11.87349 14.61351  9.44846   1.000 73.90535  ? 315 GLU A C   1 
ATOM   446  O O   . GLU A 1 60 ? -12.22584 15.77068  9.69719   1.000 78.75535  ? 315 GLU A O   1 
ATOM   447  C CB  . GLU A 1 60 ? -9.55615  14.31560  8.53380   1.000 76.09535  ? 315 GLU A CB  1 
ATOM   448  C CG  . GLU A 1 60 ? -8.81759  15.61628  8.46734   1.000 83.86535  ? 315 GLU A CG  1 
ATOM   449  C CD  . GLU A 1 60 ? -7.66918  15.66400  9.48044   1.000 90.44535  ? 315 GLU A CD  1 
ATOM   450  O OE1 . GLU A 1 60 ? -7.20816  14.59896  9.95420   1.000 87.80535  ? 315 GLU A OE1 1 
ATOM   451  O OE2 . GLU A 1 60 ? -7.14944  16.76600  9.72554   1.000 99.94535  ? 315 GLU A OE2 1 
ATOM   452  N N   . ARG A 1 61 ? -12.68400 13.71771  8.88567   1.000 70.60408  ? 316 ARG A N   1 
ATOM   453  C CA  . ARG A 1 61 ? -14.10579 13.99986  8.72109   1.000 67.72408  ? 316 ARG A CA  1 
ATOM   454  C C   . ARG A 1 61 ? -14.73421 14.27573  10.07632  1.000 69.94408  ? 316 ARG A C   1 
ATOM   455  O O   . ARG A 1 61 ? -15.19940 15.38210  10.34900  1.000 72.36408  ? 316 ARG A O   1 
ATOM   456  C CB  . ARG A 1 61 ? -14.77625 12.81586  8.04387   1.000 62.54408  ? 316 ARG A CB  1 
ATOM   457  C CG  . ARG A 1 61 ? -16.04511 13.10988  7.38659   1.000 59.28408  ? 316 ARG A CG  1 
ATOM   458  C CD  . ARG A 1 61 ? -16.44389 11.96020  6.47589   1.000 55.84408  ? 316 ARG A CD  1 
ATOM   459  N NE  . ARG A 1 61 ? -16.55710 10.69683  7.19923   1.000 53.50408  ? 316 ARG A NE  1 
ATOM   460  C CZ  . ARG A 1 61 ? -16.79557 9.51767   6.62079   1.000 53.65408  ? 316 ARG A CZ  1 
ATOM   461  N NH1 . ARG A 1 61 ? -16.99670 9.42856   5.30269   1.000 49.98408  ? 316 ARG A NH1 1 
ATOM   462  N NH2 . ARG A 1 61 ? -16.86526 8.42073   7.36812   1.000 53.82408  ? 316 ARG A NH2 1 
ATOM   463  N N   . GLN A 1 62 ? -14.70879 13.27563  10.95400  1.000 71.68608  ? 317 GLN A N   1 
ATOM   464  C CA  . GLN A 1 62 ? -15.12768 13.42657  12.33873  1.000 76.31608  ? 317 GLN A CA  1 
ATOM   465  C C   . GLN A 1 62 ? -14.70883 14.76414  12.95014  1.000 80.33608  ? 317 GLN A C   1 
ATOM   466  O O   . GLN A 1 62 ? -15.55016 15.54499  13.40082  1.000 80.92608  ? 317 GLN A O   1 
ATOM   467  C CB  . GLN A 1 62 ? -14.58701 12.24478  13.16115  1.000 74.38608  ? 317 GLN A CB  1 
ATOM   468  C CG  . GLN A 1 62 ? -15.43481 11.95086  14.44284  1.000 88.27608  ? 317 GLN A CG  1 
ATOM   469  C CD  . GLN A 1 62 ? -16.98127 11.88823  14.18253  1.000 94.01608  ? 317 GLN A CD  1 
ATOM   470  O OE1 . GLN A 1 62 ? -17.47440 11.00815  13.46102  1.000 94.73608  ? 317 GLN A OE1 1 
ATOM   471  N NE2 . GLN A 1 62 ? -17.73088 12.85094  14.75709  1.000 89.23608  ? 317 GLN A NE2 1 
ATOM   472  N N   . ALA A 1 63 ? -13.41680 15.05971  12.97186  1.000 76.57674  ? 318 ALA A N   1 
ATOM   473  C CA  . ALA A 1 63 ? -12.98890 16.30123  13.60413  1.000 79.06674  ? 318 ALA A CA  1 
ATOM   474  C C   . ALA A 1 63 ? -13.56395 17.51822  12.89768  1.000 81.24674  ? 318 ALA A C   1 
ATOM   475  O O   . ALA A 1 63 ? -13.88596 18.52197  13.53818  1.000 83.79674  ? 318 ALA A O   1 
ATOM   476  C CB  . ALA A 1 63 ? -11.47362 16.38098  13.62489  1.000 81.44674  ? 318 ALA A CB  1 
ATOM   477  N N   . ARG A 1 64 ? -13.66894 17.46664  11.57571  1.000 79.66282  ? 319 ARG A N   1 
ATOM   478  C CA  . ARG A 1 64 ? -14.32859 18.54845  10.85174  1.000 80.66282  ? 319 ARG A CA  1 
ATOM   479  C C   . ARG A 1 64 ? -15.77748 18.69346  11.30122  1.000 82.09282  ? 319 ARG A C   1 
ATOM   480  O O   . ARG A 1 64 ? -16.22704 19.78802  11.66054  1.000 82.95282  ? 319 ARG A O   1 
ATOM   481  C CB  . ARG A 1 64 ? -14.25424 18.25804  9.35630   1.000 78.77282  ? 319 ARG A CB  1 
ATOM   482  C CG  . ARG A 1 64 ? -14.64273 19.35295  8.39619   1.000 76.82282  ? 319 ARG A CG  1 
ATOM   483  C CD  . ARG A 1 64 ? -14.89625 18.63429  7.08630   1.000 68.41282  ? 319 ARG A CD  1 
ATOM   484  N NE  . ARG A 1 64 ? -15.34108 19.45601  5.97701   1.000 66.28282  ? 319 ARG A NE  1 
ATOM   485  C CZ  . ARG A 1 64 ? -15.50440 18.97976  4.74623   1.000 66.35282  ? 319 ARG A CZ  1 
ATOM   486  N NH1 . ARG A 1 64 ? -15.24209 17.70600  4.50481   1.000 62.18282  ? 319 ARG A NH1 1 
ATOM   487  N NH2 . ARG A 1 64 ? -15.94124 19.75319  3.76181   1.000 71.05282  ? 319 ARG A NH2 1 
ATOM   488  N N   . GLU A 1 65 ? -16.51688 17.57955  11.27986  1.000 81.90131  ? 320 GLU A N   1 
ATOM   489  C CA  . GLU A 1 65 ? -17.88438 17.49444  11.78901  1.000 81.61131  ? 320 GLU A CA  1 
ATOM   490  C C   . GLU A 1 65 ? -17.99400 18.13574  13.16913  1.000 84.38131  ? 320 GLU A C   1 
ATOM   491  O O   . GLU A 1 65 ? -18.85036 18.99606  13.41150  1.000 83.84131  ? 320 GLU A O   1 
ATOM   492  C CB  . GLU A 1 65 ? -18.33624 16.03654  11.78956  1.000 83.16131  ? 320 GLU A CB  1 
ATOM   493  C CG  . GLU A 1 65 ? -19.82197 15.86541  11.94424  1.000 89.82131  ? 320 GLU A CG  1 
ATOM   494  C CD  . GLU A 1 65 ? -20.26309 15.84435  13.39760  1.000 96.81131  ? 320 GLU A CD  1 
ATOM   495  O OE1 . GLU A 1 65 ? -19.78768 14.95205  14.16559  1.000 94.89131  ? 320 GLU A OE1 1 
ATOM   496  O OE2 . GLU A 1 65 ? -21.07213 16.73712  13.75938  1.000 100.26131 ? 320 GLU A OE2 1 
ATOM   497  N N   . LYS A 1 66 ? -17.23006 17.60719  14.12568  1.000 84.33369  ? 321 LYS A N   1 
ATOM   498  C CA  . LYS A 1 66 ? -17.20929 18.19919  15.45259  1.000 86.71369  ? 321 LYS A CA  1 
ATOM   499  C C   . LYS A 1 66 ? -16.98966 19.70475  15.35679  1.000 87.92369  ? 321 LYS A C   1 
ATOM   500  O O   . LYS A 1 66 ? -17.56004 20.46613  16.13600  1.000 91.75369  ? 321 LYS A O   1 
ATOM   501  C CB  . LYS A 1 66 ? -16.17560 17.47876  16.31665  1.000 82.36369  ? 321 LYS A CB  1 
ATOM   502  C CG  . LYS A 1 66 ? -16.69352 16.04762  16.69178  1.000 90.89369  ? 321 LYS A CG  1 
ATOM   503  C CD  . LYS A 1 66 ? -17.69217 16.09334  17.90396  1.000 100.05369 ? 321 LYS A CD  1 
ATOM   504  C CE  . LYS A 1 66 ? -18.58241 14.82876  18.13511  1.000 95.82369  ? 321 LYS A CE  1 
ATOM   505  N NZ  . LYS A 1 66 ? -19.91440 14.83405  17.43367  1.000 90.32369  ? 321 LYS A NZ  1 
ATOM   506  N N   . LEU A 1 67 ? -16.12354 20.16182  14.45675  1.000 87.00716  ? 322 LEU A N   1 
ATOM   507  C CA  . LEU A 1 67 ? -15.99276 21.60810  14.30783  1.000 86.24716  ? 322 LEU A CA  1 
ATOM   508  C C   . LEU A 1 67 ? -17.22983 22.19967  13.66472  1.000 85.23716  ? 322 LEU A C   1 
ATOM   509  O O   . LEU A 1 67 ? -17.62050 23.32714  13.97243  1.000 88.82716  ? 322 LEU A O   1 
ATOM   510  C CB  . LEU A 1 67 ? -14.79053 21.98757  13.47217  1.000 84.97716  ? 322 LEU A CB  1 
ATOM   511  C CG  . LEU A 1 67 ? -13.52756 21.97374  14.27650  1.000 89.45716  ? 322 LEU A CG  1 
ATOM   512  C CD1 . LEU A 1 67 ? -12.41371 21.98571  13.29779  1.000 95.93716  ? 322 LEU A CD1 1 
ATOM   513  C CD2 . LEU A 1 67 ? -13.51081 23.20143  15.12271  1.000 90.13716  ? 322 LEU A CD2 1 
ATOM   514  N N   . ALA A 1 68 ? -17.82491 21.47661  12.72592  1.000 83.23721  ? 323 ALA A N   1 
ATOM   515  C CA  . ALA A 1 68 ? -18.87142 22.07598  11.92047  1.000 82.71721  ? 323 ALA A CA  1 
ATOM   516  C C   . ALA A 1 68 ? -20.10541 22.38835  12.74482  1.000 92.97721  ? 323 ALA A C   1 
ATOM   517  O O   . ALA A 1 68 ? -20.78974 23.38230  12.48008  1.000 100.82721 ? 323 ALA A O   1 
ATOM   518  C CB  . ALA A 1 68 ? -19.22075 21.14432  10.77446  1.000 82.51721  ? 323 ALA A CB  1 
ATOM   519  N N   . GLU A 1 69 ? -20.46178 21.50974  13.68595  1.000 93.08598  ? 324 GLU A N   1 
ATOM   520  C CA  . GLU A 1 69 ? -21.56213 21.82247  14.59399  1.000 97.83598  ? 324 GLU A CA  1 
ATOM   521  C C   . GLU A 1 69 ? -21.33056 23.15884  15.30535  1.000 98.04598  ? 324 GLU A C   1 
ATOM   522  O O   . GLU A 1 69 ? -22.17593 24.06338  15.24744  1.000 100.35598 ? 324 GLU A O   1 
ATOM   523  C CB  . GLU A 1 69 ? -21.79311 20.67768  15.58594  1.000 96.47598  ? 324 GLU A CB  1 
ATOM   524  C CG  . GLU A 1 69 ? -20.56949 20.20178  16.34496  1.000 96.04598  ? 324 GLU A CG  1 
ATOM   525  C CD  . GLU A 1 69 ? -20.83453 18.94208  17.18413  1.000 100.59598 ? 324 GLU A CD  1 
ATOM   526  O OE1 . GLU A 1 69 ? -20.62134 18.99006  18.42219  1.000 101.11598 ? 324 GLU A OE1 1 
ATOM   527  O OE2 . GLU A 1 69 ? -21.27983 17.91527  16.61221  1.000 98.48598  ? 324 GLU A OE2 1 
ATOM   528  N N   . LYS A 1 70 ? -20.15729 23.32483  15.92646  1.000 94.02803  ? 325 LYS A N   1 
ATOM   529  C CA  . LYS A 1 70 ? -19.85548 24.58592  16.59247  1.000 94.72803  ? 325 LYS A CA  1 
ATOM   530  C C   . LYS A 1 70 ? -19.99761 25.77295  15.65596  1.000 99.23803  ? 325 LYS A C   1 
ATOM   531  O O   . LYS A 1 70 ? -20.52924 26.80716  16.05872  1.000 105.95803 ? 325 LYS A O   1 
ATOM   532  C CB  . LYS A 1 70 ? -18.45034 24.59168  17.19453  1.000 100.51803 ? 325 LYS A CB  1 
ATOM   533  C CG  . LYS A 1 70 ? -18.20098 23.65296  18.36723  1.000 104.99803 ? 325 LYS A CG  1 
ATOM   534  C CD  . LYS A 1 70 ? -16.68663 23.44903  18.53309  1.000 109.68803 ? 325 LYS A CD  1 
ATOM   535  C CE  . LYS A 1 70 ? -16.24111 23.52481  20.00993  1.000 118.59803 ? 325 LYS A CE  1 
ATOM   536  N NZ  . LYS A 1 70 ? -14.78077 23.20172  20.20309  1.000 112.23803 ? 325 LYS A NZ  1 
ATOM   537  N N   . LYS A 1 71 ? -19.55623 25.65379  14.40075  1.000 96.12502  ? 326 LYS A N   1 
ATOM   538  C CA  . LYS A 1 71 ? -19.65789 26.81006  13.50521  1.000 104.46502 ? 326 LYS A CA  1 
ATOM   539  C C   . LYS A 1 71 ? -21.08733 27.32664  13.35128  1.000 105.60502 ? 326 LYS A C   1 
ATOM   540  O O   . LYS A 1 71 ? -21.29707 28.54260  13.30058  1.000 108.39502 ? 326 LYS A O   1 
ATOM   541  C CB  . LYS A 1 71 ? -19.09928 26.48623  12.12225  1.000 102.98502 ? 326 LYS A CB  1 
ATOM   542  C CG  . LYS A 1 71 ? -19.15970 27.68244  11.18011  1.000 105.54502 ? 326 LYS A CG  1 
ATOM   543  C CD  . LYS A 1 71 ? -20.25162 27.38155  10.13659  1.000 110.66502 ? 326 LYS A CD  1 
ATOM   544  C CE  . LYS A 1 71 ? -20.15972 28.19339  8.85856   1.000 114.30502 ? 326 LYS A CE  1 
ATOM   545  N NZ  . LYS A 1 71 ? -21.23583 27.76690  7.90003   1.000 109.26502 ? 326 LYS A NZ  1 
ATOM   546  N N   . GLU A 1 72 ? -22.08842 26.44776  13.29798  1.000 104.18928 ? 327 GLU A N   1 
ATOM   547  C CA  . GLU A 1 72 ? -23.43432 26.98217  13.09801  1.000 109.58928 ? 327 GLU A CA  1 
ATOM   548  C C   . GLU A 1 72 ? -24.18500 27.13970  14.40372  1.000 108.82928 ? 327 GLU A C   1 
ATOM   549  O O   . GLU A 1 72 ? -25.09720 27.97193  14.48815  1.000 111.33928 ? 327 GLU A O   1 
ATOM   550  C CB  . GLU A 1 72 ? -24.27495 26.15543  12.13018  1.000 110.16928 ? 327 GLU A CB  1 
ATOM   551  C CG  . GLU A 1 72 ? -24.74480 24.83782  12.60451  1.000 105.13928 ? 327 GLU A CG  1 
ATOM   552  C CD  . GLU A 1 72 ? -25.40276 24.10428  11.46052  1.000 109.53928 ? 327 GLU A CD  1 
ATOM   553  O OE1 . GLU A 1 72 ? -25.89230 24.77924  10.51593  1.000 108.90928 ? 327 GLU A OE1 1 
ATOM   554  O OE2 . GLU A 1 72 ? -25.42431 22.85958  11.49559  1.000 104.75928 ? 327 GLU A OE2 1 
ATOM   555  N N   . LEU A 1 73 ? -23.84446 26.32240  15.40045  1.000 103.52858 ? 328 LEU A N   1 
ATOM   556  C CA  . LEU A 1 73 ? -24.34668 26.56504  16.74105  1.000 104.08858 ? 328 LEU A CA  1 
ATOM   557  C C   . LEU A 1 73 ? -23.96705 27.96120  17.20433  1.000 106.77858 ? 328 LEU A C   1 
ATOM   558  O O   . LEU A 1 73 ? -24.81397 28.72589  17.67634  1.000 110.28858 ? 328 LEU A O   1 
ATOM   559  C CB  . LEU A 1 73 ? -23.75917 25.53718  17.69415  1.000 99.74858  ? 328 LEU A CB  1 
ATOM   560  C CG  . LEU A 1 73 ? -24.03168 25.80370  19.17271  1.000 103.17858 ? 328 LEU A CG  1 
ATOM   561  C CD1 . LEU A 1 73 ? -24.37717 24.49635  19.89150  1.000 97.66858  ? 328 LEU A CD1 1 
ATOM   562  C CD2 . LEU A 1 73 ? -22.83998 26.52225  19.84996  1.000 100.65858 ? 328 LEU A CD2 1 
ATOM   563  N N   . LEU A 1 74 ? -22.68120 28.30097  17.08860  1.000 106.78342 ? 329 LEU A N   1 
ATOM   564  C CA  . LEU A 1 74 ? -22.20456 29.65027  17.37381  1.000 111.35342 ? 329 LEU A CA  1 
ATOM   565  C C   . LEU A 1 74 ? -22.77572 30.69668  16.43102  1.000 114.11342 ? 329 LEU A C   1 
ATOM   566  O O   . LEU A 1 74 ? -22.85260 31.87138  16.79871  1.000 116.83342 ? 329 LEU A O   1 
ATOM   567  C CB  . LEU A 1 74 ? -20.68249 29.69974  17.29863  1.000 111.07342 ? 329 LEU A CB  1 
ATOM   568  C CG  . LEU A 1 74 ? -19.99897 30.58940  18.33191  1.000 118.37342 ? 329 LEU A CG  1 
ATOM   569  C CD1 . LEU A 1 74 ? -20.38140 30.19885  19.77031  1.000 120.98342 ? 329 LEU A CD1 1 
ATOM   570  C CD2 . LEU A 1 74 ? -18.51248 30.51813  18.12149  1.000 118.85342 ? 329 LEU A CD2 1 
ATOM   571  N N   . GLN A 1 75 ? -23.19426 30.31295  15.23933  1.000 113.88035 ? 330 GLN A N   1 
ATOM   572  C CA  . GLN A 1 75 ? -23.77820 31.29193  14.34551  1.000 115.27035 ? 330 GLN A CA  1 
ATOM   573  C C   . GLN A 1 75 ? -25.28770 31.40571  14.53701  1.000 120.60035 ? 330 GLN A C   1 
ATOM   574  O O   . GLN A 1 75 ? -25.88682 32.41711  14.15446  1.000 121.98035 ? 330 GLN A O   1 
ATOM   575  C CB  . GLN A 1 75 ? -23.40382 30.93720  12.91122  1.000 112.45035 ? 330 GLN A CB  1 
ATOM   576  C CG  . GLN A 1 75 ? -23.98472 31.84984  11.91482  1.000 119.37035 ? 330 GLN A CG  1 
ATOM   577  C CD  . GLN A 1 75 ? -25.18813 31.22098  11.28265  1.000 130.81035 ? 330 GLN A CD  1 
ATOM   578  O OE1 . GLN A 1 75 ? -25.84452 30.36315  11.89189  1.000 131.75035 ? 330 GLN A OE1 1 
ATOM   579  N NE2 . GLN A 1 75 ? -25.51492 31.65144  10.06999  1.000 132.73035 ? 330 GLN A NE2 1 
ATOM   580  N N   . GLU A 1 76 ? -25.89375 30.44673  15.22564  1.000 119.48990 ? 331 GLU A N   1 
ATOM   581  C CA  . GLU A 1 76 ? -27.28128 30.59281  15.62810  1.000 120.44990 ? 331 GLU A CA  1 
ATOM   582  C C   . GLU A 1 76 ? -27.41157 31.59210  16.75620  1.000 124.24990 ? 331 GLU A C   1 
ATOM   583  O O   . GLU A 1 76 ? -28.49529 32.13245  16.97538  1.000 132.47990 ? 331 GLU A O   1 
ATOM   584  C CB  . GLU A 1 76 ? -27.84750 29.25340  16.10774  1.000 120.65990 ? 331 GLU A CB  1 
ATOM   585  C CG  . GLU A 1 76 ? -28.38142 28.30488  15.03731  1.000 119.89990 ? 331 GLU A CG  1 
ATOM   586  C CD  . GLU A 1 76 ? -28.92426 26.99809  15.63436  1.000 118.12990 ? 331 GLU A CD  1 
ATOM   587  O OE1 . GLU A 1 76 ? -28.66563 26.71819  16.82702  1.000 113.85990 ? 331 GLU A OE1 1 
ATOM   588  O OE2 . GLU A 1 76 ? -29.63737 26.26326  14.91804  1.000 122.62990 ? 331 GLU A OE2 1 
ATOM   589  N N   . GLN A 1 77 ? -26.30941 31.92329  17.40455  1.000 120.99151 ? 332 GLN A N   1 
ATOM   590  C CA  . GLN A 1 77 ? -26.34495 32.90524  18.46518  1.000 125.19151 ? 332 GLN A CA  1 
ATOM   591  C C   . GLN A 1 77 ? -26.16957 34.30995  17.92488  1.000 130.08151 ? 332 GLN A C   1 
ATOM   592  O O   . GLN A 1 77 ? -26.75753 35.24631  18.46808  1.000 137.91151 ? 332 GLN A O   1 
ATOM   593  C CB  . GLN A 1 77 ? -25.21237 32.60376  19.45872  1.000 122.69151 ? 332 GLN A CB  1 
ATOM   594  C CG  . GLN A 1 77 ? -25.38876 31.35617  20.35827  1.000 123.58151 ? 332 GLN A CG  1 
ATOM   595  C CD  . GLN A 1 77 ? -24.13084 31.01837  21.20844  1.000 123.00151 ? 332 GLN A CD  1 
ATOM   596  O OE1 . GLN A 1 77 ? -23.53458 31.88331  21.85693  1.000 125.37151 ? 332 GLN A OE1 1 
ATOM   597  N NE2 . GLN A 1 77 ? -23.72487 29.74988  21.17635  1.000 119.55151 ? 332 GLN A NE2 1 
ATOM   598  N N   . LEU A 1 78 ? -25.42729 34.48195  16.83725  1.000 125.38114 ? 333 LEU A N   1 
ATOM   599  C CA  . LEU A 1 78 ? -25.29945 35.80899  16.24787  1.000 128.22114 ? 333 LEU A CA  1 
ATOM   600  C C   . LEU A 1 78 ? -26.58412 36.27186  15.57548  1.000 134.50114 ? 333 LEU A C   1 
ATOM   601  O O   . LEU A 1 78 ? -26.67590 37.43738  15.18709  1.000 137.98114 ? 333 LEU A O   1 
ATOM   602  C CB  . LEU A 1 78 ? -24.11202 35.88012  15.29456  1.000 124.70114 ? 333 LEU A CB  1 
ATOM   603  C CG  . LEU A 1 78 ? -22.80103 35.85222  16.09641  1.000 127.21114 ? 333 LEU A CG  1 
ATOM   604  C CD1 . LEU A 1 78 ? -21.65719 35.30984  15.26847  1.000 128.41114 ? 333 LEU A CD1 1 
ATOM   605  C CD2 . LEU A 1 78 ? -22.44383 37.22052  16.67504  1.000 126.55114 ? 333 LEU A CD2 1 
ATOM   606  N N   . GLU A 1 79 ? -27.52895 35.37551  15.31313  1.000 134.08666 ? 334 GLU A N   1 
ATOM   607  C CA  . GLU A 1 79 ? -28.77319 35.83814  14.70994  1.000 136.26666 ? 334 GLU A CA  1 
ATOM   608  C C   . GLU A 1 79 ? -29.76333 36.36339  15.73629  1.000 143.05666 ? 334 GLU A C   1 
ATOM   609  O O   . GLU A 1 79 ? -30.60026 37.21204  15.40361  1.000 148.04666 ? 334 GLU A O   1 
ATOM   610  C CB  . GLU A 1 79 ? -29.43788 34.71040  13.95129  1.000 132.92666 ? 334 GLU A CB  1 
ATOM   611  C CG  . GLU A 1 79 ? -28.50730 33.94135  13.10151  1.000 132.36666 ? 334 GLU A CG  1 
ATOM   612  C CD  . GLU A 1 79 ? -29.03452 32.56029  12.89701  1.000 135.97666 ? 334 GLU A CD  1 
ATOM   613  O OE1 . GLU A 1 79 ? -29.69035 32.06244  13.84010  1.000 134.92666 ? 334 GLU A OE1 1 
ATOM   614  O OE2 . GLU A 1 79 ? -28.82004 31.98631  11.80578  1.000 139.22666 ? 334 GLU A OE2 1 
ATOM   615  N N   . GLN A 1 80 ? -29.66850 35.90021  16.98294  1.000 139.44241 ? 335 GLN A N   1 
ATOM   616  C CA  . GLN A 1 80 ? -30.62731 36.27187  18.01120  1.000 142.54241 ? 335 GLN A CA  1 
ATOM   617  C C   . GLN A 1 80 ? -30.10508 37.34195  18.94750  1.000 146.43241 ? 335 GLN A C   1 
ATOM   618  O O   . GLN A 1 80 ? -30.90775 38.04699  19.56992  1.000 148.63241 ? 335 GLN A O   1 
ATOM   619  C CB  . GLN A 1 80 ? -30.97675 35.03775  18.84477  1.000 138.88241 ? 335 GLN A CB  1 
ATOM   620  C CG  . GLN A 1 80 ? -29.73377 34.41918  19.48842  1.000 137.06241 ? 335 GLN A CG  1 
ATOM   621  C CD  . GLN A 1 80 ? -30.04624 33.45165  20.61693  1.000 145.99241 ? 335 GLN A CD  1 
ATOM   622  O OE1 . GLN A 1 80 ? -31.11899 32.84506  20.66007  1.000 152.97241 ? 335 GLN A OE1 1 
ATOM   623  N NE2 . GLN A 1 80 ? -29.10441 33.30436  21.54183  1.000 144.62241 ? 335 GLN A NE2 1 
ATOM   624  N N   . LEU A 1 81 ? -28.78527 37.46434  19.06053  1.000 144.63340 ? 336 LEU A N   1 
ATOM   625  C CA  . LEU A 1 81 ? -28.16189 38.56217  19.78414  1.000 147.53340 ? 336 LEU A CA  1 
ATOM   626  C C   . LEU A 1 81 ? -28.10952 39.80967  18.90262  1.000 144.85340 ? 336 LEU A C   1 
ATOM   627  O O   . LEU A 1 81 ? -28.26592 40.93282  19.39408  1.000 146.95340 ? 336 LEU A O   1 
ATOM   628  C CB  . LEU A 1 81 ? -26.77413 38.14035  20.27544  1.000 147.53340 ? 336 LEU A CB  1 
ATOM   629  C CG  . LEU A 1 81 ? -25.98146 39.03392  21.22894  1.000 151.60340 ? 336 LEU A CG  1 
ATOM   630  C CD1 . LEU A 1 81 ? -26.72257 39.20143  22.55956  1.000 153.05340 ? 336 LEU A CD1 1 
ATOM   631  C CD2 . LEU A 1 81 ? -24.60708 38.44928  21.44295  1.000 148.66340 ? 336 LEU A CD2 1 
ATOM   632  N N   . GLN A 1 82 ? -27.85113 39.62189  17.60189  1.000 142.41696 ? 337 GLN A N   1 
ATOM   633  C CA  . GLN A 1 82 ? -27.86566 40.72526  16.64315  1.000 147.98696 ? 337 GLN A CA  1 
ATOM   634  C C   . GLN A 1 82 ? -29.26327 41.25629  16.34536  1.000 151.26696 ? 337 GLN A C   1 
ATOM   635  O O   . GLN A 1 82 ? -29.39245 42.39800  15.88755  1.000 155.52696 ? 337 GLN A O   1 
ATOM   636  C CB  . GLN A 1 82 ? -27.23365 40.30679  15.33319  1.000 144.48696 ? 337 GLN A CB  1 
ATOM   637  C CG  . GLN A 1 82 ? -26.01307 41.08405  14.98435  1.000 147.00696 ? 337 GLN A CG  1 
ATOM   638  C CD  . GLN A 1 82 ? -25.62124 40.82124  13.56604  1.000 152.84696 ? 337 GLN A CD  1 
ATOM   639  O OE1 . GLN A 1 82 ? -25.84105 39.71900  13.04806  1.000 150.77696 ? 337 GLN A OE1 1 
ATOM   640  N NE2 . GLN A 1 82 ? -25.02645 41.81751  12.92013  1.000 158.68696 ? 337 GLN A NE2 1 
ATOM   641  N N   . ARG A 1 83 ? -30.30801 40.44481  16.51652  1.000 146.89913 ? 338 ARG A N   1 
ATOM   642  C CA  . ARG A 1 83 ? -31.66375 40.97118  16.37408  1.000 146.76913 ? 338 ARG A CA  1 
ATOM   643  C C   . ARG A 1 83 ? -32.02659 41.90964  17.52133  1.000 148.25913 ? 338 ARG A C   1 
ATOM   644  O O   . ARG A 1 83 ? -32.93374 42.74074  17.37745  1.000 146.28913 ? 338 ARG A O   1 
ATOM   645  C CB  . ARG A 1 83 ? -32.66816 39.83356  16.27234  1.000 143.27913 ? 338 ARG A CB  1 
ATOM   646  C CG  . ARG A 1 83 ? -33.10048 39.25237  17.59665  1.000 142.69913 ? 338 ARG A CG  1 
ATOM   647  C CD  . ARG A 1 83 ? -34.27469 38.35682  17.34874  1.000 142.53913 ? 338 ARG A CD  1 
ATOM   648  N NE  . ARG A 1 83 ? -33.83800 36.98976  17.13902  1.000 142.69913 ? 338 ARG A NE  1 
ATOM   649  C CZ  . ARG A 1 83 ? -33.63435 36.46577  15.93625  1.000 140.57913 ? 338 ARG A CZ  1 
ATOM   650  N NH1 . ARG A 1 83 ? -33.83561 37.19397  14.84251  1.000 136.17913 ? 338 ARG A NH1 1 
ATOM   651  N NH2 . ARG A 1 83 ? -33.23572 35.21054  15.82797  1.000 142.59913 ? 338 ARG A NH2 1 
ATOM   652  N N   . GLU A 1 84 ? -31.36085 41.74932  18.66520  1.000 149.61584 ? 339 GLU A N   1 
ATOM   653  C CA  . GLU A 1 84 ? -31.53428 42.55059  19.86840  1.000 149.15584 ? 339 GLU A CA  1 
ATOM   654  C C   . GLU A 1 84 ? -30.64403 43.77856  19.88405  1.000 148.70584 ? 339 GLU A C   1 
ATOM   655  O O   . GLU A 1 84 ? -30.93101 44.73750  20.61112  1.000 149.20584 ? 339 GLU A O   1 
ATOM   656  C CB  . GLU A 1 84 ? -31.20544 41.70373  21.09143  1.000 144.79584 ? 339 GLU A CB  1 
ATOM   657  C CG  . GLU A 1 84 ? -32.11580 40.53558  21.25856  1.000 141.82584 ? 339 GLU A CG  1 
ATOM   658  C CD  . GLU A 1 84 ? -31.94726 39.92146  22.60273  1.000 142.58584 ? 339 GLU A CD  1 
ATOM   659  O OE1 . GLU A 1 84 ? -30.83067 40.03575  23.15804  1.000 144.94584 ? 339 GLU A OE1 1 
ATOM   660  O OE2 . GLU A 1 84 ? -32.92762 39.33522  23.09904  1.000 140.89584 ? 339 GLU A OE2 1 
ATOM   661  N N   . TYR A 1 85 ? -29.54868 43.73780  19.13555  1.000 148.66306 ? 340 TYR A N   1 
ATOM   662  C CA  . TYR A 1 85 ? -28.80553 44.92203  18.73354  1.000 150.22306 ? 340 TYR A CA  1 
ATOM   663  C C   . TYR A 1 85 ? -29.43604 45.55860  17.48401  1.000 152.56306 ? 340 TYR A C   1 
ATOM   664  O O   . TYR A 1 85 ? -28.73787 46.19690  16.68533  1.000 149.98306 ? 340 TYR A O   1 
ATOM   665  C CB  . TYR A 1 85 ? -27.32966 44.55490  18.54106  1.000 148.30306 ? 340 TYR A CB  1 
ATOM   666  C CG  . TYR A 1 85 ? -26.39232 45.72279  18.65599  1.000 146.41306 ? 340 TYR A CG  1 
ATOM   667  C CD1 . TYR A 1 85 ? -26.10356 46.27560  19.89513  1.000 146.09306 ? 340 TYR A CD1 1 
ATOM   668  C CD2 . TYR A 1 85 ? -25.76958 46.24743  17.54071  1.000 151.76306 ? 340 TYR A CD2 1 
ATOM   669  C CE1 . TYR A 1 85 ? -25.24503 47.34463  20.01358  1.000 150.65306 ? 340 TYR A CE1 1 
ATOM   670  C CE2 . TYR A 1 85 ? -24.90552 47.31533  17.64363  1.000 155.35306 ? 340 TYR A CE2 1 
ATOM   671  C CZ  . TYR A 1 85 ? -24.64498 47.86321  18.88058  1.000 154.26306 ? 340 TYR A CZ  1 
ATOM   672  O OH  . TYR A 1 85 ? -23.77919 48.93431  18.97021  1.000 154.11306 ? 340 TYR A OH  1 
ATOM   673  N N   . SER A 1 86 ? -30.75134 45.33394  17.28418  1.000 160.07303 ? 341 SER A N   1 
ATOM   674  C CA  . SER A 1 86 ? -31.60086 45.99481  16.27793  1.000 159.13303 ? 341 SER A CA  1 
ATOM   675  C C   . SER A 1 86 ? -32.52191 47.05029  16.89289  1.000 154.71303 ? 341 SER A C   1 
ATOM   676  O O   . SER A 1 86 ? -32.77667 48.09195  16.26823  1.000 152.28303 ? 341 SER A O   1 
ATOM   677  C CB  . SER A 1 86 ? -32.45782 44.96787  15.51342  1.000 156.02303 ? 341 SER A CB  1 
ATOM   678  O OG  . SER A 1 86 ? -33.48932 45.58516  14.74771  1.000 152.56303 ? 341 SER A OG  1 
ATOM   679  N N   . LYS A 1 87 ? -33.06810 46.77709  18.08252  1.000 155.82543 ? 342 LYS A N   1 
ATOM   680  C CA  . LYS A 1 87 ? -33.70189 47.80649  18.90916  1.000 157.43543 ? 342 LYS A CA  1 
ATOM   681  C C   . LYS A 1 87 ? -32.59173 48.40967  19.78473  1.000 156.19543 ? 342 LYS A C   1 
ATOM   682  O O   . LYS A 1 87 ? -32.50806 48.20198  21.00051  1.000 152.68543 ? 342 LYS A O   1 
ATOM   683  C CB  . LYS A 1 87 ? -34.85505 47.21444  19.71571  1.000 156.91543 ? 342 LYS A CB  1 
ATOM   684  C CG  . LYS A 1 87 ? -35.40694 48.08776  20.84650  1.000 154.81543 ? 342 LYS A CG  1 
ATOM   685  C CD  . LYS A 1 87 ? -36.47076 49.00872  20.27338  1.000 150.66543 ? 342 LYS A CD  1 
ATOM   686  C CE  . LYS A 1 87 ? -36.63914 50.29367  21.04478  1.000 145.00543 ? 342 LYS A CE  1 
ATOM   687  N NZ  . LYS A 1 87 ? -37.49820 51.21744  20.25051  1.000 139.99543 ? 342 LYS A NZ  1 
ATOM   688  N N   . LEU A 1 88 ? -31.67814 49.10891  19.10208  1.000 156.85581 ? 343 LEU A N   1 
ATOM   689  C CA  . LEU A 1 88 ? -30.46554 49.72122  19.67670  1.000 157.81581 ? 343 LEU A CA  1 
ATOM   690  C C   . LEU A 1 88 ? -30.60606 50.22686  21.10791  1.000 157.10581 ? 343 LEU A C   1 
ATOM   691  O O   . LEU A 1 88 ? -29.60881 50.37857  21.81318  1.000 156.26581 ? 343 LEU A O   1 
ATOM   692  C CB  . LEU A 1 88 ? -29.99540 50.89116  18.79538  1.000 155.96581 ? 343 LEU A CB  1 
ATOM   693  C CG  . LEU A 1 88 ? -29.92107 50.75824  17.26872  1.000 151.56581 ? 343 LEU A CG  1 
ATOM   694  C CD1 . LEU A 1 88 ? -29.13050 51.91340  16.67241  1.000 154.41581 ? 343 LEU A CD1 1 
ATOM   695  C CD2 . LEU A 1 88 ? -29.31241 49.43515  16.85792  1.000 152.12581 ? 343 LEU A CD2 1 
ATOM   696  N N   . GLU B 1 6  ? 35.58764  -51.61460 -14.12175 1.000 142.66308 ? 261 GLU B N   1 
ATOM   697  C CA  . GLU B 1 6  ? 36.08131  -50.23800 -13.99919 1.000 140.96308 ? 261 GLU B CA  1 
ATOM   698  C C   . GLU B 1 6  ? 35.18683  -49.24081 -14.76871 1.000 137.81308 ? 261 GLU B C   1 
ATOM   699  O O   . GLU B 1 6  ? 35.35157  -48.02546 -14.65592 1.000 139.72308 ? 261 GLU B O   1 
ATOM   700  C CB  . GLU B 1 6  ? 37.54911  -50.18342 -14.47493 1.000 142.27308 ? 261 GLU B CB  1 
ATOM   701  C CG  . GLU B 1 6  ? 38.12138  -48.80512 -14.82808 1.000 138.81308 ? 261 GLU B CG  1 
ATOM   702  C CD  . GLU B 1 6  ? 37.95509  -48.46476 -16.30618 1.000 140.49308 ? 261 GLU B CD  1 
ATOM   703  O OE1 . GLU B 1 6  ? 37.85521  -47.26420 -16.64988 1.000 139.43308 ? 261 GLU B OE1 1 
ATOM   704  O OE2 . GLU B 1 6  ? 37.92680  -49.40798 -17.12825 1.000 141.39308 ? 261 GLU B OE2 1 
ATOM   705  N N   . ASP B 1 7  ? 34.18898  -49.76962 -15.48345 1.000 136.82065 ? 262 ASP B N   1 
ATOM   706  C CA  . ASP B 1 7  ? 33.13090  -48.96165 -16.08976 1.000 135.27065 ? 262 ASP B CA  1 
ATOM   707  C C   . ASP B 1 7  ? 31.85718  -49.00202 -15.26508 1.000 133.53065 ? 262 ASP B C   1 
ATOM   708  O O   . ASP B 1 7  ? 30.83454  -48.45741 -15.70042 1.000 125.81065 ? 262 ASP B O   1 
ATOM   709  C CB  . ASP B 1 7  ? 32.78350  -49.42293 -17.51047 1.000 131.94065 ? 262 ASP B CB  1 
ATOM   710  C CG  . ASP B 1 7  ? 33.58111  -48.72226 -18.57666 1.000 132.10065 ? 262 ASP B CG  1 
ATOM   711  O OD1 . ASP B 1 7  ? 34.59398  -48.06987 -18.25991 1.000 132.83065 ? 262 ASP B OD1 1 
ATOM   712  O OD2 . ASP B 1 7  ? 33.15317  -48.80193 -19.74495 1.000 128.14065 ? 262 ASP B OD2 1 
ATOM   713  N N   . LEU B 1 8  ? 31.91419  -49.61521 -14.07495 1.000 136.34464 ? 263 LEU B N   1 
ATOM   714  C CA  . LEU B 1 8  ? 30.82216  -49.58794 -13.11814 1.000 128.61464 ? 263 LEU B CA  1 
ATOM   715  C C   . LEU B 1 8  ? 30.40583  -48.14809 -12.87806 1.000 128.72464 ? 263 LEU B C   1 
ATOM   716  O O   . LEU B 1 8  ? 30.96405  -47.46695 -12.01517 1.000 125.69464 ? 263 LEU B O   1 
ATOM   717  C CB  . LEU B 1 8  ? 31.25514  -50.25889 -11.80660 1.000 121.53464 ? 263 LEU B CB  1 
ATOM   718  C CG  . LEU B 1 8  ? 30.27914  -50.42710 -10.63982 1.000 118.63464 ? 263 LEU B CG  1 
ATOM   719  C CD1 . LEU B 1 8  ? 29.00728  -51.11008 -11.08512 1.000 118.70464 ? 263 LEU B CD1 1 
ATOM   720  C CD2 . LEU B 1 8  ? 30.92607  -51.23107 -9.52280  1.000 119.34464 ? 263 LEU B CD2 1 
ATOM   721  N N   . LYS B 1 9  ? 29.49637  -47.64510 -13.71196 1.000 132.87756 ? 264 LYS B N   1 
ATOM   722  C CA  . LYS B 1 9  ? 28.91377  -46.33142 -13.48498 1.000 128.19756 ? 264 LYS B CA  1 
ATOM   723  C C   . LYS B 1 9  ? 28.29998  -46.38536 -12.10601 1.000 122.13756 ? 264 LYS B C   1 
ATOM   724  O O   . LYS B 1 9  ? 27.11076  -46.66421 -11.94551 1.000 116.60756 ? 264 LYS B O   1 
ATOM   725  C CB  . LYS B 1 9  ? 27.91849  -45.93968 -14.57390 1.000 122.10756 ? 264 LYS B CB  1 
ATOM   726  C CG  . LYS B 1 9  ? 28.63439  -45.70459 -15.85086 1.000 118.85756 ? 264 LYS B CG  1 
ATOM   727  C CD  . LYS B 1 9  ? 27.77349  -45.20247 -16.89985 1.000 121.43756 ? 264 LYS B CD  1 
ATOM   728  C CE  . LYS B 1 9  ? 26.80281  -46.30449 -17.17035 1.000 126.23756 ? 264 LYS B CE  1 
ATOM   729  N NZ  . LYS B 1 9  ? 25.92709  -45.93005 -18.29114 1.000 141.39756 ? 264 LYS B NZ  1 
ATOM   730  N N   . GLN B 1 10 ? 29.15547  -46.25346 -11.10868 1.000 123.41902 ? 265 GLN B N   1 
ATOM   731  C CA  . GLN B 1 10 ? 28.73016  -46.08158 -9.74006  1.000 122.20902 ? 265 GLN B CA  1 
ATOM   732  C C   . GLN B 1 10 ? 28.52682  -44.59455 -9.44923  1.000 123.08902 ? 265 GLN B C   1 
ATOM   733  O O   . GLN B 1 10 ? 28.25547  -44.21425 -8.30244  1.000 120.40902 ? 265 GLN B O   1 
ATOM   734  C CB  . GLN B 1 10 ? 29.77953  -46.72492 -8.80793  1.000 123.15902 ? 265 GLN B CB  1 
ATOM   735  C CG  . GLN B 1 10 ? 31.25850  -46.43070 -9.24413  1.000 128.43902 ? 265 GLN B CG  1 
ATOM   736  C CD  . GLN B 1 10 ? 32.31655  -47.45887 -8.78966  1.000 128.15902 ? 265 GLN B CD  1 
ATOM   737  O OE1 . GLN B 1 10 ? 31.99023  -48.56078 -8.34926  1.000 129.75902 ? 265 GLN B OE1 1 
ATOM   738  N NE2 . GLN B 1 10 ? 33.59247  -47.08868 -8.91961  1.000 122.86902 ? 265 GLN B NE2 1 
ATOM   739  N N   . GLN B 1 11 ? 28.53433  -43.75603 -10.51607 1.000 123.76685 ? 266 GLN B N   1 
ATOM   740  C CA  . GLN B 1 11 ? 28.41803  -42.30877 -10.38319 1.000 119.27685 ? 266 GLN B CA  1 
ATOM   741  C C   . GLN B 1 11 ? 27.60760  -41.63929 -11.49336 1.000 115.57685 ? 266 GLN B C   1 
ATOM   742  O O   . GLN B 1 11 ? 27.51233  -40.40355 -11.50241 1.000 115.68685 ? 266 GLN B O   1 
ATOM   743  C CB  . GLN B 1 11 ? 29.83043  -41.67724 -10.29143 1.000 125.76685 ? 266 GLN B CB  1 
ATOM   744  C CG  . GLN B 1 11 ? 30.79214  -42.48413 -9.40971  1.000 125.65685 ? 266 GLN B CG  1 
ATOM   745  C CD  . GLN B 1 11 ? 32.22458  -42.44404 -9.85080  1.000 122.51685 ? 266 GLN B CD  1 
ATOM   746  O OE1 . GLN B 1 11 ? 32.52654  -42.69715 -11.01397 1.000 122.26685 ? 266 GLN B OE1 1 
ATOM   747  N NE2 . GLN B 1 11 ? 33.13037  -42.20991 -8.90692  1.000 127.74685 ? 266 GLN B NE2 1 
ATOM   748  N N   . LEU B 1 12 ? 26.98646  -42.39625 -12.40369 1.000 114.41273 ? 267 LEU B N   1 
ATOM   749  C CA  . LEU B 1 12 ? 25.94176  -41.78335 -13.22026 1.000 110.42273 ? 267 LEU B CA  1 
ATOM   750  C C   . LEU B 1 12 ? 24.67887  -41.72030 -12.37423 1.000 105.70273 ? 267 LEU B C   1 
ATOM   751  O O   . LEU B 1 12 ? 23.78791  -40.89852 -12.61766 1.000 96.08273  ? 267 LEU B O   1 
ATOM   752  C CB  . LEU B 1 12 ? 25.73361  -42.51873 -14.54768 1.000 110.30273 ? 267 LEU B CB  1 
ATOM   753  C CG  . LEU B 1 12 ? 24.48853  -42.08584 -15.32912 1.000 103.75273 ? 267 LEU B CG  1 
ATOM   754  C CD1 . LEU B 1 12 ? 24.60314  -40.67162 -15.66696 1.000 102.85273 ? 267 LEU B CD1 1 
ATOM   755  C CD2 . LEU B 1 12 ? 24.37157  -42.80721 -16.63949 1.000 108.62273 ? 267 LEU B CD2 1 
ATOM   756  N N   . GLN B 1 13 ? 24.57703  -42.64981 -11.41790 1.000 113.54006 ? 268 GLN B N   1 
ATOM   757  C CA  . GLN B 1 13 ? 23.51663  -42.68598 -10.41727 1.000 115.95006 ? 268 GLN B CA  1 
ATOM   758  C C   . GLN B 1 13 ? 23.54659  -41.45082 -9.53140  1.000 114.70006 ? 268 GLN B C   1 
ATOM   759  O O   . GLN B 1 13 ? 22.64927  -41.28632 -8.68922  1.000 111.62006 ? 268 GLN B O   1 
ATOM   760  C CB  . GLN B 1 13 ? 23.67921  -43.89733 -9.50390  1.000 112.39006 ? 268 GLN B CB  1 
ATOM   761  C CG  . GLN B 1 13 ? 23.50939  -45.23724 -10.18576 1.000 113.21006 ? 268 GLN B CG  1 
ATOM   762  C CD  . GLN B 1 13 ? 24.83780  -46.00880 -10.19814 1.000 118.15006 ? 268 GLN B CD  1 
ATOM   763  O OE1 . GLN B 1 13 ? 25.75685  -45.68308 -9.43612  1.000 113.97006 ? 268 GLN B OE1 1 
ATOM   764  N NE2 . GLN B 1 13 ? 24.94413  -47.02363 -11.06125 1.000 121.34006 ? 268 GLN B NE2 1 
ATOM   765  N N   . GLN B 1 14 ? 24.59097  -40.62047 -9.67402  1.000 113.44868 ? 269 GLN B N   1 
ATOM   766  C CA  . GLN B 1 14 ? 24.71668  -39.31529 -9.03152  1.000 113.11868 ? 269 GLN B CA  1 
ATOM   767  C C   . GLN B 1 14 ? 24.64412  -38.17452 -10.03667 1.000 104.01868 ? 269 GLN B C   1 
ATOM   768  O O   . GLN B 1 14 ? 24.22715  -37.06918 -9.67791  1.000 99.94868  ? 269 GLN B O   1 
ATOM   769  C CB  . GLN B 1 14 ? 26.03961  -39.21730 -8.25340  1.000 118.21868 ? 269 GLN B CB  1 
ATOM   770  C CG  . GLN B 1 14 ? 26.16977  -40.23234 -7.12631  1.000 116.30868 ? 269 GLN B CG  1 
ATOM   771  C CD  . GLN B 1 14 ? 25.04340  -40.11505 -6.12016  1.000 119.17868 ? 269 GLN B CD  1 
ATOM   772  O OE1 . GLN B 1 14 ? 24.52849  -39.01927 -5.85285  1.000 118.29868 ? 269 GLN B OE1 1 
ATOM   773  N NE2 . GLN B 1 14 ? 24.63966  -41.25096 -5.56334  1.000 124.23868 ? 269 GLN B NE2 1 
ATOM   774  N N   . ALA B 1 15 ? 25.03974  -38.43313 -11.28920 1.000 100.81699 ? 270 ALA B N   1 
ATOM   775  C CA  . ALA B 1 15 ? 24.98171  -37.48041 -12.39309 1.000 101.28699 ? 270 ALA B CA  1 
ATOM   776  C C   . ALA B 1 15 ? 23.54047  -37.25435 -12.84878 1.000 101.21699 ? 270 ALA B C   1 
ATOM   777  O O   . ALA B 1 15 ? 23.30542  -36.62021 -13.89163 1.000 95.24699  ? 270 ALA B O   1 
ATOM   778  C CB  . ALA B 1 15 ? 25.85434  -37.95723 -13.56049 1.000 102.30699 ? 270 ALA B CB  1 
ATOM   779  N N   . GLU B 1 16 ? 22.59476  -37.87281 -12.11782 1.000 99.16157  ? 271 GLU B N   1 
ATOM   780  C CA  . GLU B 1 16 ? 21.15258  -37.82978 -12.33211 1.000 88.69157  ? 271 GLU B CA  1 
ATOM   781  C C   . GLU B 1 16 ? 20.36960  -37.64996 -11.05297 1.000 79.40157  ? 271 GLU B C   1 
ATOM   782  O O   . GLU B 1 16 ? 19.33331  -36.98741 -11.07822 1.000 71.89157  ? 271 GLU B O   1 
ATOM   783  C CB  . GLU B 1 16 ? 20.70810  -39.10382 -13.03996 1.000 89.07157  ? 271 GLU B CB  1 
ATOM   784  C CG  . GLU B 1 16 ? 20.96119  -39.00521 -14.53190 1.000 92.29157  ? 271 GLU B CG  1 
ATOM   785  C CD  . GLU B 1 16 ? 20.62136  -40.26650 -15.28125 1.000 92.05157  ? 271 GLU B CD  1 
ATOM   786  O OE1 . GLU B 1 16 ? 20.35163  -41.29614 -14.63415 1.000 93.74157  ? 271 GLU B OE1 1 
ATOM   787  O OE2 . GLU B 1 16 ? 20.49012  -40.18576 -16.52162 1.000 90.56157  ? 271 GLU B OE2 1 
ATOM   788  N N   . GLU B 1 17 ? 20.87695  -38.12668 -9.92603  1.000 84.44833  ? 272 GLU B N   1 
ATOM   789  C CA  . GLU B 1 17 ? 20.30366  -37.75081 -8.64711  1.000 89.66833  ? 272 GLU B CA  1 
ATOM   790  C C   . GLU B 1 17 ? 20.44698  -36.26142 -8.39110  1.000 86.36833  ? 272 GLU B C   1 
ATOM   791  O O   . GLU B 1 17 ? 19.66574  -35.70212 -7.60858  1.000 86.45833  ? 272 GLU B O   1 
ATOM   792  C CB  . GLU B 1 17 ? 20.94953  -38.54681 -7.51354  1.000 94.89833  ? 272 GLU B CB  1 
ATOM   793  C CG  . GLU B 1 17 ? 19.93815  -39.15754 -6.55348  1.000 101.72833 ? 272 GLU B CG  1 
ATOM   794  C CD  . GLU B 1 17 ? 20.51889  -40.28128 -5.71262  1.000 112.12833 ? 272 GLU B CD  1 
ATOM   795  O OE1 . GLU B 1 17 ? 21.75143  -40.27327 -5.50631  1.000 114.88833 ? 272 GLU B OE1 1 
ATOM   796  O OE2 . GLU B 1 17 ? 19.74702  -41.17170 -5.26892  1.000 112.15833 ? 272 GLU B OE2 1 
ATOM   797  N N   . ALA B 1 18 ? 21.30384  -35.58714 -9.15676  1.000 82.82576  ? 273 ALA B N   1 
ATOM   798  C CA  . ALA B 1 18 ? 21.41852  -34.14141 -9.10047  1.000 79.94576  ? 273 ALA B CA  1 
ATOM   799  C C   . ALA B 1 18 ? 20.65248  -33.51054 -10.24408 1.000 76.03576  ? 273 ALA B C   1 
ATOM   800  O O   . ALA B 1 18 ? 19.86938  -32.59280 -10.00779 1.000 75.43576  ? 273 ALA B O   1 
ATOM   801  C CB  . ALA B 1 18 ? 22.88628  -33.73184 -9.14976  1.000 81.22576  ? 273 ALA B CB  1 
ATOM   802  N N   . LEU B 1 19 ? 20.75892  -34.04484 -11.45325 1.000 73.45457  ? 274 LEU B N   1 
ATOM   803  C CA  . LEU B 1 19 ? 19.89169  -33.57161 -12.51555 1.000 68.66457  ? 274 LEU B CA  1 
ATOM   804  C C   . LEU B 1 19 ? 18.43127  -33.56162 -12.08865 1.000 66.65457  ? 274 LEU B C   1 
ATOM   805  O O   . LEU B 1 19 ? 17.69241  -32.63438 -12.40044 1.000 62.54457  ? 274 LEU B O   1 
ATOM   806  C CB  . LEU B 1 19 ? 20.01418  -34.45729 -13.71304 1.000 76.24457  ? 274 LEU B CB  1 
ATOM   807  C CG  . LEU B 1 19 ? 20.85417  -33.94771 -14.81131 1.000 80.77457  ? 274 LEU B CG  1 
ATOM   808  C CD1 . LEU B 1 19 ? 21.19999  -35.18893 -15.56038 1.000 93.36457  ? 274 LEU B CD1 1 
ATOM   809  C CD2 . LEU B 1 19 ? 19.84892  -33.14140 -15.60304 1.000 73.21457  ? 274 LEU B CD2 1 
ATOM   810  N N   . VAL B 1 20 ? 17.96476  -34.64718 -11.47434 1.000 74.80580  ? 275 VAL B N   1 
ATOM   811  C CA  . VAL B 1 20 ? 16.57308  -34.68301 -11.02736 1.000 68.97580  ? 275 VAL B CA  1 
ATOM   812  C C   . VAL B 1 20 ? 16.31966  -33.64029 -9.95685  1.000 60.69580  ? 275 VAL B C   1 
ATOM   813  O O   . VAL B 1 20 ? 15.37876  -32.85308 -10.06835 1.000 56.28580  ? 275 VAL B O   1 
ATOM   814  C CB  . VAL B 1 20 ? 16.19426  -36.09703 -10.55475 1.000 68.71580  ? 275 VAL B CB  1 
ATOM   815  C CG1 . VAL B 1 20 ? 15.09443  -36.04177 -9.51686  1.000 66.74580  ? 275 VAL B CG1 1 
ATOM   816  C CG2 . VAL B 1 20 ? 15.74671  -36.93072 -11.76874 1.000 67.05580  ? 275 VAL B CG2 1 
ATOM   817  N N   . ALA B 1 21 ? 17.15376  -33.60315 -8.91699  1.000 62.51182  ? 276 ALA B N   1 
ATOM   818  C CA  . ALA B 1 21 ? 17.01098  -32.54217 -7.92714  1.000 60.67182  ? 276 ALA B CA  1 
ATOM   819  C C   . ALA B 1 21 ? 16.94993  -31.17461 -8.58604  1.000 63.71182  ? 276 ALA B C   1 
ATOM   820  O O   . ALA B 1 21 ? 16.30244  -30.25159 -8.08318  1.000 63.70182  ? 276 ALA B O   1 
ATOM   821  C CB  . ALA B 1 21 ? 18.17626  -32.58070 -6.93621  1.000 62.70182  ? 276 ALA B CB  1 
ATOM   822  N N   . LYS B 1 22 ? 17.58044  -31.03048 -9.73764  1.000 68.85326  ? 277 LYS B N   1 
ATOM   823  C CA  . LYS B 1 22 ? 17.74410  -29.67051 -10.19189 1.000 64.39326  ? 277 LYS B CA  1 
ATOM   824  C C   . LYS B 1 22 ? 16.56992  -29.20677 -11.00283 1.000 59.48326  ? 277 LYS B C   1 
ATOM   825  O O   . LYS B 1 22 ? 16.00798  -28.16936 -10.67574 1.000 63.35326  ? 277 LYS B O   1 
ATOM   826  C CB  . LYS B 1 22 ? 19.02178  -29.52921 -11.02000 1.000 65.24326  ? 277 LYS B CB  1 
ATOM   827  C CG  . LYS B 1 22 ? 20.27565  -29.14048 -10.21531 1.000 66.25326  ? 277 LYS B CG  1 
ATOM   828  C CD  . LYS B 1 22 ? 21.40623  -28.68856 -11.18741 1.000 72.62326  ? 277 LYS B CD  1 
ATOM   829  C CE  . LYS B 1 22 ? 22.74509  -28.42070 -10.49068 1.000 68.59326  ? 277 LYS B CE  1 
ATOM   830  N NZ  . LYS B 1 22 ? 22.72590  -28.53303 -8.99729  1.000 64.37326  ? 277 LYS B NZ  1 
ATOM   831  N N   . GLN B 1 23 ? 16.01023  -30.06021 -11.83990 1.000 55.17756  ? 278 GLN B N   1 
ATOM   832  C CA  . GLN B 1 23 ? 14.69387  -29.74585 -12.35805 1.000 56.03756  ? 278 GLN B CA  1 
ATOM   833  C C   . GLN B 1 23 ? 13.60409  -29.82573 -11.30468 1.000 58.15756  ? 278 GLN B C   1 
ATOM   834  O O   . GLN B 1 23 ? 12.56823  -29.17378 -11.43107 1.000 56.24756  ? 278 GLN B O   1 
ATOM   835  C CB  . GLN B 1 23 ? 14.41598  -30.71386 -13.49899 1.000 55.46756  ? 278 GLN B CB  1 
ATOM   836  C CG  . GLN B 1 23 ? 12.99350  -30.85484 -13.94231 1.000 58.61756  ? 278 GLN B CG  1 
ATOM   837  C CD  . GLN B 1 23 ? 12.58463  -29.97930 -15.10138 1.000 61.97756  ? 278 GLN B CD  1 
ATOM   838  O OE1 . GLN B 1 23 ? 13.32600  -29.11062 -15.54509 1.000 65.56756  ? 278 GLN B OE1 1 
ATOM   839  N NE2 . GLN B 1 23 ? 11.40412  -30.25403 -15.64385 1.000 66.94756  ? 278 GLN B NE2 1 
ATOM   840  N N   . GLU B 1 24 ? 13.86366  -30.47629 -10.19637 1.000 61.73484  ? 279 GLU B N   1 
ATOM   841  C CA  . GLU B 1 24 ? 12.91508  -30.39771 -9.10619  1.000 60.21484  ? 279 GLU B CA  1 
ATOM   842  C C   . GLU B 1 24 ? 12.85316  -28.96804 -8.63870  1.000 56.94484  ? 279 GLU B C   1 
ATOM   843  O O   . GLU B 1 24 ? 11.79175  -28.36241 -8.56660  1.000 60.62484  ? 279 GLU B O   1 
ATOM   844  C CB  . GLU B 1 24 ? 13.33975  -31.36365 -8.00458  1.000 60.91484  ? 279 GLU B CB  1 
ATOM   845  C CG  . GLU B 1 24 ? 12.21506  -32.10532 -7.41188  1.000 60.53484  ? 279 GLU B CG  1 
ATOM   846  C CD  . GLU B 1 24 ? 12.64518  -33.50515 -7.09264  1.000 63.25484  ? 279 GLU B CD  1 
ATOM   847  O OE1 . GLU B 1 24 ? 13.71206  -33.65676 -6.45052  1.000 64.23484  ? 279 GLU B OE1 1 
ATOM   848  O OE2 . GLU B 1 24 ? 11.96739  -34.44386 -7.58340  1.000 61.61484  ? 279 GLU B OE2 1 
ATOM   849  N N   . VAL B 1 25 ? 14.01303  -28.40529 -8.36101  1.000 60.77159  ? 280 VAL B N   1 
ATOM   850  C CA  . VAL B 1 25 ? 14.09996  -27.03528 -7.89499  1.000 63.65159  ? 280 VAL B CA  1 
ATOM   851  C C   . VAL B 1 25 ? 13.65342  -26.05998 -8.98182  1.000 58.25159  ? 280 VAL B C   1 
ATOM   852  O O   . VAL B 1 25 ? 13.02895  -25.03615 -8.70107  1.000 59.94159  ? 280 VAL B O   1 
ATOM   853  C CB  . VAL B 1 25 ? 15.53706  -26.76575 -7.44104  1.000 63.27159  ? 280 VAL B CB  1 
ATOM   854  C CG1 . VAL B 1 25 ? 15.82988  -25.31118 -7.60201  1.000 63.85159  ? 280 VAL B CG1 1 
ATOM   855  C CG2 . VAL B 1 25 ? 15.68858  -27.21117 -6.00827  1.000 58.39159  ? 280 VAL B CG2 1 
ATOM   856  N N   . ILE B 1 26 ? 14.00352  -26.32674 -10.22741 1.000 56.16715  ? 281 ILE B N   1 
ATOM   857  C CA  . ILE B 1 26 ? 13.44553  -25.52391 -11.30046 1.000 58.39715  ? 281 ILE B CA  1 
ATOM   858  C C   . ILE B 1 26 ? 11.91775  -25.47324 -11.20864 1.000 61.68715  ? 281 ILE B C   1 
ATOM   859  O O   . ILE B 1 26 ? 11.30828  -24.43409 -11.47782 1.000 66.45715  ? 281 ILE B O   1 
ATOM   860  C CB  . ILE B 1 26 ? 13.99430  -26.01854 -12.64784 1.000 57.31715  ? 281 ILE B CB  1 
ATOM   861  C CG1 . ILE B 1 26 ? 15.40547  -25.45098 -12.79985 1.000 61.61715  ? 281 ILE B CG1 1 
ATOM   862  C CG2 . ILE B 1 26 ? 13.16827  -25.53408 -13.79437 1.000 57.88715  ? 281 ILE B CG2 1 
ATOM   863  C CD1 . ILE B 1 26 ? 16.36634  -26.31334 -13.56711 1.000 66.41715  ? 281 ILE B CD1 1 
ATOM   864  N N   . ASP B 1 27 ? 11.27273  -26.53057 -10.72939 1.000 61.42732  ? 282 ASP B N   1 
ATOM   865  C CA  . ASP B 1 27 ? 9.81030   -26.49764 -10.74570 1.000 59.73732  ? 282 ASP B CA  1 
ATOM   866  C C   . ASP B 1 27 ? 9.27580   -25.79101 -9.51839  1.000 64.13732  ? 282 ASP B C   1 
ATOM   867  O O   . ASP B 1 27 ? 8.41649   -24.92409 -9.63916  1.000 70.58732  ? 282 ASP B O   1 
ATOM   868  C CB  . ASP B 1 27 ? 9.20683   -27.89852 -10.83089 1.000 59.73732  ? 282 ASP B CB  1 
ATOM   869  C CG  . ASP B 1 27 ? 9.52733   -28.57792 -12.12940 1.000 63.02732  ? 282 ASP B CG  1 
ATOM   870  O OD1 . ASP B 1 27 ? 9.32013   -29.80800 -12.26463 1.000 60.19732  ? 282 ASP B OD1 1 
ATOM   871  O OD2 . ASP B 1 27 ? 10.01044  -27.85860 -13.02419 1.000 64.31732  ? 282 ASP B OD2 1 
ATOM   872  N N   . LYS B 1 28 ? 9.82136   -26.09231 -8.34430  1.000 65.62010  ? 283 LYS B N   1 
ATOM   873  C CA  . LYS B 1 28 ? 9.47870   -25.32737 -7.15717  1.000 66.12010  ? 283 LYS B CA  1 
ATOM   874  C C   . LYS B 1 28 ? 9.58960   -23.85051 -7.44207  1.000 68.56010  ? 283 LYS B C   1 
ATOM   875  O O   . LYS B 1 28 ? 8.77332   -23.04975 -6.98353  1.000 72.24010  ? 283 LYS B O   1 
ATOM   876  C CB  . LYS B 1 28 ? 10.41062  -25.70603 -6.01370  1.000 66.34010  ? 283 LYS B CB  1 
ATOM   877  C CG  . LYS B 1 28 ? 9.76128   -25.84251 -4.68171  1.000 69.41010  ? 283 LYS B CG  1 
ATOM   878  C CD  . LYS B 1 28 ? 10.42772  -27.00983 -3.91998  1.000 89.79010  ? 283 LYS B CD  1 
ATOM   879  C CE  . LYS B 1 28 ? 11.47551  -26.59893 -2.84801  1.000 95.72010  ? 283 LYS B CE  1 
ATOM   880  N NZ  . LYS B 1 28 ? 12.00038  -27.78108 -2.05381  1.000 92.07010  ? 283 LYS B NZ  1 
ATOM   881  N N   . LEU B 1 29 ? 10.60490  -23.45999 -8.18509  1.000 66.01715  ? 284 LEU B N   1 
ATOM   882  C CA  . LEU B 1 29 ? 10.70446  -22.05758 -8.53426  1.000 68.11715  ? 284 LEU B CA  1 
ATOM   883  C C   . LEU B 1 29 ? 9.52002   -21.62325 -9.37892  1.000 69.38715  ? 284 LEU B C   1 
ATOM   884  O O   . LEU B 1 29 ? 8.84789   -20.64756 -9.05375  1.000 75.14715  ? 284 LEU B O   1 
ATOM   885  C CB  . LEU B 1 29 ? 12.01436  -21.79504 -9.24660  1.000 67.42715  ? 284 LEU B CB  1 
ATOM   886  C CG  . LEU B 1 29 ? 13.12260  -21.78915 -8.21621  1.000 62.97715  ? 284 LEU B CG  1 
ATOM   887  C CD1 . LEU B 1 29 ? 14.38716  -21.46989 -8.89522  1.000 62.90715  ? 284 LEU B CD1 1 
ATOM   888  C CD2 . LEU B 1 29 ? 12.83845  -20.80035 -7.14760  1.000 70.11715  ? 284 LEU B CD2 1 
ATOM   889  N N   . LYS B 1 30 ? 9.19821   -22.38227 -10.42830 1.000 73.40961  ? 285 LYS B N   1 
ATOM   890  C CA  . LYS B 1 30 ? 8.08017   -21.99217 -11.28665 1.000 74.66961  ? 285 LYS B CA  1 
ATOM   891  C C   . LYS B 1 30 ? 6.77385   -21.86411 -10.52892 1.000 73.36961  ? 285 LYS B C   1 
ATOM   892  O O   . LYS B 1 30 ? 5.99431   -20.96601 -10.82766 1.000 75.44961  ? 285 LYS B O   1 
ATOM   893  C CB  . LYS B 1 30 ? 7.89187   -22.96342 -12.45250 1.000 73.68961  ? 285 LYS B CB  1 
ATOM   894  C CG  . LYS B 1 30 ? 9.00717   -22.94969 -13.49761 1.000 74.75961  ? 285 LYS B CG  1 
ATOM   895  C CD  . LYS B 1 30 ? 8.32767   -22.92616 -14.86348 1.000 82.60961  ? 285 LYS B CD  1 
ATOM   896  C CE  . LYS B 1 30 ? 9.29365   -22.71362 -16.01788 1.000 97.80961  ? 285 LYS B CE  1 
ATOM   897  N NZ  . LYS B 1 30 ? 8.65258   -22.91771 -17.36755 1.000 109.10961 ? 285 LYS B NZ  1 
ATOM   898  N N   . GLU B 1 31 ? 6.56207   -22.64282 -9.47497  1.000 73.36291  ? 286 GLU B N   1 
ATOM   899  C CA  . GLU B 1 31 ? 5.30216   -22.46813 -8.77202  1.000 76.28291  ? 286 GLU B CA  1 
ATOM   900  C C   . GLU B 1 31 ? 5.40883   -21.31927 -7.80142  1.000 81.63291  ? 286 GLU B C   1 
ATOM   901  O O   . GLU B 1 31 ? 4.47284   -20.53163 -7.65448  1.000 91.07291  ? 286 GLU B O   1 
ATOM   902  C CB  . GLU B 1 31 ? 4.93874   -23.73118 -7.98189  1.000 72.26291  ? 286 GLU B CB  1 
ATOM   903  C CG  . GLU B 1 31 ? 5.10375   -25.04089 -8.74623  1.000 78.49291  ? 286 GLU B CG  1 
ATOM   904  C CD  . GLU B 1 31 ? 5.51320   -26.22868 -7.83433  1.000 87.11291  ? 286 GLU B CD  1 
ATOM   905  O OE1 . GLU B 1 31 ? 5.76778   -26.01050 -6.62110  1.000 89.79291  ? 286 GLU B OE1 1 
ATOM   906  O OE2 . GLU B 1 31 ? 5.60525   -27.38466 -8.32744  1.000 84.93291  ? 286 GLU B OE2 1 
ATOM   907  N N   . GLU B 1 32 ? 6.59161   -21.10850 -7.26974  1.000 77.19074  ? 287 GLU B N   1 
ATOM   908  C CA  . GLU B 1 32 ? 6.83246   -19.90683 -6.50771  1.000 79.14074  ? 287 GLU B CA  1 
ATOM   909  C C   . GLU B 1 32 ? 6.69451   -18.66290 -7.38523  1.000 83.14074  ? 287 GLU B C   1 
ATOM   910  O O   . GLU B 1 32 ? 5.95347   -17.74566 -7.04722  1.000 87.88074  ? 287 GLU B O   1 
ATOM   911  C CB  . GLU B 1 32 ? 8.21955   -20.06575 -5.91822  1.000 82.91074  ? 287 GLU B CB  1 
ATOM   912  C CG  . GLU B 1 32 ? 8.21376   -21.00529 -4.76414  1.000 79.65074  ? 287 GLU B CG  1 
ATOM   913  C CD  . GLU B 1 32 ? 9.42678   -20.85215 -3.92791  1.000 83.29074  ? 287 GLU B CD  1 
ATOM   914  O OE1 . GLU B 1 32 ? 9.75432   -21.81540 -3.20993  1.000 84.52074  ? 287 GLU B OE1 1 
ATOM   915  O OE2 . GLU B 1 32 ? 10.10900  -19.81059 -4.06882  1.000 88.89074  ? 287 GLU B OE2 1 
ATOM   916  N N   . ALA B 1 33 ? 7.38169   -18.63146 -8.53725  1.000 85.69878  ? 288 ALA B N   1 
ATOM   917  C CA  . ALA B 1 33 ? 7.23845   -17.55206 -9.52199  1.000 83.94878  ? 288 ALA B CA  1 
ATOM   918  C C   . ALA B 1 33 ? 5.79720   -17.33641 -9.91755  1.000 90.79878  ? 288 ALA B C   1 
ATOM   919  O O   . ALA B 1 33 ? 5.44992   -16.25193 -10.40607 1.000 96.07878  ? 288 ALA B O   1 
ATOM   920  C CB  . ALA B 1 33 ? 8.07808   -17.80632 -10.77467 1.000 75.41878  ? 288 ALA B CB  1 
ATOM   921  N N   . ALA B 1 34 ? 4.98381   -18.40075 -9.86210  1.000 89.43843  ? 289 ALA B N   1 
ATOM   922  C CA  . ALA B 1 34 ? 3.55718   -18.32070 -10.18140 1.000 91.49843  ? 289 ALA B CA  1 
ATOM   923  C C   . ALA B 1 34 ? 2.82829   -17.45030 -9.16910  1.000 88.97843  ? 289 ALA B C   1 
ATOM   924  O O   . ALA B 1 34 ? 2.39845   -16.33669 -9.48659  1.000 88.65843  ? 289 ALA B O   1 
ATOM   925  C CB  . ALA B 1 34 ? 2.90885   -19.71365 -10.21073 1.000 85.47843  ? 289 ALA B CB  1 
ATOM   926  N N   . GLN B 1 35 ? 2.75711   -17.93630 -7.92578  1.000 86.28600  ? 290 GLN B N   1 
ATOM   927  C CA  . GLN B 1 35 ? 2.02237   -17.22243 -6.89605  1.000 91.51600  ? 290 GLN B CA  1 
ATOM   928  C C   . GLN B 1 35 ? 2.49288   -15.78818 -6.77583  1.000 91.72600  ? 290 GLN B C   1 
ATOM   929  O O   . GLN B 1 35 ? 1.72243   -14.90254 -6.39891  1.000 93.05600  ? 290 GLN B O   1 
ATOM   930  C CB  . GLN B 1 35 ? 2.17646   -17.95704 -5.56690  1.000 92.95600  ? 290 GLN B CB  1 
ATOM   931  C CG  . GLN B 1 35 ? 2.05640   -19.46290 -5.72768  1.000 93.04600  ? 290 GLN B CG  1 
ATOM   932  C CD  . GLN B 1 35 ? 2.74265   -20.23641 -4.61284  1.000 97.78600  ? 290 GLN B CD  1 
ATOM   933  O OE1 . GLN B 1 35 ? 3.64293   -19.72099 -3.93214  1.000 98.84600  ? 290 GLN B OE1 1 
ATOM   934  N NE2 . GLN B 1 35 ? 2.33377   -21.48862 -4.43172  1.000 97.22600  ? 290 GLN B NE2 1 
ATOM   935  N N   . HIS B 1 36 ? 3.73505   -15.51990 -7.11999  1.000 92.68567  ? 291 HIS B N   1 
ATOM   936  C CA  . HIS B 1 36 ? 4.15781   -14.13197 -7.13658  1.000 97.85567  ? 291 HIS B CA  1 
ATOM   937  C C   . HIS B 1 36 ? 3.42387   -13.41697 -8.25425  1.000 99.18567  ? 291 HIS B C   1 
ATOM   938  O O   . HIS B 1 36 ? 2.67446   -12.47106 -8.01401  1.000 100.06567 ? 291 HIS B O   1 
ATOM   939  C CB  . HIS B 1 36 ? 5.68258   -14.04964 -7.26701  1.000 100.87567 ? 291 HIS B CB  1 
ATOM   940  C CG  . HIS B 1 36 ? 6.38319   -14.61522 -6.06286  1.000 105.59567 ? 291 HIS B CG  1 
ATOM   941  N ND1 . HIS B 1 36 ? 7.41297   -15.53162 -6.15537  1.000 104.04567 ? 291 HIS B ND1 1 
ATOM   942  C CD2 . HIS B 1 36 ? 6.12114   -14.47897 -4.73720  1.000 106.32567 ? 291 HIS B CD2 1 
ATOM   943  C CE1 . HIS B 1 36 ? 7.78313   -15.89869 -4.93877  1.000 104.66567 ? 291 HIS B CE1 1 
ATOM   944  N NE2 . HIS B 1 36 ? 7.01419   -15.27655 -4.06116  1.000 109.54567 ? 291 HIS B NE2 1 
ATOM   945  N N   . ALA B 1 37 ? 3.51309   -13.96483 -9.46411  1.000 98.15834  ? 292 ALA B N   1 
ATOM   946  C CA  . ALA B 1 37 ? 2.98201   -13.29076 -10.63716 1.000 97.27834  ? 292 ALA B CA  1 
ATOM   947  C C   . ALA B 1 37 ? 1.50434   -12.94889 -10.48777 1.000 98.94834  ? 292 ALA B C   1 
ATOM   948  O O   . ALA B 1 37 ? 1.03133   -12.00565 -11.12898 1.000 100.36834 ? 292 ALA B O   1 
ATOM   949  C CB  . ALA B 1 37 ? 3.22627   -14.14977 -11.87922 1.000 103.75834 ? 292 ALA B CB  1 
ATOM   950  N N   . ILE B 1 38 ? 0.75906   -13.68847 -9.64447  1.000 99.86641  ? 293 ILE B N   1 
ATOM   951  C CA  . ILE B 1 38 ? -0.67354  -13.40402 -9.44087  1.000 101.48641 ? 293 ILE B CA  1 
ATOM   952  C C   . ILE B 1 38 ? -0.86058  -12.26845 -8.42767  1.000 99.14641  ? 293 ILE B C   1 
ATOM   953  O O   . ILE B 1 38 ? -1.60197  -11.29889 -8.65900  1.000 93.40641  ? 293 ILE B O   1 
ATOM   954  C CB  . ILE B 1 38 ? -1.47784  -14.67863 -9.04333  1.000 92.67641  ? 293 ILE B CB  1 
ATOM   955  C CG1 . ILE B 1 38 ? -1.13915  -15.23192 -7.64684  1.000 88.17641  ? 293 ILE B CG1 1 
ATOM   956  C CG2 . ILE B 1 38 ? -1.37051  -15.77377 -10.12260 1.000 92.52641  ? 293 ILE B CG2 1 
ATOM   957  C CD1 . ILE B 1 38 ? -2.18614  -14.94223 -6.59531  1.000 85.68641  ? 293 ILE B CD1 1 
ATOM   958  N N   . VAL B 1 39 ? -0.14156  -12.34707 -7.30891  1.000 98.08376  ? 294 VAL B N   1 
ATOM   959  C CA  . VAL B 1 39 ? -0.22789  -11.30157 -6.31976  1.000 93.59376  ? 294 VAL B CA  1 
ATOM   960  C C   . VAL B 1 39 ? 0.33301   -10.02517 -6.89237  1.000 90.81376  ? 294 VAL B C   1 
ATOM   961  O O   . VAL B 1 39 ? -0.07897  -8.95051  -6.49299  1.000 94.41376  ? 294 VAL B O   1 
ATOM   962  C CB  . VAL B 1 39 ? 0.52996   -11.71041 -5.04805  1.000 93.20376  ? 294 VAL B CB  1 
ATOM   963  C CG1 . VAL B 1 39 ? 0.40983   -10.64547 -4.00498  1.000 88.81376  ? 294 VAL B CG1 1 
ATOM   964  C CG2 . VAL B 1 39 ? 0.01383   -13.01955 -4.53701  1.000 93.83376  ? 294 VAL B CG2 1 
ATOM   965  N N   . MET B 1 40 ? 1.18448   -10.10363 -7.90806  1.000 95.51527  ? 295 MET B N   1 
ATOM   966  C CA  . MET B 1 40 ? 1.65948   -8.87382  -8.51948  1.000 99.53527  ? 295 MET B CA  1 
ATOM   967  C C   . MET B 1 40 ? 0.48279   -8.11826  -9.13632  1.000 97.78527  ? 295 MET B C   1 
ATOM   968  O O   . MET B 1 40 ? 0.59444   -6.91214  -9.38186  1.000 94.33527  ? 295 MET B O   1 
ATOM   969  C CB  . MET B 1 40 ? 2.66399   -9.19503  -9.63691  1.000 102.75527 ? 295 MET B CB  1 
ATOM   970  C CG  . MET B 1 40 ? 3.83348   -10.17273 -9.32915  1.000 100.46527 ? 295 MET B CG  1 
ATOM   971  S SD  . MET B 1 40 ? 5.33788   -9.94560  -8.34903  1.000 111.25527 ? 295 MET B SD  1 
ATOM   972  C CE  . MET B 1 40 ? 6.16199   -8.69100  -9.34039  1.000 115.14527 ? 295 MET B CE  1 
ATOM   973  N N   . GLU B 1 41 ? -0.63759  -8.81509  -9.41072  1.000 97.80922  ? 296 GLU B N   1 
ATOM   974  C CA  . GLU B 1 41 ? -1.84304  -8.16493  -9.94492  1.000 100.49922 ? 296 GLU B CA  1 
ATOM   975  C C   . GLU B 1 41 ? -2.59136  -7.32912  -8.89893  1.000 96.38922  ? 296 GLU B C   1 
ATOM   976  O O   . GLU B 1 41 ? -3.30275  -6.37460  -9.24689  1.000 95.66922  ? 296 GLU B O   1 
ATOM   977  C CB  . GLU B 1 41 ? -2.78878  -9.21123  -10.53337 1.000 104.48922 ? 296 GLU B CB  1 
ATOM   978  C CG  . GLU B 1 41 ? -2.42136  -9.74922  -11.91642 1.000 108.10922 ? 296 GLU B CG  1 
ATOM   979  C CD  . GLU B 1 41 ? -3.01759  -11.13667 -12.16210 1.000 115.04922 ? 296 GLU B CD  1 
ATOM   980  O OE1 . GLU B 1 41 ? -2.95271  -11.61975 -13.31720 1.000 124.39922 ? 296 GLU B OE1 1 
ATOM   981  O OE2 . GLU B 1 41 ? -3.55835  -11.73795 -11.19755 1.000 106.20922 ? 296 GLU B OE2 1 
ATOM   982  N N   . THR B 1 42 ? -2.46326  -7.69873  -7.62494  1.000 89.85331  ? 297 THR B N   1 
ATOM   983  C CA  . THR B 1 42 ? -3.02947  -7.01606  -6.47420  1.000 84.76331  ? 297 THR B CA  1 
ATOM   984  C C   . THR B 1 42 ? -2.58717  -5.55287  -6.35788  1.000 92.57331  ? 297 THR B C   1 
ATOM   985  O O   . THR B 1 42 ? -3.10495  -4.83735  -5.48694  1.000 90.25331  ? 297 THR B O   1 
ATOM   986  C CB  . THR B 1 42 ? -2.62601  -7.77258  -5.22653  1.000 83.16331  ? 297 THR B CB  1 
ATOM   987  O OG1 . THR B 1 42 ? -3.55555  -7.54309  -4.18966  1.000 90.46331  ? 297 THR B OG1 1 
ATOM   988  C CG2 . THR B 1 42 ? -1.36486  -7.19469  -4.70104  1.000 92.45331  ? 297 THR B CG2 1 
ATOM   989  N N   . VAL B 1 43 ? -1.64511  -5.08610  -7.18416  1.000 90.39826  ? 298 VAL B N   1 
ATOM   990  C CA  . VAL B 1 43 ? -0.99304  -3.79695  -6.95401  1.000 87.60826  ? 298 VAL B CA  1 
ATOM   991  C C   . VAL B 1 43 ? -1.72538  -2.61702  -7.56382  1.000 89.59826  ? 298 VAL B C   1 
ATOM   992  O O   . VAL B 1 43 ? -1.85198  -1.60808  -6.86296  1.000 91.53826  ? 298 VAL B O   1 
ATOM   993  C CB  . VAL B 1 43 ? 0.45465   -3.80131  -7.46359  1.000 89.68826  ? 298 VAL B CB  1 
ATOM   994  C CG1 . VAL B 1 43 ? 0.89171   -2.39024  -7.85498  1.000 89.72826  ? 298 VAL B CG1 1 
ATOM   995  C CG2 . VAL B 1 43 ? 1.36053   -4.24535  -6.36732  1.000 86.68826  ? 298 VAL B CG2 1 
ATOM   996  N N   . PRO B 1 44 ? -2.23472  -2.64040  -8.79937  1.000 92.13416  ? 299 PRO B N   1 
ATOM   997  C CA  . PRO B 1 44 ? -2.90608  -1.41566  -9.25508  1.000 94.70416  ? 299 PRO B CA  1 
ATOM   998  C C   . PRO B 1 44 ? -4.11312  -1.14094  -8.38386  1.000 93.60416  ? 299 PRO B C   1 
ATOM   999  O O   . PRO B 1 44 ? -4.44177  0.02118   -8.11544  1.000 91.45416  ? 299 PRO B O   1 
ATOM   1000 C CB  . PRO B 1 44 ? -3.28123  -1.71952  -10.71512 1.000 94.60416  ? 299 PRO B CB  1 
ATOM   1001 C CG  . PRO B 1 44 ? -2.52181  -2.91251  -11.08544 1.000 96.35416  ? 299 PRO B CG  1 
ATOM   1002 C CD  . PRO B 1 44 ? -2.27494  -3.68539  -9.83080  1.000 91.26416  ? 299 PRO B CD  1 
ATOM   1003 N N   . VAL B 1 45 ? -4.72798  -2.19672  -7.85409  1.000 94.06334  ? 300 VAL B N   1 
ATOM   1004 C CA  . VAL B 1 45 ? -5.85707  -2.01906  -6.95704  1.000 91.35334  ? 300 VAL B CA  1 
ATOM   1005 C C   . VAL B 1 45 ? -5.37564  -1.43045  -5.63359  1.000 84.86334  ? 300 VAL B C   1 
ATOM   1006 O O   . VAL B 1 45 ? -5.79252  -0.33906  -5.24283  1.000 85.99334  ? 300 VAL B O   1 
ATOM   1007 C CB  . VAL B 1 45 ? -6.60723  -3.34300  -6.75768  1.000 91.04334  ? 300 VAL B CB  1 
ATOM   1008 C CG1 . VAL B 1 45 ? -7.60802  -3.19085  -5.64237  1.000 90.94334  ? 300 VAL B CG1 1 
ATOM   1009 C CG2 . VAL B 1 45 ? -7.30225  -3.72150  -8.04350  1.000 93.11334  ? 300 VAL B CG2 1 
ATOM   1010 N N   . LEU B 1 46 ? -4.43060  -2.11185  -4.96835  1.000 84.58471  ? 301 LEU B N   1 
ATOM   1011 C CA  . LEU B 1 46 ? -3.85152  -1.60729  -3.71875  1.000 81.07471  ? 301 LEU B CA  1 
ATOM   1012 C C   . LEU B 1 46 ? -3.30266  -0.19451  -3.83723  1.000 80.76471  ? 301 LEU B C   1 
ATOM   1013 O O   . LEU B 1 46 ? -3.35184  0.55001   -2.85369  1.000 77.30471  ? 301 LEU B O   1 
ATOM   1014 C CB  . LEU B 1 46 ? -2.77641  -2.54333  -3.16708  1.000 88.29471  ? 301 LEU B CB  1 
ATOM   1015 C CG  . LEU B 1 46 ? -3.37430  -3.47459  -2.10178  1.000 87.65471  ? 301 LEU B CG  1 
ATOM   1016 C CD1 . LEU B 1 46 ? -4.45786  -4.33275  -2.70039  1.000 89.17471  ? 301 LEU B CD1 1 
ATOM   1017 C CD2 . LEU B 1 46 ? -2.37246  -4.31320  -1.34304  1.000 82.24471  ? 301 LEU B CD2 1 
ATOM   1018 N N   . LYS B 1 47 ? -2.56152  0.11226   -4.91312  1.000 84.78416  ? 302 LYS B N   1 
ATOM   1019 C CA  . LYS B 1 47 ? -2.20654  1.50991   -5.19293  1.000 82.65416  ? 302 LYS B CA  1 
ATOM   1020 C C   . LYS B 1 47 ? -3.42278  2.40780   -5.36406  1.000 79.48416  ? 302 LYS B C   1 
ATOM   1021 O O   . LYS B 1 47 ? -3.49269  3.48255   -4.75955  1.000 76.51416  ? 302 LYS B O   1 
ATOM   1022 C CB  . LYS B 1 47 ? -1.25368  1.65637   -6.38449  1.000 88.51416  ? 302 LYS B CB  1 
ATOM   1023 C CG  . LYS B 1 47 ? -0.47520  3.01864   -6.31175  1.000 88.17416  ? 302 LYS B CG  1 
ATOM   1024 C CD  . LYS B 1 47 ? 0.57708   3.14769   -5.19346  1.000 90.58416  ? 302 LYS B CD  1 
ATOM   1025 C CE  . LYS B 1 47 ? 1.74622   4.06976   -5.58513  1.000 92.65416  ? 302 LYS B CE  1 
ATOM   1026 N NZ  . LYS B 1 47 ? 1.86459   5.28174   -4.69630  1.000 90.40416  ? 302 LYS B NZ  1 
ATOM   1027 N N   . ALA B 1 48 ? -4.40974  1.97986   -6.14834  1.000 80.50496  ? 303 ALA B N   1 
ATOM   1028 C CA  . ALA B 1 48 ? -5.55570  2.85497   -6.34916  1.000 78.89496  ? 303 ALA B CA  1 
ATOM   1029 C C   . ALA B 1 48 ? -6.18890  3.22768   -5.01530  1.000 76.20496  ? 303 ALA B C   1 
ATOM   1030 O O   . ALA B 1 48 ? -6.43861  4.40495   -4.75321  1.000 72.83496  ? 303 ALA B O   1 
ATOM   1031 C CB  . ALA B 1 48 ? -6.57192  2.19268   -7.28067  1.000 83.11496  ? 303 ALA B CB  1 
ATOM   1032 N N   . GLN B 1 49 ? -6.36823  2.27273   -4.11490  1.000 76.81829  ? 304 GLN B N   1 
ATOM   1033 C CA  . GLN B 1 49 ? -6.97702  2.66018   -2.85415  1.000 73.44829  ? 304 GLN B CA  1 
ATOM   1034 C C   . GLN B 1 49 ? -6.08213  3.57027   -2.02704  1.000 70.97829  ? 304 GLN B C   1 
ATOM   1035 O O   . GLN B 1 49 ? -6.50805  4.65952   -1.65243  1.000 72.07829  ? 304 GLN B O   1 
ATOM   1036 C CB  . GLN B 1 49 ? -7.32935  1.43388   -2.01440  1.000 76.30829  ? 304 GLN B CB  1 
ATOM   1037 C CG  . GLN B 1 49 ? -8.37392  0.50819   -2.59689  1.000 80.54829  ? 304 GLN B CG  1 
ATOM   1038 C CD  . GLN B 1 49 ? -8.63742  -0.66471  -1.68503  1.000 83.50829  ? 304 GLN B CD  1 
ATOM   1039 O OE1 . GLN B 1 49 ? -7.71955  -1.28453  -1.12027  1.000 74.98829  ? 304 GLN B OE1 1 
ATOM   1040 N NE2 . GLN B 1 49 ? -9.92558  -0.86176  -1.39471  1.000 93.27829  ? 304 GLN B NE2 1 
ATOM   1041 N N   . ALA B 1 50 ? -4.80008  3.23349   -1.88109  1.000 74.50813  ? 305 ALA B N   1 
ATOM   1042 C CA  . ALA B 1 50 ? -3.85775  4.11063   -1.18111  1.000 72.66813  ? 305 ALA B CA  1 
ATOM   1043 C C   . ALA B 1 50 ? -3.90309  5.50765   -1.79310  1.000 69.29813  ? 305 ALA B C   1 
ATOM   1044 O O   . ALA B 1 50 ? -3.89396  6.51804   -1.08448  1.000 65.84813  ? 305 ALA B O   1 
ATOM   1045 C CB  . ALA B 1 50 ? -2.45780  3.50371   -1.16786  1.000 72.49813  ? 305 ALA B CB  1 
ATOM   1046 N N   . ASP B 1 51 ? -3.68228  5.57240   -3.09259  1.000 69.28163  ? 306 ASP B N   1 
ATOM   1047 C CA  . ASP B 1 51 ? -3.59591  6.85177   -3.77039  1.000 72.81163  ? 306 ASP B CA  1 
ATOM   1048 C C   . ASP B 1 51 ? -4.76311  7.74972   -3.36595  1.000 69.77163  ? 306 ASP B C   1 
ATOM   1049 O O   . ASP B 1 51 ? -4.58457  8.86524   -2.86838  1.000 69.73163  ? 306 ASP B O   1 
ATOM   1050 C CB  . ASP B 1 51 ? -3.68199  6.61521   -5.28096  1.000 74.47163  ? 306 ASP B CB  1 
ATOM   1051 C CG  . ASP B 1 51 ? -2.33469  6.60342   -5.97267  1.000 80.66163  ? 306 ASP B CG  1 
ATOM   1052 O OD1 . ASP B 1 51 ? -1.28544  6.48638   -5.27182  1.000 84.03163  ? 306 ASP B OD1 1 
ATOM   1053 O OD2 . ASP B 1 51 ? -2.35616  6.70136   -7.23085  1.000 77.26163  ? 306 ASP B OD2 1 
ATOM   1054 N N   . ILE B 1 52 ? -5.95607  7.16552   -3.38260  1.000 69.37567  ? 307 ILE B N   1 
ATOM   1055 C CA  . ILE B 1 52 ? -7.19907  7.85008   -3.04698  1.000 65.89567  ? 307 ILE B CA  1 
ATOM   1056 C C   . ILE B 1 52 ? -7.38782  8.09362   -1.57130  1.000 62.76567  ? 307 ILE B C   1 
ATOM   1057 O O   . ILE B 1 52 ? -7.64885  9.21792   -1.17369  1.000 61.47567  ? 307 ILE B O   1 
ATOM   1058 C CB  . ILE B 1 52 ? -8.35315  6.97989   -3.54160  1.000 66.15567  ? 307 ILE B CB  1 
ATOM   1059 C CG1 . ILE B 1 52 ? -8.36430  6.91456   -5.06665  1.000 71.02567  ? 307 ILE B CG1 1 
ATOM   1060 C CG2 . ILE B 1 52 ? -9.61927  7.36084   -2.84594  1.000 57.59567  ? 307 ILE B CG2 1 
ATOM   1061 C CD1 . ILE B 1 52 ? -9.36767  5.92872   -5.62230  1.000 73.32567  ? 307 ILE B CD1 1 
ATOM   1062 N N   . TYR B 1 53 ? -7.10940  7.12158   -0.72131  1.000 66.65282  ? 308 TYR B N   1 
ATOM   1063 C CA  . TYR B 1 53 ? -7.33602  7.41359   0.68546   1.000 66.76282  ? 308 TYR B CA  1 
ATOM   1064 C C   . TYR B 1 53 ? -6.36840  8.46452   1.20906   1.000 68.36282  ? 308 TYR B C   1 
ATOM   1065 O O   . TYR B 1 53 ? -6.71763  9.20997   2.12719   1.000 66.08282  ? 308 TYR B O   1 
ATOM   1066 C CB  . TYR B 1 53 ? -7.22126  6.13478   1.54135   1.000 62.37282  ? 308 TYR B CB  1 
ATOM   1067 C CG  . TYR B 1 53 ? -8.41175  5.20920   1.34352   1.000 66.59282  ? 308 TYR B CG  1 
ATOM   1068 C CD1 . TYR B 1 53 ? -9.52899  5.30526   2.14285   1.000 67.19282  ? 308 TYR B CD1 1 
ATOM   1069 C CD2 . TYR B 1 53 ? -8.38555  4.16720   0.41383   1.000 67.01282  ? 308 TYR B CD2 1 
ATOM   1070 C CE1 . TYR B 1 53 ? -10.64017 4.45627   1.97493   1.000 62.46282  ? 308 TYR B CE1 1 
ATOM   1071 C CE2 . TYR B 1 53 ? -9.50436  3.29328   0.23429   1.000 68.84282  ? 308 TYR B CE2 1 
ATOM   1072 C CZ  . TYR B 1 53 ? -10.63297 3.43980   1.03638   1.000 65.37282  ? 308 TYR B CZ  1 
ATOM   1073 O OH  . TYR B 1 53 ? -11.74968 2.60988   0.90366   1.000 61.24282  ? 308 TYR B OH  1 
ATOM   1074 N N   . LYS B 1 54 ? -5.16953  8.55936   0.63351   1.000 68.38728  ? 309 LYS B N   1 
ATOM   1075 C CA  . LYS B 1 54 ? -4.25563  9.63897   0.97584   1.000 68.53728  ? 309 LYS B CA  1 
ATOM   1076 C C   . LYS B 1 54 ? -4.69050  10.96959  0.33287   1.000 65.75728  ? 309 LYS B C   1 
ATOM   1077 O O   . LYS B 1 54 ? -4.62692  12.02844  0.97289   1.000 62.07728  ? 309 LYS B O   1 
ATOM   1078 C CB  . LYS B 1 54 ? -2.81385  9.18361   0.67538   1.000 67.29728  ? 309 LYS B CB  1 
ATOM   1079 C CG  . LYS B 1 54 ? -1.65175  10.22500  0.74385   1.000 72.27728  ? 309 LYS B CG  1 
ATOM   1080 C CD  . LYS B 1 54 ? -0.26214  9.54932   0.53822   1.000 73.28728  ? 309 LYS B CD  1 
ATOM   1081 C CE  . LYS B 1 54 ? 0.71182   10.27694  -0.42038  1.000 77.02728  ? 309 LYS B CE  1 
ATOM   1082 N NZ  . LYS B 1 54 ? 2.20010   10.00974  -0.15470  1.000 69.33728  ? 309 LYS B NZ  1 
ATOM   1083 N N   . ALA B 1 55 ? -5.11374  10.95853  -0.93254  1.000 63.38692  ? 310 ALA B N   1 
ATOM   1084 C CA  . ALA B 1 55 ? -5.59819  12.20510  -1.53693  1.000 64.53692  ? 310 ALA B CA  1 
ATOM   1085 C C   . ALA B 1 55 ? -6.78983  12.77927  -0.79393  1.000 67.90692  ? 310 ALA B C   1 
ATOM   1086 O O   . ALA B 1 55 ? -6.83664  13.98345  -0.52509  1.000 68.77692  ? 310 ALA B O   1 
ATOM   1087 C CB  . ALA B 1 55 ? -5.99055  11.97505  -2.99490  1.000 68.81692  ? 310 ALA B CB  1 
ATOM   1088 N N   . ASP B 1 56 ? -7.79041  11.93699  -0.49225  1.000 71.01113  ? 311 ASP B N   1 
ATOM   1089 C CA  . ASP B 1 56 ? -8.94717  12.41874  0.24664   1.000 61.68113  ? 311 ASP B CA  1 
ATOM   1090 C C   . ASP B 1 56 ? -8.58592  12.76972  1.66109   1.000 65.23113  ? 311 ASP B C   1 
ATOM   1091 O O   . ASP B 1 56 ? -9.10330  13.74089  2.20345   1.000 67.56113  ? 311 ASP B O   1 
ATOM   1092 C CB  . ASP B 1 56 ? -10.06763 11.39708  0.32404   1.000 57.98113  ? 311 ASP B CB  1 
ATOM   1093 C CG  . ASP B 1 56 ? -10.69291 11.13786  -0.98434  1.000 59.95113  ? 311 ASP B CG  1 
ATOM   1094 O OD1 . ASP B 1 56 ? -10.35832 11.87300  -1.93081  1.000 61.35113  ? 311 ASP B OD1 1 
ATOM   1095 O OD2 . ASP B 1 56 ? -11.59874 10.28287  -1.03103  1.000 56.39113  ? 311 ASP B OD2 1 
ATOM   1096 N N   . PHE B 1 57 ? -7.66446  12.03706  2.26226   1.000 65.10598  ? 312 PHE B N   1 
ATOM   1097 C CA  . PHE B 1 57 ? -7.35387  12.36694  3.63554   1.000 66.08598  ? 312 PHE B CA  1 
ATOM   1098 C C   . PHE B 1 57 ? -6.71527  13.73816  3.70261   1.000 71.09598  ? 312 PHE B C   1 
ATOM   1099 O O   . PHE B 1 57 ? -7.04604  14.54444  4.57454   1.000 75.39598  ? 312 PHE B O   1 
ATOM   1100 C CB  . PHE B 1 57 ? -6.44733  11.32235  4.25442   1.000 61.95598  ? 312 PHE B CB  1 
ATOM   1101 C CG  . PHE B 1 57 ? -5.70945  11.82582  5.41963   1.000 65.67598  ? 312 PHE B CG  1 
ATOM   1102 C CD1 . PHE B 1 57 ? -6.33632  11.90819  6.62802   1.000 69.69598  ? 312 PHE B CD1 1 
ATOM   1103 C CD2 . PHE B 1 57 ? -4.43098  12.26325  5.32410   1.000 72.67598  ? 312 PHE B CD2 1 
ATOM   1104 C CE1 . PHE B 1 57 ? -5.69555  12.38850  7.74915   1.000 70.40598  ? 312 PHE B CE1 1 
ATOM   1105 C CE2 . PHE B 1 57 ? -3.78529  12.74525  6.44643   1.000 80.60598  ? 312 PHE B CE2 1 
ATOM   1106 C CZ  . PHE B 1 57 ? -4.42773  12.79965  7.66524   1.000 72.66598  ? 312 PHE B CZ  1 
ATOM   1107 N N   . GLN B 1 58 ? -5.85891  14.04768  2.73357   1.000 73.33502  ? 313 GLN B N   1 
ATOM   1108 C CA  . GLN B 1 58 ? -5.24934  15.37045  2.67062   1.000 77.68502  ? 313 GLN B CA  1 
ATOM   1109 C C   . GLN B 1 58 ? -6.31562  16.43261  2.43678   1.000 75.88502  ? 313 GLN B C   1 
ATOM   1110 O O   . GLN B 1 58 ? -6.26269  17.51700  3.02316   1.000 76.07502  ? 313 GLN B O   1 
ATOM   1111 C CB  . GLN B 1 58 ? -4.16211  15.35241  1.59681   1.000 82.06502  ? 313 GLN B CB  1 
ATOM   1112 C CG  . GLN B 1 58 ? -2.86440  14.68319  2.16396   1.000 82.77502  ? 313 GLN B CG  1 
ATOM   1113 C CD  . GLN B 1 58 ? -1.85631  14.14266  1.11935   1.000 82.12502  ? 313 GLN B CD  1 
ATOM   1114 O OE1 . GLN B 1 58 ? -1.96445  14.39130  -0.08720  1.000 83.04502  ? 313 GLN B OE1 1 
ATOM   1115 N NE2 . GLN B 1 58 ? -0.86246  13.40639  1.60838   1.000 76.78502  ? 313 GLN B NE2 1 
ATOM   1116 N N   . ALA B 1 59 ? -7.31246  16.11693  1.61227   1.000 73.44702  ? 314 ALA B N   1 
ATOM   1117 C CA  . ALA B 1 59 ? -8.41414  17.04154  1.36536   1.000 78.41702  ? 314 ALA B CA  1 
ATOM   1118 C C   . ALA B 1 59 ? -9.21945  17.33339  2.64513   1.000 81.66702  ? 314 ALA B C   1 
ATOM   1119 O O   . ALA B 1 59 ? -9.64825  18.47115  2.87106   1.000 85.62702  ? 314 ALA B O   1 
ATOM   1120 C CB  . ALA B 1 59 ? -9.32101  16.45486  0.27967   1.000 73.35702  ? 314 ALA B CB  1 
ATOM   1121 N N   . GLU B 1 60 ? -9.42678  16.33228  3.50591   1.000 77.00114  ? 315 GLU B N   1 
ATOM   1122 C CA  . GLU B 1 60 ? -10.21569 16.58925  4.70288   1.000 75.13114  ? 315 GLU B CA  1 
ATOM   1123 C C   . GLU B 1 60 ? -9.43441  17.46391  5.64947   1.000 81.33114  ? 315 GLU B C   1 
ATOM   1124 O O   . GLU B 1 60 ? -9.98436  18.38895  6.24288   1.000 83.29114  ? 315 GLU B O   1 
ATOM   1125 C CB  . GLU B 1 60 ? -10.57458 15.30019  5.42363   1.000 73.13114  ? 315 GLU B CB  1 
ATOM   1126 C CG  . GLU B 1 60 ? -11.59367 14.47071  4.71836   1.000 73.44114  ? 315 GLU B CG  1 
ATOM   1127 C CD  . GLU B 1 60 ? -12.98113 15.01753  4.83033   1.000 70.18114  ? 315 GLU B CD  1 
ATOM   1128 O OE1 . GLU B 1 60 ? -13.42260 15.21808  5.97742   1.000 69.83114  ? 315 GLU B OE1 1 
ATOM   1129 O OE2 . GLU B 1 60 ? -13.63758 15.19816  3.77872   1.000 62.10114  ? 315 GLU B OE2 1 
ATOM   1130 N N   . ARG B 1 61 ? -8.12987  17.23375  5.73499   1.000 82.46244  ? 316 ARG B N   1 
ATOM   1131 C CA  . ARG B 1 61 ? -7.28172  18.11572  6.51611   1.000 83.63244  ? 316 ARG B CA  1 
ATOM   1132 C C   . ARG B 1 61 ? -7.41394  19.52936  6.00687   1.000 87.36244  ? 316 ARG B C   1 
ATOM   1133 O O   . ARG B 1 61 ? -7.39689  20.48471  6.78542   1.000 92.22244  ? 316 ARG B O   1 
ATOM   1134 C CB  . ARG B 1 61 ? -5.83706  17.64580  6.42265   1.000 85.47244  ? 316 ARG B CB  1 
ATOM   1135 C CG  . ARG B 1 61 ? -4.91085  18.09657  7.52662   1.000 96.96244  ? 316 ARG B CG  1 
ATOM   1136 C CD  . ARG B 1 61 ? -3.65447  17.19287  7.46751   1.000 109.34244 ? 316 ARG B CD  1 
ATOM   1137 N NE  . ARG B 1 61 ? -2.63565  17.42439  8.50213   1.000 119.52244 ? 316 ARG B NE  1 
ATOM   1138 C CZ  . ARG B 1 61 ? -1.38004  16.96367  8.44609   1.000 118.10244 ? 316 ARG B CZ  1 
ATOM   1139 N NH1 . ARG B 1 61 ? -0.97352  16.19971  7.42852   1.000 109.38244 ? 316 ARG B NH1 1 
ATOM   1140 N NH2 . ARG B 1 61 ? -0.53528  17.22702  9.43765   1.000 124.95244 ? 316 ARG B NH2 1 
ATOM   1141 N N   . GLN B 1 62 ? -7.54145  19.68453  4.69522   1.000 85.40162  ? 317 GLN B N   1 
ATOM   1142 C CA  . GLN B 1 62 ? -7.75995  21.01189  4.14466   1.000 88.18162  ? 317 GLN B CA  1 
ATOM   1143 C C   . GLN B 1 62 ? -9.02010  21.65279  4.70282   1.000 88.32162  ? 317 GLN B C   1 
ATOM   1144 O O   . GLN B 1 62 ? -8.95389  22.69503  5.35669   1.000 87.11162  ? 317 GLN B O   1 
ATOM   1145 C CB  . GLN B 1 62 ? -7.79317  20.94842  2.61914   1.000 89.71162  ? 317 GLN B CB  1 
ATOM   1146 C CG  . GLN B 1 62 ? -8.14902  22.26341  1.97869   1.000 97.91162  ? 317 GLN B CG  1 
ATOM   1147 C CD  . GLN B 1 62 ? -7.10492  22.67139  0.94604   1.000 102.67162 ? 317 GLN B CD  1 
ATOM   1148 O OE1 . GLN B 1 62 ? -6.12739  21.94555  0.72871   1.000 103.25162 ? 317 GLN B OE1 1 
ATOM   1149 N NE2 . GLN B 1 62 ? -7.29475  23.84151  0.31820   1.000 104.72162 ? 317 GLN B NE2 1 
ATOM   1150 N N   . ALA B 1 63 ? -10.16423 20.98224  4.55014   1.000 89.62640  ? 318 ALA B N   1 
ATOM   1151 C CA  . ALA B 1 63 ? -11.43608 21.56126  4.98695   1.000 88.57640  ? 318 ALA B CA  1 
ATOM   1152 C C   . ALA B 1 63 ? -11.52867 21.67861  6.49997   1.000 87.38640  ? 318 ALA B C   1 
ATOM   1153 O O   . ALA B 1 63 ? -12.17718 22.59380  7.01031   1.000 87.78640  ? 318 ALA B O   1 
ATOM   1154 C CB  . ALA B 1 63 ? -12.60251 20.74437  4.45366   1.000 81.36640  ? 318 ALA B CB  1 
ATOM   1155 N N   . ARG B 1 64 ? -10.96453 20.72754  7.23482   1.000 86.63029  ? 319 ARG B N   1 
ATOM   1156 C CA  . ARG B 1 64 ? -10.91375 20.87953  8.68232   1.000 87.90029  ? 319 ARG B CA  1 
ATOM   1157 C C   . ARG B 1 64 ? -10.12698 22.11599  9.07934   1.000 93.55029  ? 319 ARG B C   1 
ATOM   1158 O O   . ARG B 1 64 ? -10.63212 22.97024  9.81192   1.000 97.71029  ? 319 ARG B O   1 
ATOM   1159 C CB  . ARG B 1 64 ? -10.30690 19.63625  9.31231   1.000 86.46029  ? 319 ARG B CB  1 
ATOM   1160 C CG  . ARG B 1 64 ? -10.41529 19.59754  10.79747  1.000 89.55029  ? 319 ARG B CG  1 
ATOM   1161 C CD  . ARG B 1 64 ? -9.44439  18.56548  11.30492  1.000 95.56029  ? 319 ARG B CD  1 
ATOM   1162 N NE  . ARG B 1 64 ? -8.10906  19.13434  11.49607  1.000 107.00029 ? 319 ARG B NE  1 
ATOM   1163 C CZ  . ARG B 1 64 ? -7.07245  18.47369  12.01933  1.000 114.80029 ? 319 ARG B CZ  1 
ATOM   1164 N NH1 . ARG B 1 64 ? -5.89298  19.09235  12.13698  1.000 113.09029 ? 319 ARG B NH1 1 
ATOM   1165 N NH2 . ARG B 1 64 ? -7.20836  17.19575  12.41159  1.000 112.71029 ? 319 ARG B NH2 1 
ATOM   1166 N N   . GLU B 1 65 ? -8.88443  22.22494  8.60271   1.000 93.19717  ? 320 GLU B N   1 
ATOM   1167 C CA  . GLU B 1 65 ? -8.08029  23.43300  8.77797   1.000 91.63717  ? 320 GLU B CA  1 
ATOM   1168 C C   . GLU B 1 65 ? -8.86709  24.67749  8.37341   1.000 94.10717  ? 320 GLU B C   1 
ATOM   1169 O O   . GLU B 1 65 ? -9.01307  25.62838  9.15116   1.000 93.55717  ? 320 GLU B O   1 
ATOM   1170 C CB  . GLU B 1 65 ? -6.78172  23.30571  7.98449   1.000 93.54717  ? 320 GLU B CB  1 
ATOM   1171 C CG  . GLU B 1 65 ? -5.75297  22.41037  8.65872   1.000 100.92717 ? 320 GLU B CG  1 
ATOM   1172 C CD  . GLU B 1 65 ? -4.35610  22.55559  8.05530   1.000 112.30717 ? 320 GLU B CD  1 
ATOM   1173 O OE1 . GLU B 1 65 ? -4.23430  23.27529  7.03279   1.000 116.00717 ? 320 GLU B OE1 1 
ATOM   1174 O OE2 . GLU B 1 65 ? -3.38608  21.95953  8.60113   1.000 113.76717 ? 320 GLU B OE2 1 
ATOM   1175 N N   . LYS B 1 66 ? -9.26996  24.71442  7.09767   1.000 92.49268  ? 321 LYS B N   1 
ATOM   1176 C CA  . LYS B 1 66 ? -10.07447 25.79350  6.53198   1.000 94.07268  ? 321 LYS B CA  1 
ATOM   1177 C C   . LYS B 1 66 ? -11.30537 26.10913  7.38230   1.000 97.85268  ? 321 LYS B C   1 
ATOM   1178 O O   . LYS B 1 66 ? -11.67479 27.27724  7.53509   1.000 104.33268 ? 321 LYS B O   1 
ATOM   1179 C CB  . LYS B 1 66 ? -10.47455 25.41567  5.10548   1.000 95.15268  ? 321 LYS B CB  1 
ATOM   1180 C CG  . LYS B 1 66 ? -10.78914 26.57892  4.23422   1.000 104.63268 ? 321 LYS B CG  1 
ATOM   1181 C CD  . LYS B 1 66 ? -9.80411  26.59731  3.06280   1.000 113.93268 ? 321 LYS B CD  1 
ATOM   1182 C CE  . LYS B 1 66 ? -10.27178 27.50957  1.91925   1.000 125.92268 ? 321 LYS B CE  1 
ATOM   1183 N NZ  . LYS B 1 66 ? -9.18370  27.80747  0.92697   1.000 122.72268 ? 321 LYS B NZ  1 
ATOM   1184 N N   . LEU B 1 67 ? -11.98966 25.08500  7.89767   1.000 96.55338  ? 322 LEU B N   1 
ATOM   1185 C CA  . LEU B 1 67 ? -13.13921 25.34798  8.76037   1.000 100.48338 ? 322 LEU B CA  1 
ATOM   1186 C C   . LEU B 1 67 ? -12.70449 25.92459  10.10592  1.000 100.37338 ? 322 LEU B C   1 
ATOM   1187 O O   . LEU B 1 67 ? -13.38636 26.79351  10.65772  1.000 103.60338 ? 322 LEU B O   1 
ATOM   1188 C CB  . LEU B 1 67 ? -13.96840 24.08389  8.97734   1.000 99.97338  ? 322 LEU B CB  1 
ATOM   1189 C CG  . LEU B 1 67 ? -15.43798 24.26858  9.39139   1.000 90.80338  ? 322 LEU B CG  1 
ATOM   1190 C CD1 . LEU B 1 67 ? -16.37763 24.35171  8.18779   1.000 86.13338  ? 322 LEU B CD1 1 
ATOM   1191 C CD2 . LEU B 1 67 ? -15.87442 23.17978  10.35411  1.000 85.36338  ? 322 LEU B CD2 1 
ATOM   1192 N N   . ALA B 1 68 ? -11.58471 25.44557  10.66132  1.000 98.90841  ? 323 ALA B N   1 
ATOM   1193 C CA  . ALA B 1 68 ? -11.09732 25.96556  11.94226  1.000 101.88841 ? 323 ALA B CA  1 
ATOM   1194 C C   . ALA B 1 68 ? -10.81154 27.45591  11.86539  1.000 107.28841 ? 323 ALA B C   1 
ATOM   1195 O O   . ALA B 1 68 ? -11.00548 28.18566  12.84819  1.000 106.88841 ? 323 ALA B O   1 
ATOM   1196 C CB  . ALA B 1 68 ? -9.83499  25.22162  12.38375  1.000 98.69841  ? 323 ALA B CB  1 
ATOM   1197 N N   . GLU B 1 69 ? -10.37115 27.92096  10.69900  1.000 107.28866 ? 324 GLU B N   1 
ATOM   1198 C CA  . GLU B 1 69 ? -10.12512 29.34072  10.49997  1.000 110.68866 ? 324 GLU B CA  1 
ATOM   1199 C C   . GLU B 1 69 ? -11.41470 30.14504  10.56224  1.000 111.12866 ? 324 GLU B C   1 
ATOM   1200 O O   . GLU B 1 69 ? -11.55548 31.02859  11.41095  1.000 115.26866 ? 324 GLU B O   1 
ATOM   1201 C CB  . GLU B 1 69 ? -9.43696  29.52608  9.13900   1.000 113.36866 ? 324 GLU B CB  1 
ATOM   1202 C CG  . GLU B 1 69 ? -9.74435  30.82634  8.36596   1.000 116.00866 ? 324 GLU B CG  1 
ATOM   1203 C CD  . GLU B 1 69 ? -9.17677  30.81526  6.93640   1.000 114.60866 ? 324 GLU B CD  1 
ATOM   1204 O OE1 . GLU B 1 69 ? -9.80575  31.43251  6.04300   1.000 117.97866 ? 324 GLU B OE1 1 
ATOM   1205 O OE2 . GLU B 1 69 ? -8.10176  30.19997  6.71179   1.000 114.66866 ? 324 GLU B OE2 1 
ATOM   1206 N N   . LYS B 1 70 ? -12.40248 29.78515  9.74505   1.000 104.56369 ? 325 LYS B N   1 
ATOM   1207 C CA  . LYS B 1 70 ? -13.66991 30.50048  9.76085   1.000 105.61369 ? 325 LYS B CA  1 
ATOM   1208 C C   . LYS B 1 70 ? -14.29783 30.49763  11.15391  1.000 111.12369 ? 325 LYS B C   1 
ATOM   1209 O O   . LYS B 1 70 ? -14.85126 31.51438  11.59364  1.000 117.18369 ? 325 LYS B O   1 
ATOM   1210 C CB  . LYS B 1 70 ? -14.60269 29.92149  8.70103   1.000 105.99369 ? 325 LYS B CB  1 
ATOM   1211 C CG  . LYS B 1 70 ? -16.08659 30.14344  8.96829   1.000 113.73369 ? 325 LYS B CG  1 
ATOM   1212 C CD  . LYS B 1 70 ? -16.83853 30.72339  7.75784   1.000 112.80369 ? 325 LYS B CD  1 
ATOM   1213 C CE  . LYS B 1 70 ? -18.17175 31.37029  8.18054   1.000 115.72369 ? 325 LYS B CE  1 
ATOM   1214 N NZ  . LYS B 1 70 ? -18.00499 32.70121  8.85299   1.000 114.07369 ? 325 LYS B NZ  1 
ATOM   1215 N N   . LYS B 1 71 ? -14.23676 29.36671  11.86265  1.000 111.05530 ? 326 LYS B N   1 
ATOM   1216 C CA  . LYS B 1 71 ? -14.81089 29.31983  13.20882  1.000 114.33530 ? 326 LYS B CA  1 
ATOM   1217 C C   . LYS B 1 71 ? -14.17260 30.36487  14.13044  1.000 115.21530 ? 326 LYS B C   1 
ATOM   1218 O O   . LYS B 1 71 ? -14.86232 30.94361  14.97767  1.000 113.60530 ? 326 LYS B O   1 
ATOM   1219 C CB  . LYS B 1 71 ? -14.69514 27.91275  13.81421  1.000 109.07530 ? 326 LYS B CB  1 
ATOM   1220 C CG  . LYS B 1 71 ? -15.36804 27.75932  15.16058  1.000 100.51530 ? 326 LYS B CG  1 
ATOM   1221 C CD  . LYS B 1 71 ? -14.36715 27.69572  16.27514  1.000 108.41530 ? 326 LYS B CD  1 
ATOM   1222 C CE  . LYS B 1 71 ? -14.98561 27.05468  17.49212  1.000 111.93530 ? 326 LYS B CE  1 
ATOM   1223 N NZ  . LYS B 1 71 ? -14.00787 26.84688  18.60129  1.000 118.12530 ? 326 LYS B NZ  1 
ATOM   1224 N N   . GLU B 1 72 ? -12.89266 30.69317  13.93841  1.000 116.20799 ? 327 GLU B N   1 
ATOM   1225 C CA  . GLU B 1 72 ? -12.24298 31.56006  14.91512  1.000 118.70799 ? 327 GLU B CA  1 
ATOM   1226 C C   . GLU B 1 72 ? -12.38514 33.01879  14.55853  1.000 120.69799 ? 327 GLU B C   1 
ATOM   1227 O O   . GLU B 1 72 ? -12.17251 33.87557  15.41582  1.000 123.26799 ? 327 GLU B O   1 
ATOM   1228 C CB  . GLU B 1 72 ? -10.73901 31.24573  15.00358  1.000 116.98799 ? 327 GLU B CB  1 
ATOM   1229 C CG  . GLU B 1 72 ? -10.01382 31.76413  16.25770  1.000 120.01799 ? 327 GLU B CG  1 
ATOM   1230 C CD  . GLU B 1 72 ? -10.65586 31.34766  17.58463  1.000 128.14799 ? 327 GLU B CD  1 
ATOM   1231 O OE1 . GLU B 1 72 ? -11.44034 30.36765  17.61716  1.000 126.37799 ? 327 GLU B OE1 1 
ATOM   1232 O OE2 . GLU B 1 72 ? -10.37730 32.02017  18.60579  1.000 131.96799 ? 327 GLU B OE2 1 
ATOM   1233 N N   . LEU B 1 73 ? -12.74279 33.30990  13.31464  1.000 119.39008 ? 328 LEU B N   1 
ATOM   1234 C CA  . LEU B 1 73 ? -13.28818 34.61001  12.96360  1.000 121.11008 ? 328 LEU B CA  1 
ATOM   1235 C C   . LEU B 1 73 ? -14.70294 34.76058  13.50419  1.000 122.13008 ? 328 LEU B C   1 
ATOM   1236 O O   . LEU B 1 73 ? -15.18208 35.88444  13.69490  1.000 126.57008 ? 328 LEU B O   1 
ATOM   1237 C CB  . LEU B 1 73 ? -13.19478 34.80756  11.45806  1.000 118.48008 ? 328 LEU B CB  1 
ATOM   1238 C CG  . LEU B 1 73 ? -11.72685 34.51666  11.12250  1.000 120.52008 ? 328 LEU B CG  1 
ATOM   1239 C CD1 . LEU B 1 73 ? -11.46121 34.45200  9.62500   1.000 125.32008 ? 328 LEU B CD1 1 
ATOM   1240 C CD2 . LEU B 1 73 ? -10.77636 35.51030  11.81011  1.000 126.20008 ? 328 LEU B CD2 1 
ATOM   1241 N N   . LEU B 1 74 ? -15.41499 33.64374  13.67469  1.000 118.39444 ? 329 LEU B N   1 
ATOM   1242 C CA  . LEU B 1 74 ? -16.79192 33.72595  14.13364  1.000 117.81444 ? 329 LEU B CA  1 
ATOM   1243 C C   . LEU B 1 74 ? -16.89329 34.04952  15.61644  1.000 121.96444 ? 329 LEU B C   1 
ATOM   1244 O O   . LEU B 1 74 ? -17.87847 34.66353  16.02925  1.000 122.06444 ? 329 LEU B O   1 
ATOM   1245 C CB  . LEU B 1 74 ? -17.53681 32.43999  13.84270  1.000 116.15444 ? 329 LEU B CB  1 
ATOM   1246 C CG  . LEU B 1 74 ? -18.93743 32.85618  13.43419  1.000 112.49444 ? 329 LEU B CG  1 
ATOM   1247 C CD1 . LEU B 1 74 ? -18.81460 33.79601  12.27117  1.000 112.19444 ? 329 LEU B CD1 1 
ATOM   1248 C CD2 . LEU B 1 74 ? -19.80200 31.66653  13.09181  1.000 111.83444 ? 329 LEU B CD2 1 
ATOM   1249 N N   . GLN B 1 75 ? -15.86955 33.73740  16.41370  1.000 124.46301 ? 330 GLN B N   1 
ATOM   1250 C CA  . GLN B 1 75 ? -15.89662 34.12037  17.82050  1.000 127.62301 ? 330 GLN B CA  1 
ATOM   1251 C C   . GLN B 1 75 ? -15.32704 35.49861  17.98461  1.000 130.13301 ? 330 GLN B C   1 
ATOM   1252 O O   . GLN B 1 75 ? -15.58903 36.16776  18.98710  1.000 132.47301 ? 330 GLN B O   1 
ATOM   1253 C CB  . GLN B 1 75 ? -15.03903 33.20089  18.70117  1.000 125.01301 ? 330 GLN B CB  1 
ATOM   1254 C CG  . GLN B 1 75 ? -15.52159 31.80593  18.92146  1.000 123.11301 ? 330 GLN B CG  1 
ATOM   1255 C CD  . GLN B 1 75 ? -14.59247 31.03872  19.81892  1.000 120.23301 ? 330 GLN B CD  1 
ATOM   1256 O OE1 . GLN B 1 75 ? -13.88947 30.13048  19.37988  1.000 118.35301 ? 330 GLN B OE1 1 
ATOM   1257 N NE2 . GLN B 1 75 ? -14.55863 31.42397  21.08909  1.000 116.60301 ? 330 GLN B NE2 1 
ATOM   1258 N N   . GLU B 1 76 ? -14.62578 35.94035  16.96084  1.000 132.31375 ? 331 GLU B N   1 
ATOM   1259 C CA  . GLU B 1 76 ? -14.14485 37.29531  16.83094  1.000 136.38375 ? 331 GLU B CA  1 
ATOM   1260 C C   . GLU B 1 76 ? -15.28805 38.23200  16.45881  1.000 132.43375 ? 331 GLU B C   1 
ATOM   1261 O O   . GLU B 1 76 ? -15.19760 39.44457  16.69741  1.000 131.73375 ? 331 GLU B O   1 
ATOM   1262 C CB  . GLU B 1 76 ? -13.02837 37.26692  15.76421  1.000 133.63375 ? 331 GLU B CB  1 
ATOM   1263 C CG  . GLU B 1 76 ? -11.64330 36.81857  16.30439  1.000 133.10375 ? 331 GLU B CG  1 
ATOM   1264 C CD  . GLU B 1 76 ? -10.46907 37.12122  15.37252  1.000 146.89375 ? 331 GLU B CD  1 
ATOM   1265 O OE1 . GLU B 1 76 ? -10.35158 38.27642  14.89789  1.000 153.40375 ? 331 GLU B OE1 1 
ATOM   1266 O OE2 . GLU B 1 76 ? -9.63744  36.19607  15.15599  1.000 147.58375 ? 331 GLU B OE2 1 
ATOM   1267 N N   . GLN B 1 77 ? -16.38794 37.68593  15.93011  1.000 132.70586 ? 332 GLN B N   1 
ATOM   1268 C CA  . GLN B 1 77 ? -17.52634 38.54532  15.66471  1.000 133.21586 ? 332 GLN B CA  1 
ATOM   1269 C C   . GLN B 1 77 ? -18.50994 38.53654  16.82649  1.000 134.92586 ? 332 GLN B C   1 
ATOM   1270 O O   . GLN B 1 77 ? -19.12305 39.56108  17.14170  1.000 135.02586 ? 332 GLN B O   1 
ATOM   1271 C CB  . GLN B 1 77 ? -18.23769 38.05469  14.40665  1.000 130.40586 ? 332 GLN B CB  1 
ATOM   1272 C CG  . GLN B 1 77 ? -17.40184 38.25288  13.16073  1.000 132.52586 ? 332 GLN B CG  1 
ATOM   1273 C CD  . GLN B 1 77 ? -16.42880 39.41651  13.25598  1.000 136.39586 ? 332 GLN B CD  1 
ATOM   1274 O OE1 . GLN B 1 77 ? -16.79899 40.55043  13.56254  1.000 141.61586 ? 332 GLN B OE1 1 
ATOM   1275 N NE2 . GLN B 1 77 ? -15.14796 39.11664  13.03667  1.000 134.55586 ? 332 GLN B NE2 1 
ATOM   1276 N N   . LEU B 1 78 ? -18.64995 37.38073  17.47588  1.000 135.61145 ? 333 LEU B N   1 
ATOM   1277 C CA  . LEU B 1 78 ? -19.50705 37.25354  18.64365  1.000 135.57145 ? 333 LEU B CA  1 
ATOM   1278 C C   . LEU B 1 78 ? -18.90375 37.89107  19.88533  1.000 138.80145 ? 333 LEU B C   1 
ATOM   1279 O O   . LEU B 1 78 ? -19.65425 38.33185  20.75205  1.000 143.18145 ? 333 LEU B O   1 
ATOM   1280 C CB  . LEU B 1 78 ? -19.81428 35.77924  18.89766  1.000 133.58145 ? 333 LEU B CB  1 
ATOM   1281 C CG  . LEU B 1 78 ? -20.17525 35.36785  20.32374  1.000 133.30145 ? 333 LEU B CG  1 
ATOM   1282 C CD1 . LEU B 1 78 ? -21.62998 35.70978  20.59917  1.000 132.02145 ? 333 LEU B CD1 1 
ATOM   1283 C CD2 . LEU B 1 78 ? -19.88162 33.88231  20.55967  1.000 131.15145 ? 333 LEU B CD2 1 
ATOM   1284 N N   . GLU B 1 79 ? -17.58663 38.08167  19.92954  1.000 136.26754 ? 334 GLU B N   1 
ATOM   1285 C CA  . GLU B 1 79 ? -16.98906 38.73727  21.08402  1.000 135.11754 ? 334 GLU B CA  1 
ATOM   1286 C C   . GLU B 1 79 ? -17.12644 40.22594  20.89543  1.000 139.96754 ? 334 GLU B C   1 
ATOM   1287 O O   . GLU B 1 79 ? -17.73601 40.90757  21.72310  1.000 142.76754 ? 334 GLU B O   1 
ATOM   1288 C CB  . GLU B 1 79 ? -15.52041 38.35815  21.28305  1.000 137.63754 ? 334 GLU B CB  1 
ATOM   1289 C CG  . GLU B 1 79 ? -15.31091 37.14402  22.17095  1.000 140.98754 ? 334 GLU B CG  1 
ATOM   1290 C CD  . GLU B 1 79 ? -13.99737 36.41630  21.90345  1.000 147.91754 ? 334 GLU B CD  1 
ATOM   1291 O OE1 . GLU B 1 79 ? -13.55678 36.36737  20.73757  1.000 143.36754 ? 334 GLU B OE1 1 
ATOM   1292 O OE2 . GLU B 1 79 ? -13.41833 35.86194  22.86481  1.000 155.97754 ? 334 GLU B OE2 1 
ATOM   1293 N N   . GLN B 1 80 ? -16.53331 40.75090  19.82248  1.000 142.65987 ? 335 GLN B N   1 
ATOM   1294 C CA  . GLN B 1 80 ? -16.55349 42.18856  19.60500  1.000 142.99987 ? 335 GLN B CA  1 
ATOM   1295 C C   . GLN B 1 80 ? -17.99377 42.70210  19.54303  1.000 142.36987 ? 335 GLN B C   1 
ATOM   1296 O O   . GLN B 1 80 ? -18.22019 43.90214  19.72078  1.000 145.92987 ? 335 GLN B O   1 
ATOM   1297 C CB  . GLN B 1 80 ? -15.70083 42.55497  18.38459  1.000 146.69987 ? 335 GLN B CB  1 
ATOM   1298 C CG  . GLN B 1 80 ? -15.98325 43.90758  17.75538  1.000 149.74987 ? 335 GLN B CG  1 
ATOM   1299 C CD  . GLN B 1 80 ? -15.28263 44.09864  16.42001  1.000 151.46987 ? 335 GLN B CD  1 
ATOM   1300 O OE1 . GLN B 1 80 ? -14.82575 43.13990  15.78918  1.000 148.42987 ? 335 GLN B OE1 1 
ATOM   1301 N NE2 . GLN B 1 80 ? -15.14854 45.35682  16.00824  1.000 153.70987 ? 335 GLN B NE2 1 
ATOM   1302 N N   . LEU B 1 81 ? -18.96892 41.82302  19.27066  1.000 139.19190 ? 336 LEU B N   1 
ATOM   1303 C CA  . LEU B 1 81 ? -20.37894 42.18742  19.40593  1.000 141.76190 ? 336 LEU B CA  1 
ATOM   1304 C C   . LEU B 1 81 ? -20.85247 42.13204  20.86312  1.000 143.75190 ? 336 LEU B C   1 
ATOM   1305 O O   . LEU B 1 81 ? -21.69578 42.94230  21.26027  1.000 145.66190 ? 336 LEU B O   1 
ATOM   1306 C CB  . LEU B 1 81 ? -21.27628 41.32360  18.52456  1.000 141.14190 ? 336 LEU B CB  1 
ATOM   1307 C CG  . LEU B 1 81 ? -22.71154 41.87518  18.49282  1.000 142.25190 ? 336 LEU B CG  1 
ATOM   1308 C CD1 . LEU B 1 81 ? -23.15432 42.18683  17.07223  1.000 142.20190 ? 336 LEU B CD1 1 
ATOM   1309 C CD2 . LEU B 1 81 ? -23.70954 40.93786  19.15788  1.000 137.85190 ? 336 LEU B CD2 1 
ATOM   1310 N N   . GLN B 1 82 ? -20.35202 41.19058  21.68354  1.000 143.35258 ? 337 GLN B N   1 
ATOM   1311 C CA  . GLN B 1 82 ? -20.77828 41.19459  23.08831  1.000 143.04258 ? 337 GLN B CA  1 
ATOM   1312 C C   . GLN B 1 82 ? -20.24482 42.40242  23.84743  1.000 144.97258 ? 337 GLN B C   1 
ATOM   1313 O O   . GLN B 1 82 ? -20.90364 42.89231  24.77203  1.000 142.75258 ? 337 GLN B O   1 
ATOM   1314 C CB  . GLN B 1 82 ? -20.23055 39.96581  23.83580  1.000 141.30258 ? 337 GLN B CB  1 
ATOM   1315 C CG  . GLN B 1 82 ? -20.60497 38.55778  23.40110  1.000 140.51258 ? 337 GLN B CG  1 
ATOM   1316 C CD  . GLN B 1 82 ? -21.92173 38.10376  23.92962  1.000 143.20258 ? 337 GLN B CD  1 
ATOM   1317 O OE1 . GLN B 1 82 ? -22.56539 37.22605  23.36130  1.000 149.47258 ? 337 GLN B OE1 1 
ATOM   1318 N NE2 . GLN B 1 82 ? -22.34959 38.71121  25.02497  1.000 140.92258 ? 337 GLN B NE2 1 
ATOM   1319 N N   . ARG B 1 83 ? -19.07924 42.91803  23.46317  1.000 145.16532 ? 338 ARG B N   1 
ATOM   1320 C CA  . ARG B 1 83 ? -18.61590 44.15943  24.06794  1.000 143.24532 ? 338 ARG B CA  1 
ATOM   1321 C C   . ARG B 1 83 ? -19.41989 45.33957  23.53981  1.000 146.71532 ? 338 ARG B C   1 
ATOM   1322 O O   . ARG B 1 83 ? -19.57306 46.34583  24.23843  1.000 147.99532 ? 338 ARG B O   1 
ATOM   1323 C CB  . ARG B 1 83 ? -17.10402 44.35919  23.85322  1.000 139.80532 ? 338 ARG B CB  1 
ATOM   1324 C CG  . ARG B 1 83 ? -16.51328 43.71378  22.60202  1.000 143.05532 ? 338 ARG B CG  1 
ATOM   1325 C CD  . ARG B 1 83 ? -15.10105 44.21880  22.24008  1.000 148.46532 ? 338 ARG B CD  1 
ATOM   1326 N NE  . ARG B 1 83 ? -15.15967 45.38712  21.34897  1.000 152.57532 ? 338 ARG B NE  1 
ATOM   1327 C CZ  . ARG B 1 83 ? -14.16456 45.81667  20.56905  1.000 151.93532 ? 338 ARG B CZ  1 
ATOM   1328 N NH1 . ARG B 1 83 ? -14.34180 46.88621  19.79929  1.000 148.83532 ? 338 ARG B NH1 1 
ATOM   1329 N NH2 . ARG B 1 83 ? -12.98947 45.19125  20.56450  1.000 151.48532 ? 338 ARG B NH2 1 
ATOM   1330 N N   . GLU B 1 84 ? -19.97114 45.20913  22.32640  1.000 145.78660 ? 339 GLU B N   1 
ATOM   1331 C CA  . GLU B 1 84 ? -20.73724 46.25838  21.66401  1.000 144.18660 ? 339 GLU B CA  1 
ATOM   1332 C C   . GLU B 1 84 ? -22.23037 46.26167  21.99220  1.000 147.38660 ? 339 GLU B C   1 
ATOM   1333 O O   . GLU B 1 84 ? -22.84111 47.33869  22.01787  1.000 148.69660 ? 339 GLU B O   1 
ATOM   1334 C CB  . GLU B 1 84 ? -20.53819 46.12177  20.14632  1.000 143.26660 ? 339 GLU B CB  1 
ATOM   1335 C CG  . GLU B 1 84 ? -21.39098 47.03774  19.28301  1.000 150.97660 ? 339 GLU B CG  1 
ATOM   1336 C CD  . GLU B 1 84 ? -21.11162 46.90560  17.78435  1.000 152.26660 ? 339 GLU B CD  1 
ATOM   1337 O OE1 . GLU B 1 84 ? -20.98342 45.75637  17.29867  1.000 152.55660 ? 339 GLU B OE1 1 
ATOM   1338 O OE2 . GLU B 1 84 ? -21.05333 47.95325  17.09326  1.000 148.11660 ? 339 GLU B OE2 1 
ATOM   1339 N N   . TYR B 1 85 ? -22.84144 45.11332  22.28572  1.000 149.63108 ? 340 TYR B N   1 
ATOM   1340 C CA  . TYR B 1 85 ? -24.26734 45.14030  22.61356  1.000 150.64108 ? 340 TYR B CA  1 
ATOM   1341 C C   . TYR B 1 85 ? -24.48455 45.57560  24.06071  1.000 150.75108 ? 340 TYR B C   1 
ATOM   1342 O O   . TYR B 1 85 ? -25.45420 46.28203  24.35702  1.000 148.97108 ? 340 TYR B O   1 
ATOM   1343 C CB  . TYR B 1 85 ? -24.93690 43.78347  22.34969  1.000 151.89108 ? 340 TYR B CB  1 
ATOM   1344 C CG  . TYR B 1 85 ? -26.17304 43.54077  23.20202  1.000 149.26108 ? 340 TYR B CG  1 
ATOM   1345 C CD1 . TYR B 1 85 ? -27.39278 44.12564  22.86419  1.000 147.80108 ? 340 TYR B CD1 1 
ATOM   1346 C CD2 . TYR B 1 85 ? -26.12234 42.74868  24.34255  1.000 147.58108 ? 340 TYR B CD2 1 
ATOM   1347 C CE1 . TYR B 1 85 ? -28.52539 43.92398  23.63433  1.000 145.33108 ? 340 TYR B CE1 1 
ATOM   1348 C CE2 . TYR B 1 85 ? -27.25124 42.54401  25.12102  1.000 147.03108 ? 340 TYR B CE2 1 
ATOM   1349 C CZ  . TYR B 1 85 ? -28.44734 43.13428  24.76145  1.000 143.99108 ? 340 TYR B CZ  1 
ATOM   1350 O OH  . TYR B 1 85 ? -29.56171 42.92488  25.53862  1.000 140.32108 ? 340 TYR B OH  1 
ATOM   1351 N N   . SER B 1 86 ? -23.59445 45.15872  24.97091  1.000 148.62701 ? 341 SER B N   1 
ATOM   1352 C CA  . SER B 1 86 ? -23.63306 45.58247  26.36689  1.000 147.56701 ? 341 SER B CA  1 
ATOM   1353 C C   . SER B 1 86 ? -22.91168 46.90053  26.62790  1.000 146.80701 ? 341 SER B C   1 
ATOM   1354 O O   . SER B 1 86 ? -22.85042 47.31739  27.78946  1.000 141.93701 ? 341 SER B O   1 
ATOM   1355 C CB  . SER B 1 86 ? -23.05377 44.49967  27.28958  1.000 147.05701 ? 341 SER B CB  1 
ATOM   1356 O OG  . SER B 1 86 ? -23.92374 43.38601  27.39430  1.000 141.53701 ? 341 SER B OG  1 
ATOM   1357 N N   . LYS B 1 87 ? -22.28524 47.52440  25.61484  1.000 148.36810 ? 342 LYS B N   1 
ATOM   1358 C CA  . LYS B 1 87 ? -21.89149 48.92617  25.78576  1.000 148.14810 ? 342 LYS B CA  1 
ATOM   1359 C C   . LYS B 1 87 ? -23.10091 49.85787  25.71867  1.000 147.13810 ? 342 LYS B C   1 
ATOM   1360 O O   . LYS B 1 87 ? -22.98007 51.04755  26.03534  1.000 139.80810 ? 342 LYS B O   1 
ATOM   1361 C CB  . LYS B 1 87 ? -20.85543 49.34410  24.73049  1.000 142.83810 ? 342 LYS B CB  1 
ATOM   1362 C CG  . LYS B 1 87 ? -21.42530 49.87130  23.40911  1.000 142.23810 ? 342 LYS B CG  1 
ATOM   1363 C CD  . LYS B 1 87 ? -20.31103 49.96131  22.36349  1.000 142.66810 ? 342 LYS B CD  1 
ATOM   1364 C CE  . LYS B 1 87 ? -20.56434 50.99094  21.26907  1.000 141.84810 ? 342 LYS B CE  1 
ATOM   1365 N NZ  . LYS B 1 87 ? -19.46155 50.94223  20.25426  1.000 136.28810 ? 342 LYS B NZ  1 
ATOM   1366 N N   . LEU B 1 88 ? -24.26846 49.31643  25.35182  1.000 148.65796 ? 343 LEU B N   1 
ATOM   1367 C CA  . LEU B 1 88 ? -25.50093 50.07286  25.19691  1.000 148.96796 ? 343 LEU B CA  1 
ATOM   1368 C C   . LEU B 1 88 ? -26.46007 49.53979  26.24793  1.000 147.10796 ? 343 LEU B C   1 
ATOM   1369 O O   . LEU B 1 88 ? -26.33879 49.88875  27.43405  1.000 145.92796 ? 343 LEU B O   1 
ATOM   1370 C CB  . LEU B 1 88 ? -26.03421 49.97954  23.75498  1.000 147.67796 ? 343 LEU B CB  1 
ATOM   1371 C CG  . LEU B 1 88 ? -25.55198 50.97185  22.68655  1.000 145.51796 ? 343 LEU B CG  1 
ATOM   1372 C CD1 . LEU B 1 88 ? -26.44116 50.91532  21.45933  1.000 145.30796 ? 343 LEU B CD1 1 
ATOM   1373 C CD2 . LEU B 1 88 ? -25.53687 52.38765  23.23747  1.000 145.23796 ? 343 LEU B CD2 1 
ATOM   1374 N N   . LYS B 1 89 ? -27.40579 48.67393  25.86876  1.000 142.38530 ? 344 LYS B N   1 
ATOM   1375 C CA  . LYS B 1 89 ? -28.33639 48.02106  26.79140  1.000 141.39530 ? 344 LYS B CA  1 
ATOM   1376 C C   . LYS B 1 89 ? -29.23723 49.04288  27.48881  1.000 143.45530 ? 344 LYS B C   1 
ATOM   1377 O O   . LYS B 1 89 ? -28.95562 49.49816  28.59445  1.000 141.42530 ? 344 LYS B O   1 
ATOM   1378 C CB  . LYS B 1 89 ? -27.56548 47.17061  27.81509  1.000 139.46530 ? 344 LYS B CB  1 
ATOM   1379 C CG  . LYS B 1 89 ? -28.40145 46.19143  28.64379  1.000 136.16530 ? 344 LYS B CG  1 
ATOM   1380 C CD  . LYS B 1 89 ? -27.49970 45.43042  29.60683  1.000 136.58530 ? 344 LYS B CD  1 
ATOM   1381 C CE  . LYS B 1 89 ? -26.53805 46.38758  30.30912  1.000 135.27530 ? 344 LYS B CE  1 
ATOM   1382 N NZ  . LYS B 1 89 ? -25.37010 45.71785  30.93391  1.000 133.52530 ? 344 LYS B NZ  1 
HETATM 1383 O O   . HOH C 2 .  ? 10.84762  -13.97928 -4.71586  1.000 81.77120  ? 401 HOH A O   1 
HETATM 1384 O O   . HOH C 2 .  ? 23.72148  -19.68920 -7.68836  1.000 66.35442  ? 402 HOH A O   1 
HETATM 1385 O O   . HOH C 2 .  ? -6.92124  -3.09094  2.05183   1.000 62.17671  ? 403 HOH A O   1 
HETATM 1386 O O   . HOH C 2 .  ? -0.91995  8.99617   9.96224   1.000 79.39271  ? 404 HOH A O   1 
HETATM 1387 O O   . HOH C 2 .  ? -17.40528 6.89185   4.53512   1.000 44.90556  ? 405 HOH A O   1 
HETATM 1388 O O   . HOH C 2 .  ? -16.36260 2.94794   4.44213   1.000 48.75610  ? 406 HOH A O   1 
HETATM 1389 O O   . HOH C 2 .  ? 29.20781  -32.18842 -26.35623 1.000 85.93932  ? 407 HOH A O   1 
HETATM 1390 O O   . HOH C 2 .  ? -15.92374 9.83920   10.12078  1.000 62.62658  ? 408 HOH A O   1 
HETATM 1391 O O   . HOH C 2 .  ? 31.89800  -46.96498 -25.02612 1.000 131.25889 ? 409 HOH A O   1 
HETATM 1392 O O   . HOH C 2 .  ? 23.93019  -16.31914 -8.60475  1.000 64.50436  ? 410 HOH A O   1 
HETATM 1393 O O   . HOH C 2 .  ? -34.29440 37.40749  20.32127  1.000 129.82612 ? 411 HOH A O   1 
HETATM 1394 O O   . HOH C 2 .  ? -26.37200 37.01732  11.28580  1.000 101.89700 ? 412 HOH A O   1 
HETATM 1395 O O   . HOH C 2 .  ? 24.56754  -21.57609 -15.20714 1.000 56.89311  ? 413 HOH A O   1 
HETATM 1396 O O   . HOH C 2 .  ? 14.28869  -8.01500  2.90229   1.000 72.55342  ? 414 HOH A O   1 
HETATM 1397 O O   . HOH C 2 .  ? 17.47784  -22.38631 -2.85879  1.000 78.23754  ? 415 HOH A O   1 
HETATM 1398 O O   . HOH C 2 .  ? -36.96345 45.37654  14.85194  1.000 91.22509  ? 416 HOH A O   1 
HETATM 1399 O O   . HOH C 2 .  ? -9.26532  -0.40721  3.26258   1.000 50.99771  ? 417 HOH A O   1 
HETATM 1400 O O   . HOH C 2 .  ? 20.39151  -25.01423 -6.59033  1.000 73.36894  ? 418 HOH A O   1 
HETATM 1401 O O   . HOH C 2 .  ? 22.77563  -17.84401 -19.75238 1.000 71.10600  ? 419 HOH A O   1 
HETATM 1402 O O   . HOH C 2 .  ? 11.65090  -26.97712 -18.38761 1.000 55.16949  ? 420 HOH A O   1 
HETATM 1403 O O   . HOH C 2 .  ? 33.25077  -33.90666 -18.79813 1.000 57.39316  ? 421 HOH A O   1 
HETATM 1404 O O   . HOH C 2 .  ? -23.76001 13.55452  20.00429  1.000 71.73626  ? 422 HOH A O   1 
HETATM 1405 O O   . HOH D 2 .  ? -12.01011 28.50502  19.53434  1.000 115.51861 ? 401 HOH B O   1 
HETATM 1406 O O   . HOH D 2 .  ? 5.40365   -16.87442 -2.86327  1.000 95.33595  ? 402 HOH B O   1 
HETATM 1407 O O   . HOH D 2 .  ? -3.25724  6.18396   -9.86708  1.000 88.85389  ? 403 HOH B O   1 
HETATM 1408 O O   . HOH D 2 .  ? 4.13761   10.70535  -2.12524  1.000 63.10717  ? 404 HOH B O   1 
HETATM 1409 O O   . HOH D 2 .  ? -10.96596 -0.21936  1.23806   1.000 62.00874  ? 405 HOH B O   1 
HETATM 1410 O O   . HOH D 2 .  ? -10.62306 30.01573  3.64204   1.000 99.04650  ? 406 HOH B O   1 
HETATM 1411 O O   . HOH D 2 .  ? 0.15232   6.48313   -2.62895  1.000 61.07463  ? 407 HOH B O   1 
HETATM 1412 O O   . HOH D 2 .  ? -16.15751 34.55040  10.86063  1.000 112.90896 ? 408 HOH B O   1 
HETATM 1413 O O   . HOH D 2 .  ? 3.95904   8.34040   1.74385   1.000 61.32719  ? 409 HOH B O   1 
HETATM 1414 O O   . HOH D 2 .  ? -12.61433 14.75024  0.89470   1.000 58.40268  ? 410 HOH B O   1 
HETATM 1415 O O   . HOH D 2 .  ? 28.63059  -41.21136 -14.75136 1.000 85.33388  ? 411 HOH B O   1 
HETATM 1416 O O   . HOH D 2 .  ? 8.36351   -31.10513 -14.97410 1.000 41.70338  ? 412 HOH B O   1 
HETATM 1417 O O   . HOH D 2 .  ? -8.88727  14.40868  -3.31788  1.000 69.37341  ? 413 HOH B O   1 
HETATM 1418 O O   . HOH D 2 .  ? 22.26577  -43.42029 -4.71792  1.000 94.84559  ? 414 HOH B O   1 
HETATM 1419 O O   . HOH D 2 .  ? -2.73739  16.99588  4.59062   1.000 87.36985  ? 415 HOH B O   1 
HETATM 1420 O O   . HOH D 2 .  ? 0.42579   12.17817  4.55598   1.000 71.24436  ? 416 HOH B O   1 
HETATM 1421 O O   . HOH D 2 .  ? -12.39371 1.98899   -2.44662  1.000 66.72182  ? 417 HOH B O   1 
HETATM 1422 O O   . HOH D 2 .  ? 12.84300  -23.21882 -4.26548  1.000 67.75382  ? 418 HOH B O   1 
HETATM 1423 O O   . HOH D 2 .  ? 16.11155  -36.30607 -6.11362  1.000 64.58011  ? 419 HOH B O   1 
HETATM 1424 O O   . HOH D 2 .  ? 10.14754  -25.25753 -20.82361 1.000 64.23680  ? 420 HOH B O   1 
HETATM 1425 O O   . HOH D 2 .  ? -5.63017  -9.21213  -0.52200  1.000 83.84906  ? 421 HOH B O   1 
HETATM 1426 O O   . HOH D 2 .  ? 23.70521  -48.51184 -6.51127  1.000 87.33545  ? 422 HOH B O   1 
HETATM 1427 O O   . HOH D 2 .  ? 27.83097  -48.18232 -5.83472  1.000 74.87053  ? 423 HOH B O   1 
# 
